data_8D6Z
#
_entry.id   8D6Z
#
_cell.length_a   196.173
_cell.length_b   60.314
_cell.length_c   186.509
_cell.angle_alpha   90.000
_cell.angle_beta   109.520
_cell.angle_gamma   90.000
#
_symmetry.space_group_name_H-M   'C 1 2 1'
#
loop_
_entity.id
_entity.type
_entity.pdbx_description
1 polymer 'Neutralizing antibody COV91-27 heavy chain'
2 polymer 'Neutralizing antibody COV91-27 light chain'
3 polymer 'Spike protein S2 fusion peptide'
4 water water
#
loop_
_entity_poly.entity_id
_entity_poly.type
_entity_poly.pdbx_seq_one_letter_code
_entity_poly.pdbx_strand_id
1 'polypeptide(L)'
;QVQLVESGGGVVHPGGSLRLSCAASGFTFSDFAMNWVRQAPGEGLQWVAIISYDGRNKHFAASVRGRFTISRDNSKNTMF
LQMSSLRAEDTAIYYCATLGGWFEEASPTYWGRGTLVTVSSASTKGPSVFPLAPSSKSTSGGTAALGCLVKDYFPEPVTV
SWNSGALTSGVHTFPAVLQSSGLYSLSSVVTVPSSSLGTQTYICNVNHKPSNTKVDKKVEPKSC
;
A,C,E,G
2 'polypeptide(L)'
;EVVLTQSPAIVSLSPGERATLSCRASQSVGSRLAWHQQKPGLAPRVLIYDASNRATGIPARFSGSGSGTDFTLTISSIEP
EDSAVYYCQQRGDWPLITFGQGTRLEIKRTVAAPSVFIFPPSDEQLKSGTASVVCLLNNFYPREAKVQWKVDNALQSGNS
QESVTEQDSKDSTYSLSSTLTLSKADYEKHKVYACEVTHQGLSSPVTKSFNRGEC
;
B,D,F,I
3 'polypeptide(L)' PSKPSKRSFIEDLLF H,J,K,L
#
# COMPACT_ATOMS: atom_id res chain seq x y z
N GLN A 1 -17.36 -21.24 -13.94
CA GLN A 1 -16.12 -20.73 -13.39
C GLN A 1 -16.40 -19.76 -12.23
N VAL A 2 -15.43 -19.66 -11.31
CA VAL A 2 -15.51 -18.70 -10.22
C VAL A 2 -15.42 -17.29 -10.77
N GLN A 3 -16.27 -16.40 -10.27
CA GLN A 3 -16.29 -15.02 -10.73
C GLN A 3 -16.61 -14.09 -9.57
N LEU A 4 -15.90 -12.96 -9.53
CA LEU A 4 -16.18 -11.89 -8.58
C LEU A 4 -16.28 -10.59 -9.38
N VAL A 5 -17.45 -9.96 -9.34
CA VAL A 5 -17.73 -8.78 -10.13
C VAL A 5 -18.13 -7.65 -9.19
N GLU A 6 -17.40 -6.55 -9.23
CA GLU A 6 -17.71 -5.39 -8.40
C GLU A 6 -18.56 -4.40 -9.17
N SER A 7 -19.38 -3.65 -8.43
CA SER A 7 -20.19 -2.59 -9.03
C SER A 7 -20.36 -1.47 -8.02
N GLY A 8 -20.85 -0.33 -8.52
CA GLY A 8 -21.04 0.85 -7.72
C GLY A 8 -20.02 1.94 -7.94
N GLY A 9 -19.02 1.70 -8.79
CA GLY A 9 -18.00 2.71 -9.01
C GLY A 9 -18.57 3.93 -9.71
N GLY A 10 -17.92 5.07 -9.47
CA GLY A 10 -18.35 6.32 -10.08
C GLY A 10 -17.64 7.48 -9.43
N VAL A 11 -17.94 8.66 -9.95
CA VAL A 11 -17.45 9.90 -9.36
C VAL A 11 -18.33 10.23 -8.16
N VAL A 12 -17.71 10.68 -7.06
CA VAL A 12 -18.41 11.07 -5.85
C VAL A 12 -17.75 12.34 -5.31
N HIS A 13 -18.58 13.32 -4.92
CA HIS A 13 -18.07 14.59 -4.42
C HIS A 13 -17.30 14.38 -3.12
N PRO A 14 -16.24 15.16 -2.88
CA PRO A 14 -15.49 15.04 -1.62
C PRO A 14 -16.40 15.19 -0.43
N GLY A 15 -16.16 14.35 0.58
CA GLY A 15 -17.00 14.28 1.75
C GLY A 15 -18.25 13.45 1.59
N GLY A 16 -18.60 13.07 0.36
CA GLY A 16 -19.79 12.30 0.10
C GLY A 16 -19.60 10.82 0.38
N SER A 17 -20.57 10.04 -0.09
CA SER A 17 -20.69 8.63 0.25
C SER A 17 -20.97 7.82 -1.00
N LEU A 18 -20.53 6.58 -0.98
CA LEU A 18 -20.64 5.66 -2.10
C LEU A 18 -20.71 4.26 -1.55
N ARG A 19 -21.45 3.40 -2.24
CA ARG A 19 -21.68 2.03 -1.78
C ARG A 19 -21.27 1.06 -2.88
N LEU A 20 -20.30 0.23 -2.59
CA LEU A 20 -19.73 -0.72 -3.55
C LEU A 20 -20.24 -2.11 -3.24
N SER A 21 -20.57 -2.86 -4.28
CA SER A 21 -21.06 -4.23 -4.11
C SER A 21 -20.21 -5.19 -4.92
N CYS A 22 -20.09 -6.42 -4.42
CA CYS A 22 -19.32 -7.47 -5.05
C CYS A 22 -20.21 -8.69 -5.19
N ALA A 23 -20.46 -9.12 -6.42
CA ALA A 23 -21.28 -10.29 -6.69
C ALA A 23 -20.37 -11.50 -6.95
N ALA A 24 -20.60 -12.57 -6.20
CA ALA A 24 -19.82 -13.78 -6.29
C ALA A 24 -20.60 -14.89 -6.98
N SER A 25 -19.88 -15.77 -7.67
CA SER A 25 -20.48 -16.93 -8.29
C SER A 25 -19.40 -17.98 -8.52
N GLY A 26 -19.83 -19.24 -8.53
CA GLY A 26 -18.94 -20.34 -8.86
C GLY A 26 -18.16 -20.92 -7.71
N PHE A 27 -18.32 -20.39 -6.50
CA PHE A 27 -17.68 -21.00 -5.34
C PHE A 27 -18.60 -20.82 -4.15
N THR A 28 -18.32 -21.58 -3.10
CA THR A 28 -19.11 -21.48 -1.88
C THR A 28 -18.77 -20.18 -1.17
N PHE A 29 -19.56 -19.15 -1.48
CA PHE A 29 -19.32 -17.81 -0.94
C PHE A 29 -19.27 -17.82 0.57
N SER A 30 -20.23 -18.50 1.20
CA SER A 30 -20.38 -18.47 2.66
C SER A 30 -19.19 -19.07 3.39
N ASP A 31 -18.32 -19.82 2.71
CA ASP A 31 -17.15 -20.42 3.35
C ASP A 31 -15.95 -19.48 3.45
N PHE A 32 -15.95 -18.37 2.72
CA PHE A 32 -14.78 -17.53 2.56
C PHE A 32 -14.97 -16.18 3.25
N ALA A 33 -13.94 -15.74 3.95
CA ALA A 33 -13.83 -14.33 4.30
C ALA A 33 -13.58 -13.52 3.03
N MET A 34 -14.11 -12.30 3.01
CA MET A 34 -14.01 -11.44 1.84
C MET A 34 -13.26 -10.16 2.18
N ASN A 35 -12.39 -9.74 1.26
CA ASN A 35 -11.57 -8.56 1.45
C ASN A 35 -11.91 -7.53 0.38
N TRP A 36 -11.57 -6.28 0.69
CA TRP A 36 -11.50 -5.22 -0.30
C TRP A 36 -10.05 -4.74 -0.37
N VAL A 37 -9.57 -4.56 -1.60
CA VAL A 37 -8.23 -4.06 -1.87
C VAL A 37 -8.34 -2.94 -2.89
N ARG A 38 -7.58 -1.87 -2.68
CA ARG A 38 -7.65 -0.73 -3.58
C ARG A 38 -6.27 -0.40 -4.10
N GLN A 39 -6.26 0.32 -5.23
CA GLN A 39 -5.04 0.64 -5.96
C GLN A 39 -5.19 2.04 -6.54
N ALA A 40 -4.40 2.98 -6.01
CA ALA A 40 -4.28 4.35 -6.49
C ALA A 40 -3.86 4.37 -7.97
N PRO A 41 -3.98 5.50 -8.68
CA PRO A 41 -3.89 5.46 -10.15
C PRO A 41 -2.63 4.80 -10.71
N GLY A 42 -1.49 4.99 -10.06
CA GLY A 42 -0.29 4.32 -10.55
C GLY A 42 0.46 3.59 -9.46
N GLU A 43 -0.18 3.36 -8.32
CA GLU A 43 0.46 2.83 -7.14
C GLU A 43 0.15 1.34 -6.98
N GLY A 44 0.59 0.76 -5.87
CA GLY A 44 0.44 -0.66 -5.63
C GLY A 44 -0.82 -1.02 -4.87
N LEU A 45 -0.94 -2.32 -4.57
CA LEU A 45 -2.09 -2.81 -3.83
C LEU A 45 -2.04 -2.34 -2.38
N GLN A 46 -3.21 -2.01 -1.84
CA GLN A 46 -3.34 -1.57 -0.45
C GLN A 46 -4.59 -2.24 0.11
N TRP A 47 -4.40 -3.12 1.09
CA TRP A 47 -5.52 -3.81 1.71
C TRP A 47 -6.38 -2.84 2.50
N VAL A 48 -7.71 -3.03 2.42
CA VAL A 48 -8.67 -2.07 2.94
C VAL A 48 -9.53 -2.67 4.05
N ALA A 49 -10.16 -3.81 3.79
CA ALA A 49 -11.14 -4.31 4.75
C ALA A 49 -11.33 -5.82 4.59
N ILE A 50 -11.78 -6.47 5.66
CA ILE A 50 -12.08 -7.89 5.63
C ILE A 50 -13.39 -8.15 6.38
N ILE A 51 -14.18 -9.08 5.86
CA ILE A 51 -15.44 -9.49 6.48
C ILE A 51 -15.41 -11.01 6.60
N SER A 52 -15.71 -11.52 7.80
CA SER A 52 -15.60 -12.95 8.06
C SER A 52 -16.66 -13.73 7.29
N TYR A 53 -16.49 -15.06 7.28
CA TYR A 53 -17.41 -15.92 6.53
C TYR A 53 -18.84 -15.76 7.05
N ASP A 54 -19.01 -15.63 8.36
CA ASP A 54 -20.35 -15.50 8.94
C ASP A 54 -20.84 -14.05 8.97
N GLY A 55 -19.92 -13.09 9.03
CA GLY A 55 -20.29 -11.69 9.01
C GLY A 55 -20.28 -10.97 10.35
N ARG A 56 -19.91 -11.64 11.44
CA ARG A 56 -19.84 -10.98 12.73
C ARG A 56 -18.45 -10.47 13.06
N ASN A 57 -17.45 -10.77 12.24
CA ASN A 57 -16.09 -10.28 12.45
C ASN A 57 -15.70 -9.41 11.28
N LYS A 58 -15.31 -8.17 11.57
CA LYS A 58 -14.91 -7.20 10.58
C LYS A 58 -13.61 -6.55 11.03
N HIS A 59 -12.79 -6.16 10.06
CA HIS A 59 -11.64 -5.32 10.36
C HIS A 59 -11.40 -4.35 9.19
N PHE A 60 -10.86 -3.17 9.52
CA PHE A 60 -10.57 -2.12 8.55
C PHE A 60 -9.16 -1.56 8.76
N ALA A 61 -8.48 -1.25 7.66
CA ALA A 61 -7.23 -0.53 7.76
C ALA A 61 -7.47 0.83 8.41
N ALA A 62 -6.44 1.32 9.11
CA ALA A 62 -6.59 2.54 9.92
C ALA A 62 -7.03 3.73 9.09
N SER A 63 -6.64 3.80 7.81
CA SER A 63 -6.93 5.00 7.03
C SER A 63 -8.41 5.12 6.67
N VAL A 64 -9.15 4.01 6.68
CA VAL A 64 -10.57 4.02 6.34
C VAL A 64 -11.45 3.67 7.54
N ARG A 65 -10.85 3.36 8.68
CA ARG A 65 -11.61 2.99 9.87
C ARG A 65 -12.44 4.17 10.36
N GLY A 66 -13.67 3.90 10.77
CA GLY A 66 -14.58 4.94 11.18
C GLY A 66 -15.31 5.62 10.04
N ARG A 67 -14.91 5.39 8.80
CA ARG A 67 -15.61 5.91 7.63
C ARG A 67 -16.22 4.83 6.76
N PHE A 68 -15.66 3.63 6.75
CA PHE A 68 -16.17 2.53 5.94
C PHE A 68 -16.90 1.56 6.83
N THR A 69 -17.98 1.00 6.31
CA THR A 69 -18.66 -0.13 6.93
C THR A 69 -18.77 -1.23 5.89
N ILE A 70 -18.86 -2.46 6.35
CA ILE A 70 -18.85 -3.63 5.47
C ILE A 70 -19.98 -4.55 5.88
N SER A 71 -20.62 -5.17 4.88
CA SER A 71 -21.68 -6.12 5.14
C SER A 71 -21.61 -7.21 4.09
N ARG A 72 -22.32 -8.31 4.36
CA ARG A 72 -22.41 -9.42 3.43
C ARG A 72 -23.75 -10.11 3.57
N ASP A 73 -24.28 -10.61 2.45
CA ASP A 73 -25.49 -11.43 2.43
C ASP A 73 -25.15 -12.76 1.78
N ASN A 74 -25.13 -13.82 2.60
CA ASN A 74 -24.77 -15.11 2.06
C ASN A 74 -25.91 -15.79 1.30
N SER A 75 -27.11 -15.24 1.34
CA SER A 75 -28.19 -15.78 0.52
C SER A 75 -28.19 -15.23 -0.90
N LYS A 76 -27.46 -14.15 -1.16
CA LYS A 76 -27.34 -13.61 -2.50
C LYS A 76 -25.92 -13.67 -3.04
N ASN A 77 -24.97 -14.21 -2.28
CA ASN A 77 -23.56 -14.22 -2.67
C ASN A 77 -23.09 -12.81 -3.03
N THR A 78 -23.47 -11.86 -2.19
CA THR A 78 -23.09 -10.47 -2.38
C THR A 78 -22.43 -9.93 -1.11
N MET A 79 -21.57 -8.95 -1.30
CA MET A 79 -20.97 -8.19 -0.21
C MET A 79 -21.02 -6.71 -0.56
N PHE A 80 -21.08 -5.87 0.46
CA PHE A 80 -21.22 -4.43 0.27
C PHE A 80 -20.16 -3.71 1.08
N LEU A 81 -19.52 -2.71 0.46
CA LEU A 81 -18.63 -1.78 1.13
C LEU A 81 -19.26 -0.39 1.07
N GLN A 82 -19.62 0.15 2.24
CA GLN A 82 -20.26 1.47 2.33
C GLN A 82 -19.20 2.49 2.73
N MET A 83 -18.86 3.37 1.80
CA MET A 83 -17.86 4.39 2.07
C MET A 83 -18.55 5.72 2.38
N SER A 84 -17.97 6.47 3.31
CA SER A 84 -18.47 7.78 3.69
C SER A 84 -17.28 8.69 3.94
N SER A 85 -17.56 10.00 4.03
CA SER A 85 -16.53 11.02 4.22
C SER A 85 -15.37 10.80 3.26
N LEU A 86 -15.71 10.62 1.98
CA LEU A 86 -14.69 10.28 0.99
C LEU A 86 -13.80 11.48 0.69
N ARG A 87 -12.52 11.20 0.46
CA ARG A 87 -11.54 12.23 0.18
C ARG A 87 -10.63 11.77 -0.96
N ALA A 88 -9.65 12.61 -1.29
CA ALA A 88 -8.85 12.41 -2.50
C ALA A 88 -8.07 11.11 -2.45
N GLU A 89 -7.60 10.73 -1.25
CA GLU A 89 -6.82 9.52 -1.10
C GLU A 89 -7.62 8.26 -1.35
N ASP A 90 -8.95 8.34 -1.30
CA ASP A 90 -9.79 7.18 -1.53
C ASP A 90 -10.00 6.90 -3.01
N THR A 91 -9.56 7.81 -3.89
CA THR A 91 -9.64 7.59 -5.34
C THR A 91 -8.77 6.39 -5.72
N ALA A 92 -9.41 5.32 -6.19
CA ALA A 92 -8.66 4.10 -6.49
C ALA A 92 -9.53 3.18 -7.33
N ILE A 93 -8.88 2.17 -7.89
CA ILE A 93 -9.59 0.97 -8.33
C ILE A 93 -9.79 0.09 -7.11
N TYR A 94 -11.02 -0.41 -6.93
CA TYR A 94 -11.38 -1.21 -5.76
C TYR A 94 -11.64 -2.64 -6.21
N TYR A 95 -10.89 -3.58 -5.64
CA TYR A 95 -11.08 -5.01 -5.89
C TYR A 95 -11.69 -5.67 -4.66
N CYS A 96 -12.53 -6.67 -4.89
CA CYS A 96 -12.90 -7.63 -3.85
C CYS A 96 -12.15 -8.93 -4.11
N ALA A 97 -11.70 -9.57 -3.03
CA ALA A 97 -10.84 -10.73 -3.20
C ALA A 97 -10.87 -11.58 -1.94
N THR A 98 -10.65 -12.88 -2.14
CA THR A 98 -10.29 -13.80 -1.07
C THR A 98 -8.78 -13.98 -1.12
N LEU A 99 -8.13 -13.87 0.03
CA LEU A 99 -6.68 -13.73 0.08
C LEU A 99 -5.99 -14.82 0.89
N GLY A 100 -6.58 -16.00 0.98
CA GLY A 100 -5.91 -17.17 1.52
C GLY A 100 -6.43 -17.68 2.86
N GLY A 101 -7.18 -16.89 3.61
CA GLY A 101 -7.70 -17.38 4.87
C GLY A 101 -6.63 -17.55 5.94
N TRP A 102 -7.05 -18.18 7.04
CA TRP A 102 -6.17 -18.39 8.20
C TRP A 102 -5.85 -19.85 8.47
N PHE A 103 -6.29 -20.76 7.63
CA PHE A 103 -6.03 -22.17 7.86
C PHE A 103 -4.58 -22.50 7.53
N GLU A 104 -4.13 -23.64 8.05
CA GLU A 104 -2.79 -24.13 7.72
C GLU A 104 -2.67 -24.38 6.22
N GLU A 105 -3.69 -24.99 5.62
CA GLU A 105 -3.79 -25.11 4.17
C GLU A 105 -4.52 -23.87 3.66
N ALA A 106 -3.81 -23.04 2.89
CA ALA A 106 -4.40 -21.80 2.40
C ALA A 106 -5.60 -22.08 1.51
N SER A 107 -6.66 -21.30 1.71
CA SER A 107 -7.84 -21.38 0.86
C SER A 107 -7.59 -20.64 -0.45
N PRO A 108 -8.35 -20.95 -1.50
CA PRO A 108 -8.07 -20.38 -2.82
C PRO A 108 -8.15 -18.86 -2.81
N THR A 109 -7.38 -18.25 -3.70
CA THR A 109 -7.29 -16.80 -3.85
C THR A 109 -8.01 -16.42 -5.13
N TYR A 110 -9.14 -15.74 -5.01
CA TYR A 110 -9.85 -15.22 -6.16
C TYR A 110 -9.79 -13.70 -6.16
N TRP A 111 -9.65 -13.11 -7.35
CA TRP A 111 -9.63 -11.67 -7.49
C TRP A 111 -10.78 -11.22 -8.37
N GLY A 112 -11.44 -10.14 -7.96
CA GLY A 112 -12.49 -9.54 -8.75
C GLY A 112 -11.93 -8.77 -9.93
N ARG A 113 -12.85 -8.26 -10.76
CA ARG A 113 -12.43 -7.47 -11.90
C ARG A 113 -12.05 -6.06 -11.49
N GLY A 114 -12.66 -5.52 -10.45
CA GLY A 114 -12.32 -4.20 -9.96
C GLY A 114 -13.27 -3.11 -10.45
N THR A 115 -13.41 -2.07 -9.65
CA THR A 115 -14.30 -0.95 -9.98
C THR A 115 -13.60 0.36 -9.61
N LEU A 116 -13.80 1.38 -10.44
CA LEU A 116 -13.09 2.63 -10.28
C LEU A 116 -13.94 3.62 -9.49
N VAL A 117 -13.34 4.24 -8.47
CA VAL A 117 -13.97 5.29 -7.67
C VAL A 117 -13.12 6.55 -7.80
N THR A 118 -13.75 7.64 -8.23
CA THR A 118 -13.09 8.94 -8.37
C THR A 118 -13.74 9.92 -7.42
N VAL A 119 -12.97 10.49 -6.52
CA VAL A 119 -13.48 11.45 -5.54
C VAL A 119 -13.08 12.82 -6.05
N SER A 120 -14.04 13.56 -6.57
CA SER A 120 -13.74 14.81 -7.26
C SER A 120 -14.98 15.66 -7.34
N SER A 121 -14.80 16.97 -7.19
CA SER A 121 -15.88 17.94 -7.31
C SER A 121 -16.23 18.27 -8.75
N ALA A 122 -15.45 17.79 -9.72
CA ALA A 122 -15.75 18.01 -11.13
C ALA A 122 -16.99 17.23 -11.54
N SER A 123 -17.68 17.72 -12.57
CA SER A 123 -18.90 17.09 -13.04
C SER A 123 -18.60 16.08 -14.14
N THR A 124 -19.47 15.08 -14.25
CA THR A 124 -19.37 14.10 -15.32
C THR A 124 -19.59 14.78 -16.67
N LYS A 125 -18.62 14.64 -17.57
CA LYS A 125 -18.65 15.30 -18.86
C LYS A 125 -18.25 14.31 -19.95
N GLY A 126 -19.07 14.23 -20.99
CA GLY A 126 -18.83 13.33 -22.10
C GLY A 126 -17.69 13.74 -23.02
N PRO A 127 -17.19 12.77 -23.79
CA PRO A 127 -16.00 13.03 -24.61
C PRO A 127 -16.30 13.73 -25.92
N SER A 128 -15.34 14.54 -26.35
CA SER A 128 -15.32 15.09 -27.71
C SER A 128 -14.34 14.27 -28.52
N VAL A 129 -14.86 13.50 -29.49
CA VAL A 129 -14.05 12.60 -30.29
C VAL A 129 -13.63 13.28 -31.59
N PHE A 130 -12.32 13.49 -31.75
CA PHE A 130 -11.78 14.17 -32.92
C PHE A 130 -10.92 13.22 -33.74
N PRO A 131 -10.99 13.28 -35.07
CA PRO A 131 -10.23 12.34 -35.89
C PRO A 131 -8.74 12.66 -35.95
N LEU A 132 -7.93 11.60 -35.98
CA LEU A 132 -6.51 11.66 -36.30
C LEU A 132 -6.39 11.02 -37.69
N ALA A 133 -6.40 11.86 -38.72
CA ALA A 133 -6.60 11.26 -40.03
C ALA A 133 -5.28 10.79 -40.65
N PRO A 134 -5.31 9.73 -41.46
CA PRO A 134 -4.09 9.34 -42.19
C PRO A 134 -3.68 10.41 -43.18
N SER A 135 -2.37 10.61 -43.28
CA SER A 135 -1.79 11.63 -44.15
C SER A 135 -0.42 11.11 -44.58
N SER A 136 0.43 12.01 -45.10
CA SER A 136 1.77 11.60 -45.52
C SER A 136 2.59 11.10 -44.34
N LYS A 137 1.96 11.01 -43.16
CA LYS A 137 2.58 10.36 -42.01
C LYS A 137 2.25 8.88 -42.06
N SER A 138 2.95 8.19 -42.94
CA SER A 138 2.85 6.76 -43.13
C SER A 138 4.25 6.25 -43.41
N THR A 139 4.45 4.96 -43.19
CA THR A 139 5.72 4.34 -43.52
C THR A 139 5.47 3.10 -44.38
N SER A 140 6.08 3.09 -45.57
CA SER A 140 5.98 1.98 -46.53
C SER A 140 4.50 1.81 -46.88
N THR A 143 2.20 0.71 -44.67
CA THR A 143 1.41 0.89 -43.47
C THR A 143 1.09 2.37 -43.26
N ALA A 144 -0.07 2.63 -42.67
CA ALA A 144 -0.53 3.98 -42.38
C ALA A 144 -1.16 4.03 -40.99
N ALA A 145 -0.92 5.12 -40.27
CA ALA A 145 -1.43 5.31 -38.94
C ALA A 145 -2.63 6.25 -38.96
N LEU A 146 -3.69 5.86 -38.27
CA LEU A 146 -4.84 6.71 -38.06
C LEU A 146 -5.30 6.52 -36.62
N GLY A 147 -6.18 7.41 -36.15
CA GLY A 147 -6.61 7.28 -34.78
C GLY A 147 -7.74 8.22 -34.44
N CYS A 148 -8.18 8.11 -33.18
CA CYS A 148 -9.23 8.94 -32.62
C CYS A 148 -8.69 9.65 -31.38
N LEU A 149 -8.96 10.95 -31.29
CA LEU A 149 -8.55 11.76 -30.14
C LEU A 149 -9.78 11.97 -29.27
N VAL A 150 -9.79 11.35 -28.09
CA VAL A 150 -10.86 11.49 -27.11
C VAL A 150 -10.44 12.57 -26.12
N LYS A 151 -11.14 13.71 -26.14
CA LYS A 151 -10.68 14.87 -25.41
C LYS A 151 -11.78 15.37 -24.48
N ASP A 152 -11.37 15.85 -23.30
CA ASP A 152 -12.22 16.58 -22.36
C ASP A 152 -13.41 15.72 -21.89
N TYR A 153 -13.08 14.65 -21.19
CA TYR A 153 -14.08 13.82 -20.54
C TYR A 153 -13.68 13.58 -19.09
N PHE A 154 -14.68 13.22 -18.29
CA PHE A 154 -14.51 13.00 -16.87
C PHE A 154 -15.69 12.17 -16.39
N PRO A 155 -15.48 11.15 -15.55
CA PRO A 155 -14.17 10.60 -15.21
C PRO A 155 -13.80 9.41 -16.12
N GLU A 156 -12.75 8.68 -15.78
CA GLU A 156 -12.46 7.41 -16.44
C GLU A 156 -13.49 6.37 -16.00
N PRO A 157 -13.64 5.24 -16.73
CA PRO A 157 -12.96 4.79 -17.96
C PRO A 157 -13.65 5.17 -19.30
N VAL A 158 -12.86 5.31 -20.37
CA VAL A 158 -13.34 5.19 -21.74
C VAL A 158 -12.70 3.96 -22.37
N THR A 159 -13.51 3.19 -23.10
CA THR A 159 -13.04 2.04 -23.85
C THR A 159 -13.18 2.34 -25.33
N VAL A 160 -12.10 2.12 -26.08
CA VAL A 160 -12.10 2.36 -27.52
C VAL A 160 -11.90 1.03 -28.22
N SER A 161 -12.82 0.70 -29.12
CA SER A 161 -12.69 -0.39 -30.06
C SER A 161 -12.77 0.15 -31.48
N TRP A 162 -12.26 -0.63 -32.42
CA TRP A 162 -12.23 -0.22 -33.82
C TRP A 162 -13.10 -1.15 -34.64
N ASN A 163 -13.90 -0.56 -35.54
CA ASN A 163 -14.76 -1.32 -36.44
C ASN A 163 -15.60 -2.33 -35.64
N SER A 164 -16.09 -1.88 -34.48
CA SER A 164 -16.87 -2.71 -33.56
C SER A 164 -16.08 -3.93 -33.07
N GLY A 165 -14.78 -3.74 -32.86
CA GLY A 165 -13.91 -4.79 -32.38
C GLY A 165 -13.36 -5.72 -33.44
N ALA A 166 -13.78 -5.60 -34.70
CA ALA A 166 -13.23 -6.45 -35.74
C ALA A 166 -11.76 -6.11 -36.03
N LEU A 167 -11.37 -4.87 -35.79
CA LEU A 167 -9.99 -4.43 -36.00
C LEU A 167 -9.31 -4.38 -34.65
N THR A 168 -8.47 -5.37 -34.37
CA THR A 168 -7.74 -5.45 -33.11
C THR A 168 -6.24 -5.40 -33.28
N SER A 169 -5.68 -6.04 -34.31
CA SER A 169 -4.24 -6.05 -34.47
C SER A 169 -3.75 -4.64 -34.75
N GLY A 170 -2.67 -4.25 -34.08
CA GLY A 170 -2.05 -2.97 -34.31
C GLY A 170 -2.69 -1.80 -33.59
N VAL A 171 -3.74 -2.01 -32.80
CA VAL A 171 -4.36 -0.90 -32.10
C VAL A 171 -3.61 -0.65 -30.80
N HIS A 172 -3.35 0.63 -30.52
CA HIS A 172 -2.77 1.06 -29.25
C HIS A 172 -3.67 2.14 -28.68
N THR A 173 -4.26 1.88 -27.51
CA THR A 173 -5.00 2.89 -26.77
C THR A 173 -4.11 3.36 -25.63
N PHE A 174 -3.60 4.59 -25.75
CA PHE A 174 -2.72 5.14 -24.73
C PHE A 174 -3.48 5.39 -23.43
N PRO A 175 -2.79 5.32 -22.29
CA PRO A 175 -3.45 5.65 -21.02
C PRO A 175 -3.91 7.10 -20.99
N ALA A 176 -5.05 7.31 -20.33
CA ALA A 176 -5.61 8.66 -20.22
C ALA A 176 -4.72 9.56 -19.37
N VAL A 177 -4.68 10.84 -19.74
CA VAL A 177 -3.92 11.84 -19.01
C VAL A 177 -4.88 12.93 -18.56
N LEU A 178 -4.78 13.32 -17.30
CA LEU A 178 -5.57 14.41 -16.74
C LEU A 178 -4.94 15.73 -17.19
N GLN A 179 -5.69 16.54 -17.92
CA GLN A 179 -5.15 17.79 -18.45
C GLN A 179 -5.22 18.89 -17.39
N SER A 180 -4.67 20.05 -17.74
CA SER A 180 -4.65 21.22 -16.86
C SER A 180 -6.02 21.76 -16.54
N SER A 181 -7.08 21.15 -17.06
CA SER A 181 -8.46 21.59 -16.86
C SER A 181 -9.25 20.67 -15.95
N GLY A 182 -8.60 19.66 -15.36
CA GLY A 182 -9.34 18.67 -14.61
C GLY A 182 -10.12 17.69 -15.45
N LEU A 183 -9.86 17.65 -16.76
CA LEU A 183 -10.53 16.76 -17.69
C LEU A 183 -9.52 15.79 -18.30
N TYR A 184 -10.00 14.63 -18.72
CA TYR A 184 -9.13 13.61 -19.27
C TYR A 184 -9.07 13.69 -20.79
N SER A 185 -7.89 13.39 -21.33
CA SER A 185 -7.67 13.29 -22.76
C SER A 185 -7.00 11.96 -23.06
N LEU A 186 -7.52 11.25 -24.06
CA LEU A 186 -6.99 9.94 -24.47
C LEU A 186 -6.96 9.88 -25.99
N SER A 187 -6.05 9.08 -26.53
CA SER A 187 -5.99 8.83 -27.96
C SER A 187 -5.79 7.33 -28.20
N SER A 188 -6.42 6.84 -29.26
CA SER A 188 -6.26 5.46 -29.70
C SER A 188 -5.84 5.48 -31.17
N VAL A 189 -4.83 4.67 -31.51
CA VAL A 189 -4.29 4.63 -32.86
C VAL A 189 -4.30 3.19 -33.36
N VAL A 190 -4.21 3.03 -34.67
CA VAL A 190 -4.12 1.72 -35.30
C VAL A 190 -3.32 1.85 -36.59
N THR A 191 -2.38 0.93 -36.82
CA THR A 191 -1.65 0.88 -38.09
C THR A 191 -2.41 -0.03 -39.06
N VAL A 192 -2.57 0.44 -40.29
CA VAL A 192 -3.32 -0.29 -41.32
C VAL A 192 -2.57 -0.17 -42.64
N PRO A 193 -2.85 -1.07 -43.58
CA PRO A 193 -2.24 -0.96 -44.92
C PRO A 193 -2.75 0.27 -45.66
N SER A 194 -1.81 1.04 -46.24
CA SER A 194 -2.18 2.26 -46.96
C SER A 194 -3.06 1.96 -48.16
N SER A 195 -2.96 0.75 -48.71
CA SER A 195 -3.74 0.37 -49.88
C SER A 195 -5.22 0.25 -49.59
N SER A 196 -5.63 0.27 -48.33
CA SER A 196 -7.03 0.14 -47.95
C SER A 196 -7.66 1.46 -47.48
N LEU A 197 -6.91 2.56 -47.49
CA LEU A 197 -7.44 3.82 -46.98
C LEU A 197 -8.57 4.35 -47.85
N GLY A 198 -8.45 4.21 -49.17
CA GLY A 198 -9.54 4.64 -50.01
C GLY A 198 -10.68 3.66 -50.15
N THR A 199 -10.56 2.46 -49.57
CA THR A 199 -11.53 1.39 -49.79
C THR A 199 -12.25 0.97 -48.52
N GLN A 200 -11.53 0.74 -47.42
CA GLN A 200 -12.10 0.18 -46.20
C GLN A 200 -12.42 1.28 -45.21
N THR A 201 -13.64 1.27 -44.68
CA THR A 201 -14.08 2.24 -43.68
C THR A 201 -13.50 1.89 -42.30
N TYR A 202 -13.04 2.92 -41.59
CA TYR A 202 -12.46 2.79 -40.26
C TYR A 202 -13.23 3.67 -39.30
N ILE A 203 -13.96 3.03 -38.38
CA ILE A 203 -14.76 3.71 -37.37
C ILE A 203 -14.23 3.35 -36.00
N CYS A 204 -13.92 4.37 -35.19
CA CYS A 204 -13.57 4.13 -33.80
C CYS A 204 -14.82 4.26 -32.94
N ASN A 205 -14.95 3.35 -31.99
CA ASN A 205 -16.14 3.24 -31.15
C ASN A 205 -15.73 3.58 -29.72
N VAL A 206 -16.02 4.81 -29.30
CA VAL A 206 -15.63 5.32 -27.98
C VAL A 206 -16.80 5.13 -27.04
N ASN A 207 -16.57 4.39 -25.94
CA ASN A 207 -17.60 4.15 -24.93
C ASN A 207 -17.19 4.85 -23.64
N HIS A 208 -18.04 5.75 -23.15
CA HIS A 208 -17.82 6.43 -21.88
C HIS A 208 -19.04 6.15 -21.01
N LYS A 209 -19.02 5.01 -20.33
CA LYS A 209 -20.13 4.63 -19.46
C LYS A 209 -20.43 5.63 -18.33
N PRO A 210 -19.47 6.34 -17.75
CA PRO A 210 -19.83 7.30 -16.69
C PRO A 210 -20.80 8.39 -17.13
N SER A 211 -20.70 8.90 -18.35
CA SER A 211 -21.45 10.09 -18.76
C SER A 211 -22.49 9.83 -19.83
N ASN A 212 -22.89 8.56 -20.00
CA ASN A 212 -23.97 8.15 -20.93
C ASN A 212 -23.66 8.14 -22.42
N THR A 213 -22.43 8.36 -22.83
CA THR A 213 -22.12 8.58 -24.22
C THR A 213 -21.53 7.35 -24.88
N LYS A 214 -22.07 7.00 -26.06
CA LYS A 214 -21.42 6.10 -27.03
C LYS A 214 -21.26 6.91 -28.30
N VAL A 215 -20.03 7.28 -28.62
CA VAL A 215 -19.74 8.07 -29.80
C VAL A 215 -19.00 7.19 -30.80
N ASP A 216 -19.52 7.14 -32.02
CA ASP A 216 -18.87 6.47 -33.14
C ASP A 216 -18.37 7.52 -34.12
N LYS A 217 -17.08 7.48 -34.43
CA LYS A 217 -16.47 8.42 -35.37
C LYS A 217 -15.83 7.66 -36.52
N LYS A 218 -16.19 8.02 -37.75
CA LYS A 218 -15.51 7.52 -38.93
C LYS A 218 -14.33 8.44 -39.23
N VAL A 219 -13.14 7.85 -39.34
CA VAL A 219 -11.91 8.61 -39.61
C VAL A 219 -11.60 8.46 -41.09
N GLU A 220 -11.67 9.56 -41.82
CA GLU A 220 -11.41 9.46 -43.25
C GLU A 220 -10.00 9.93 -43.57
N PRO A 221 -9.37 9.38 -44.61
CA PRO A 221 -8.03 9.83 -44.97
C PRO A 221 -8.03 11.29 -45.42
N LYS A 222 -6.98 12.01 -45.03
CA LYS A 222 -6.83 13.39 -45.46
C LYS A 222 -6.52 13.43 -46.96
N SER A 223 -6.82 14.58 -47.58
CA SER A 223 -6.53 14.75 -49.00
C SER A 223 -5.03 14.64 -49.26
N CYS A 224 -4.23 15.29 -48.42
CA CYS A 224 -2.77 15.12 -48.38
C CYS A 224 -2.10 15.13 -49.76
N GLU B 1 0.58 -4.59 10.46
CA GLU B 1 1.75 -4.74 11.31
C GLU B 1 2.92 -5.36 10.56
N VAL B 2 2.67 -6.48 9.88
CA VAL B 2 3.71 -7.15 9.13
C VAL B 2 4.00 -6.34 7.87
N VAL B 3 5.05 -5.53 7.89
CA VAL B 3 5.48 -4.81 6.71
C VAL B 3 6.23 -5.77 5.79
N LEU B 4 5.94 -5.71 4.49
CA LEU B 4 6.66 -6.44 3.48
C LEU B 4 7.43 -5.45 2.60
N THR B 5 8.73 -5.67 2.45
CA THR B 5 9.56 -4.86 1.57
C THR B 5 10.04 -5.71 0.41
N GLN B 6 9.90 -5.19 -0.81
CA GLN B 6 10.24 -5.92 -2.02
C GLN B 6 11.45 -5.30 -2.70
N SER B 7 12.31 -6.17 -3.23
CA SER B 7 13.52 -5.76 -3.94
C SER B 7 13.72 -6.67 -5.13
N PRO B 8 14.22 -6.14 -6.25
CA PRO B 8 14.46 -4.71 -6.49
C PRO B 8 13.15 -3.97 -6.77
N ALA B 9 13.19 -2.64 -6.83
CA ALA B 9 12.02 -1.90 -7.29
C ALA B 9 11.68 -2.27 -8.73
N ILE B 10 12.70 -2.42 -9.57
CA ILE B 10 12.54 -2.72 -10.97
C ILE B 10 13.65 -3.68 -11.36
N VAL B 11 13.34 -4.58 -12.29
CA VAL B 11 14.32 -5.53 -12.80
C VAL B 11 14.10 -5.67 -14.30
N SER B 12 15.15 -5.44 -15.08
CA SER B 12 15.10 -5.54 -16.53
C SER B 12 15.97 -6.71 -16.94
N LEU B 13 15.41 -7.64 -17.72
CA LEU B 13 16.14 -8.82 -18.11
C LEU B 13 15.71 -9.28 -19.49
N SER B 14 16.63 -9.94 -20.18
CA SER B 14 16.44 -10.53 -21.49
C SER B 14 15.65 -11.83 -21.36
N PRO B 15 14.91 -12.22 -22.40
CA PRO B 15 14.15 -13.47 -22.35
C PRO B 15 15.05 -14.69 -22.16
N GLY B 16 14.52 -15.70 -21.48
CA GLY B 16 15.23 -16.92 -21.22
C GLY B 16 16.14 -16.87 -20.02
N GLU B 17 16.41 -15.68 -19.47
CA GLU B 17 17.24 -15.54 -18.30
C GLU B 17 16.38 -15.78 -17.06
N ARG B 18 16.94 -15.52 -15.88
CA ARG B 18 16.27 -15.88 -14.63
C ARG B 18 16.17 -14.66 -13.72
N ALA B 19 14.97 -14.39 -13.24
CA ALA B 19 14.68 -13.31 -12.32
C ALA B 19 14.55 -13.84 -10.90
N THR B 20 15.02 -13.06 -9.93
CA THR B 20 14.90 -13.41 -8.52
C THR B 20 14.36 -12.18 -7.78
N LEU B 21 13.15 -12.30 -7.25
CA LEU B 21 12.48 -11.19 -6.57
C LEU B 21 12.41 -11.50 -5.08
N SER B 22 12.69 -10.49 -4.26
CA SER B 22 12.82 -10.64 -2.82
C SER B 22 11.69 -9.95 -2.10
N CYS B 23 11.21 -10.57 -1.02
CA CYS B 23 10.18 -10.00 -0.16
C CYS B 23 10.56 -10.33 1.28
N ARG B 24 10.85 -9.30 2.07
CA ARG B 24 11.25 -9.45 3.46
C ARG B 24 10.15 -8.94 4.38
N ALA B 25 9.87 -9.70 5.43
CA ALA B 25 8.81 -9.36 6.38
C ALA B 25 9.40 -8.79 7.66
N SER B 26 8.72 -7.78 8.22
CA SER B 26 9.15 -7.15 9.47
C SER B 26 9.06 -8.10 10.66
N GLN B 27 8.33 -9.21 10.54
CA GLN B 27 8.28 -10.24 11.56
C GLN B 27 7.99 -11.55 10.87
N SER B 28 8.31 -12.66 11.54
CA SER B 28 8.14 -13.97 10.95
C SER B 28 6.67 -14.22 10.59
N VAL B 29 6.44 -14.77 9.41
CA VAL B 29 5.11 -15.17 8.96
C VAL B 29 5.10 -16.63 8.50
N GLY B 30 6.13 -17.39 8.88
CA GLY B 30 6.17 -18.80 8.51
C GLY B 30 6.16 -18.96 7.00
N SER B 31 5.39 -19.94 6.52
CA SER B 31 5.22 -20.15 5.09
C SER B 31 3.99 -19.41 4.53
N ARG B 32 3.33 -18.61 5.35
CA ARG B 32 2.05 -17.97 4.98
C ARG B 32 2.31 -16.70 4.16
N LEU B 33 2.84 -16.91 2.96
CA LEU B 33 3.14 -15.80 2.06
C LEU B 33 2.79 -16.21 0.65
N ALA B 34 2.18 -15.28 -0.09
CA ALA B 34 1.73 -15.54 -1.44
C ALA B 34 2.26 -14.48 -2.39
N TRP B 35 2.34 -14.84 -3.67
CA TRP B 35 2.79 -13.93 -4.72
C TRP B 35 1.67 -13.74 -5.73
N HIS B 36 1.43 -12.49 -6.11
CA HIS B 36 0.41 -12.14 -7.09
C HIS B 36 1.08 -11.50 -8.30
N GLN B 37 0.50 -11.73 -9.48
CA GLN B 37 0.94 -11.10 -10.71
C GLN B 37 -0.14 -10.14 -11.21
N GLN B 38 0.27 -8.95 -11.64
CA GLN B 38 -0.62 -7.98 -12.26
C GLN B 38 0.02 -7.41 -13.50
N LYS B 39 -0.54 -7.74 -14.66
CA LYS B 39 -0.18 -7.03 -15.87
C LYS B 39 -1.02 -5.76 -15.95
N PRO B 40 -0.41 -4.56 -15.90
CA PRO B 40 -1.20 -3.34 -15.72
C PRO B 40 -2.27 -3.17 -16.80
N GLY B 41 -3.44 -2.70 -16.37
CA GLY B 41 -4.65 -2.77 -17.15
C GLY B 41 -5.55 -3.95 -16.81
N LEU B 42 -5.05 -4.94 -16.07
CA LEU B 42 -5.81 -6.12 -15.68
C LEU B 42 -5.75 -6.27 -14.16
N ALA B 43 -6.69 -7.05 -13.62
CA ALA B 43 -6.70 -7.29 -12.18
C ALA B 43 -5.55 -8.21 -11.77
N PRO B 44 -5.22 -8.27 -10.49
CA PRO B 44 -4.18 -9.20 -10.03
C PRO B 44 -4.61 -10.65 -10.20
N ARG B 45 -3.63 -11.54 -10.14
CA ARG B 45 -3.85 -12.98 -10.21
C ARG B 45 -2.87 -13.68 -9.29
N VAL B 46 -3.35 -14.61 -8.46
CA VAL B 46 -2.46 -15.31 -7.53
C VAL B 46 -1.48 -16.17 -8.32
N LEU B 47 -0.23 -16.18 -7.88
CA LEU B 47 0.84 -16.90 -8.57
C LEU B 47 1.44 -17.99 -7.72
N ILE B 48 1.84 -17.67 -6.50
CA ILE B 48 2.37 -18.62 -5.54
C ILE B 48 1.56 -18.49 -4.27
N TYR B 49 1.21 -19.62 -3.65
CA TYR B 49 0.57 -19.64 -2.35
C TYR B 49 1.38 -20.51 -1.40
N ASP B 50 1.32 -20.20 -0.10
CA ASP B 50 2.10 -20.89 0.94
C ASP B 50 3.60 -20.88 0.62
N ALA B 51 4.03 -19.81 -0.05
CA ALA B 51 5.42 -19.42 -0.26
C ALA B 51 6.18 -20.29 -1.27
N SER B 52 5.66 -21.47 -1.62
CA SER B 52 6.37 -22.30 -2.59
C SER B 52 5.47 -23.02 -3.57
N ASN B 53 4.15 -23.00 -3.42
CA ASN B 53 3.26 -23.82 -4.23
C ASN B 53 2.62 -22.98 -5.33
N ARG B 54 2.63 -23.52 -6.54
CA ARG B 54 2.06 -22.81 -7.66
C ARG B 54 0.54 -22.86 -7.59
N ALA B 55 -0.09 -21.86 -8.19
CA ALA B 55 -1.54 -21.77 -8.30
C ALA B 55 -2.00 -22.30 -9.65
N THR B 56 -3.31 -22.40 -9.80
CA THR B 56 -3.90 -22.97 -11.00
C THR B 56 -3.42 -22.26 -12.25
N GLY B 57 -2.98 -23.03 -13.24
CA GLY B 57 -2.57 -22.51 -14.52
C GLY B 57 -1.27 -21.74 -14.54
N ILE B 58 -0.49 -21.76 -13.46
CA ILE B 58 0.78 -21.06 -13.41
C ILE B 58 1.88 -21.98 -13.98
N PRO B 59 2.62 -21.55 -14.98
CA PRO B 59 3.64 -22.43 -15.58
C PRO B 59 4.79 -22.69 -14.63
N ALA B 60 5.48 -23.82 -14.87
CA ALA B 60 6.49 -24.33 -13.95
C ALA B 60 7.75 -23.49 -13.87
N ARG B 61 7.94 -22.52 -14.77
CA ARG B 61 9.10 -21.64 -14.66
C ARG B 61 9.03 -20.76 -13.42
N PHE B 62 7.86 -20.60 -12.81
CA PHE B 62 7.71 -19.82 -11.60
C PHE B 62 7.94 -20.70 -10.38
N SER B 63 8.68 -20.17 -9.40
CA SER B 63 8.98 -20.93 -8.20
C SER B 63 9.20 -19.97 -7.04
N GLY B 64 8.59 -20.29 -5.90
CA GLY B 64 8.78 -19.50 -4.70
C GLY B 64 9.63 -20.23 -3.68
N SER B 65 10.21 -19.50 -2.73
CA SER B 65 11.04 -20.13 -1.72
C SER B 65 11.12 -19.23 -0.49
N GLY B 66 11.52 -19.83 0.62
CA GLY B 66 11.75 -19.11 1.85
C GLY B 66 10.74 -19.49 2.93
N SER B 67 11.01 -18.97 4.12
CA SER B 67 10.12 -19.07 5.26
C SER B 67 10.62 -18.10 6.31
N GLY B 68 9.73 -17.73 7.23
CA GLY B 68 10.12 -16.84 8.29
C GLY B 68 10.06 -15.39 7.86
N THR B 69 11.22 -14.81 7.52
CA THR B 69 11.31 -13.41 7.17
C THR B 69 11.74 -13.18 5.72
N ASP B 70 12.57 -14.06 5.15
CA ASP B 70 13.07 -13.89 3.80
C ASP B 70 12.30 -14.79 2.84
N PHE B 71 11.93 -14.24 1.68
CA PHE B 71 11.21 -15.00 0.68
C PHE B 71 11.69 -14.60 -0.71
N THR B 72 11.67 -15.56 -1.63
CA THR B 72 12.06 -15.28 -3.00
C THR B 72 11.07 -15.88 -3.97
N LEU B 73 10.82 -15.17 -5.06
CA LEU B 73 10.10 -15.70 -6.22
C LEU B 73 11.08 -15.74 -7.39
N THR B 74 11.22 -16.92 -7.99
CA THR B 74 12.18 -17.17 -9.06
C THR B 74 11.43 -17.48 -10.34
N ILE B 75 11.79 -16.79 -11.43
CA ILE B 75 11.27 -17.10 -12.76
C ILE B 75 12.46 -17.53 -13.60
N SER B 76 12.41 -18.76 -14.11
CA SER B 76 13.60 -19.40 -14.64
C SER B 76 13.84 -19.09 -16.12
N SER B 77 12.81 -19.20 -16.95
CA SER B 77 12.94 -18.95 -18.38
C SER B 77 12.02 -17.80 -18.71
N ILE B 78 12.54 -16.57 -18.50
CA ILE B 78 11.74 -15.37 -18.68
C ILE B 78 11.16 -15.34 -20.09
N GLU B 79 9.85 -15.12 -20.19
CA GLU B 79 9.17 -14.90 -21.44
C GLU B 79 8.71 -13.45 -21.55
N PRO B 80 8.53 -12.92 -22.76
CA PRO B 80 8.00 -11.56 -22.89
C PRO B 80 6.68 -11.36 -22.16
N GLU B 81 5.86 -12.41 -22.12
CA GLU B 81 4.56 -12.38 -21.44
C GLU B 81 4.67 -12.20 -19.94
N ASP B 82 5.87 -12.32 -19.37
CA ASP B 82 6.05 -12.11 -17.94
C ASP B 82 6.32 -10.66 -17.58
N SER B 83 6.22 -9.75 -18.55
CA SER B 83 6.30 -8.32 -18.29
C SER B 83 5.11 -7.92 -17.43
N ALA B 84 5.37 -7.60 -16.16
CA ALA B 84 4.29 -7.43 -15.19
C ALA B 84 4.87 -6.83 -13.91
N VAL B 85 3.97 -6.53 -12.98
CA VAL B 85 4.30 -6.16 -11.61
C VAL B 85 3.95 -7.34 -10.71
N TYR B 86 4.83 -7.66 -9.77
CA TYR B 86 4.65 -8.78 -8.85
C TYR B 86 4.57 -8.26 -7.44
N TYR B 87 3.55 -8.71 -6.70
CA TYR B 87 3.30 -8.33 -5.33
C TYR B 87 3.39 -9.56 -4.44
N CYS B 88 3.92 -9.36 -3.24
CA CYS B 88 3.87 -10.38 -2.20
C CYS B 88 2.86 -9.94 -1.15
N GLN B 89 2.23 -10.92 -0.51
CA GLN B 89 1.17 -10.64 0.45
C GLN B 89 1.17 -11.73 1.51
N GLN B 90 1.22 -11.30 2.76
CA GLN B 90 1.27 -12.20 3.91
C GLN B 90 -0.13 -12.43 4.47
N ARG B 91 -0.33 -13.61 5.05
CA ARG B 91 -1.57 -13.94 5.74
C ARG B 91 -1.31 -14.42 7.16
N GLY B 92 -0.07 -14.30 7.66
CA GLY B 92 0.22 -14.70 9.03
C GLY B 92 -0.65 -13.97 10.04
N ASP B 93 -0.90 -12.68 9.80
CA ASP B 93 -1.80 -11.89 10.65
C ASP B 93 -3.18 -11.80 10.02
N TRP B 94 -3.87 -12.94 9.95
CA TRP B 94 -5.00 -13.09 9.04
C TRP B 94 -6.09 -12.00 9.14
N PRO B 95 -6.47 -11.50 10.31
CA PRO B 95 -7.35 -10.32 10.29
C PRO B 95 -6.68 -9.10 9.65
N LEU B 96 -5.35 -9.07 9.55
CA LEU B 96 -4.59 -7.90 9.09
C LEU B 96 -3.71 -8.32 7.91
N ILE B 97 -4.29 -8.32 6.72
CA ILE B 97 -3.54 -8.65 5.51
C ILE B 97 -2.70 -7.46 5.09
N THR B 98 -1.49 -7.71 4.59
CA THR B 98 -0.64 -6.65 4.09
C THR B 98 0.04 -7.11 2.80
N PHE B 99 0.28 -6.14 1.93
CA PHE B 99 0.95 -6.33 0.66
C PHE B 99 2.30 -5.62 0.68
N GLY B 100 3.23 -6.15 -0.10
CA GLY B 100 4.43 -5.41 -0.42
C GLY B 100 4.20 -4.34 -1.47
N GLN B 101 5.14 -3.40 -1.55
CA GLN B 101 5.00 -2.26 -2.46
C GLN B 101 5.03 -2.68 -3.93
N GLY B 102 5.58 -3.83 -4.25
CA GLY B 102 5.59 -4.31 -5.62
C GLY B 102 6.97 -4.29 -6.23
N THR B 103 7.18 -5.18 -7.20
CA THR B 103 8.40 -5.24 -8.00
C THR B 103 7.97 -5.40 -9.45
N ARG B 104 8.53 -4.57 -10.33
CA ARG B 104 8.21 -4.61 -11.75
C ARG B 104 9.27 -5.38 -12.51
N LEU B 105 8.83 -6.26 -13.42
CA LEU B 105 9.73 -6.99 -14.31
C LEU B 105 9.55 -6.44 -15.72
N GLU B 106 10.60 -5.82 -16.26
CA GLU B 106 10.63 -5.38 -17.64
C GLU B 106 11.48 -6.35 -18.44
N ILE B 107 11.00 -6.72 -19.62
CA ILE B 107 11.70 -7.66 -20.48
C ILE B 107 12.62 -6.88 -21.41
N LYS B 108 13.90 -7.24 -21.43
CA LYS B 108 14.83 -6.68 -22.40
C LYS B 108 14.61 -7.29 -23.77
N ARG B 109 14.82 -6.48 -24.81
CA ARG B 109 14.76 -6.96 -26.18
C ARG B 109 15.77 -6.18 -26.99
N THR B 110 15.96 -6.61 -28.23
CA THR B 110 16.82 -5.86 -29.15
C THR B 110 16.28 -4.45 -29.32
N VAL B 111 17.20 -3.48 -29.42
CA VAL B 111 16.83 -2.08 -29.52
C VAL B 111 16.03 -1.84 -30.80
N ALA B 112 14.89 -1.14 -30.66
CA ALA B 112 14.01 -0.81 -31.79
C ALA B 112 13.76 0.69 -31.81
N ALA B 113 14.07 1.32 -32.96
CA ALA B 113 13.84 2.74 -33.12
C ALA B 113 12.34 3.03 -33.27
N PRO B 114 11.87 4.17 -32.76
CA PRO B 114 10.44 4.48 -32.88
C PRO B 114 10.03 4.81 -34.30
N SER B 115 8.82 4.38 -34.66
CA SER B 115 8.14 4.87 -35.86
C SER B 115 7.38 6.14 -35.48
N VAL B 116 7.78 7.28 -36.03
CA VAL B 116 7.26 8.58 -35.62
C VAL B 116 6.27 9.08 -36.67
N PHE B 117 5.05 9.39 -36.23
CA PHE B 117 4.00 9.93 -37.09
C PHE B 117 3.44 11.19 -36.43
N ILE B 118 3.32 12.27 -37.22
CA ILE B 118 2.70 13.51 -36.75
C ILE B 118 1.26 13.54 -37.23
N PHE B 119 0.41 14.21 -36.45
CA PHE B 119 -1.00 14.34 -36.77
C PHE B 119 -1.41 15.81 -36.65
N PRO B 120 -1.70 16.49 -37.76
CA PRO B 120 -2.19 17.87 -37.65
C PRO B 120 -3.53 17.91 -36.95
N PRO B 121 -3.87 19.02 -36.32
CA PRO B 121 -5.17 19.13 -35.65
C PRO B 121 -6.32 19.12 -36.64
N SER B 122 -7.47 18.62 -36.17
CA SER B 122 -8.65 18.51 -37.04
C SER B 122 -9.40 19.84 -37.05
N ASP B 123 -9.71 20.32 -38.27
CA ASP B 123 -10.47 21.55 -38.45
C ASP B 123 -11.64 21.65 -37.47
N GLU B 124 -12.34 20.53 -37.23
CA GLU B 124 -13.46 20.56 -36.31
C GLU B 124 -13.04 21.07 -34.93
N GLN B 125 -11.92 20.56 -34.42
CA GLN B 125 -11.41 21.05 -33.14
C GLN B 125 -10.96 22.50 -33.24
N LEU B 126 -10.44 22.91 -34.41
CA LEU B 126 -9.93 24.28 -34.56
C LEU B 126 -11.03 25.31 -34.33
N LYS B 127 -12.22 25.06 -34.86
CA LYS B 127 -13.32 26.00 -34.67
C LYS B 127 -13.89 25.96 -33.26
N SER B 128 -13.44 25.02 -32.42
CA SER B 128 -13.75 25.07 -31.00
C SER B 128 -12.80 25.96 -30.22
N GLY B 129 -11.72 26.42 -30.83
CA GLY B 129 -10.77 27.32 -30.20
C GLY B 129 -9.46 26.69 -29.79
N THR B 130 -9.38 25.35 -29.77
CA THR B 130 -8.17 24.65 -29.36
C THR B 130 -7.54 23.95 -30.56
N ALA B 131 -6.22 23.79 -30.50
CA ALA B 131 -5.48 22.99 -31.49
C ALA B 131 -4.63 21.96 -30.76
N SER B 132 -4.96 20.68 -30.95
CA SER B 132 -4.17 19.56 -30.44
C SER B 132 -3.37 18.94 -31.58
N VAL B 133 -2.05 18.94 -31.45
CA VAL B 133 -1.15 18.29 -32.41
C VAL B 133 -0.56 17.06 -31.72
N VAL B 134 -0.71 15.90 -32.37
CA VAL B 134 -0.37 14.61 -31.78
C VAL B 134 0.87 14.06 -32.47
N CYS B 135 1.87 13.69 -31.66
CA CYS B 135 3.08 13.04 -32.11
C CYS B 135 3.10 11.62 -31.56
N LEU B 136 3.08 10.63 -32.45
CA LEU B 136 3.04 9.24 -32.05
C LEU B 136 4.40 8.59 -32.31
N LEU B 137 4.95 7.95 -31.28
CA LEU B 137 6.13 7.09 -31.41
C LEU B 137 5.65 5.66 -31.19
N ASN B 138 5.86 4.81 -32.19
CA ASN B 138 5.23 3.50 -32.24
C ASN B 138 6.28 2.39 -32.21
N ASN B 139 6.12 1.45 -31.28
CA ASN B 139 6.87 0.18 -31.24
C ASN B 139 8.38 0.41 -31.16
N PHE B 140 8.80 0.96 -30.03
CA PHE B 140 10.21 1.19 -29.77
C PHE B 140 10.63 0.51 -28.47
N TYR B 141 11.96 0.35 -28.33
CA TYR B 141 12.60 -0.14 -27.12
C TYR B 141 14.03 0.37 -27.19
N PRO B 142 14.63 0.80 -26.07
CA PRO B 142 14.08 0.85 -24.72
C PRO B 142 13.04 1.97 -24.55
N ARG B 143 12.49 2.08 -23.34
CA ARG B 143 11.41 3.01 -23.08
C ARG B 143 11.90 4.46 -23.10
N GLU B 144 13.13 4.70 -22.65
CA GLU B 144 13.62 6.06 -22.51
C GLU B 144 13.58 6.79 -23.85
N ALA B 145 12.74 7.81 -23.94
CA ALA B 145 12.60 8.58 -25.17
C ALA B 145 12.38 10.03 -24.83
N LYS B 146 13.02 10.92 -25.59
CA LYS B 146 12.87 12.36 -25.40
C LYS B 146 12.10 12.93 -26.57
N VAL B 147 10.95 13.54 -26.30
CA VAL B 147 10.09 14.15 -27.31
C VAL B 147 10.01 15.64 -27.03
N GLN B 148 10.36 16.45 -28.02
CA GLN B 148 10.46 17.89 -27.85
C GLN B 148 9.79 18.59 -29.04
N TRP B 149 8.69 19.28 -28.75
CA TRP B 149 7.98 20.04 -29.77
C TRP B 149 8.68 21.36 -30.04
N LYS B 150 8.76 21.72 -31.31
CA LYS B 150 9.28 23.01 -31.71
C LYS B 150 8.30 23.65 -32.68
N VAL B 151 7.99 24.93 -32.45
CA VAL B 151 7.13 25.70 -33.33
C VAL B 151 7.98 26.84 -33.90
N ASP B 152 8.15 26.84 -35.22
CA ASP B 152 8.97 27.84 -35.93
C ASP B 152 10.35 27.93 -35.30
N ASN B 153 10.95 26.76 -35.08
CA ASN B 153 12.26 26.57 -34.46
C ASN B 153 12.31 27.07 -33.02
N ALA B 154 11.16 27.38 -32.42
CA ALA B 154 11.10 27.80 -31.01
C ALA B 154 10.67 26.62 -30.16
N LEU B 155 11.54 26.18 -29.26
CA LEU B 155 11.23 25.05 -28.40
C LEU B 155 10.03 25.36 -27.51
N GLN B 156 9.22 24.35 -27.25
CA GLN B 156 8.00 24.53 -26.46
C GLN B 156 8.19 24.00 -25.04
N SER B 157 7.17 24.26 -24.20
CA SER B 157 7.15 23.81 -22.81
C SER B 157 5.81 24.12 -22.17
N GLY B 158 5.42 23.39 -21.13
CA GLY B 158 4.14 23.61 -20.48
C GLY B 158 2.91 23.32 -21.33
N ASN B 159 3.06 23.10 -22.64
CA ASN B 159 1.94 22.88 -23.54
C ASN B 159 1.95 21.49 -24.17
N SER B 160 2.68 20.54 -23.57
CA SER B 160 2.75 19.17 -24.07
C SER B 160 2.51 18.20 -22.92
N GLN B 161 1.91 17.06 -23.26
CA GLN B 161 1.66 15.99 -22.32
C GLN B 161 1.87 14.65 -23.02
N GLU B 162 2.44 13.68 -22.30
CA GLU B 162 2.84 12.41 -22.86
C GLU B 162 2.16 11.24 -22.15
N SER B 163 1.94 10.17 -22.91
CA SER B 163 1.33 8.95 -22.38
C SER B 163 1.98 7.75 -23.04
N VAL B 164 2.41 6.78 -22.23
CA VAL B 164 3.12 5.60 -22.70
C VAL B 164 2.26 4.38 -22.44
N THR B 165 2.06 3.57 -23.48
CA THR B 165 1.45 2.26 -23.29
C THR B 165 2.36 1.38 -22.44
N GLU B 166 1.76 0.40 -21.78
CA GLU B 166 2.54 -0.61 -21.07
C GLU B 166 3.29 -1.48 -22.08
N GLN B 167 4.37 -2.09 -21.61
CA GLN B 167 5.15 -2.97 -22.48
C GLN B 167 4.29 -4.09 -23.02
N ASP B 168 4.35 -4.30 -24.33
CA ASP B 168 3.52 -5.33 -24.97
C ASP B 168 3.98 -6.72 -24.53
N SER B 169 3.01 -7.63 -24.35
CA SER B 169 3.30 -8.95 -23.82
C SER B 169 4.00 -9.85 -24.82
N LYS B 170 3.94 -9.54 -26.12
CA LYS B 170 4.51 -10.40 -27.14
C LYS B 170 5.82 -9.88 -27.71
N ASP B 171 5.87 -8.60 -28.13
CA ASP B 171 7.05 -8.07 -28.77
C ASP B 171 7.89 -7.19 -27.85
N SER B 172 7.41 -6.93 -26.63
CA SER B 172 8.14 -6.17 -25.61
C SER B 172 8.43 -4.72 -26.00
N THR B 173 7.66 -4.12 -26.90
CA THR B 173 7.89 -2.71 -27.26
C THR B 173 7.00 -1.78 -26.46
N TYR B 174 7.30 -0.49 -26.58
CA TYR B 174 6.53 0.60 -26.01
C TYR B 174 6.02 1.49 -27.14
N SER B 175 4.94 2.22 -26.85
CA SER B 175 4.48 3.29 -27.74
C SER B 175 4.21 4.54 -26.92
N LEU B 176 4.53 5.68 -27.50
CA LEU B 176 4.43 6.96 -26.81
C LEU B 176 3.68 7.94 -27.69
N SER B 177 2.90 8.81 -27.06
CA SER B 177 2.16 9.84 -27.77
C SER B 177 2.31 11.14 -27.01
N SER B 178 2.85 12.15 -27.68
CA SER B 178 2.99 13.48 -27.11
C SER B 178 1.97 14.39 -27.77
N THR B 179 1.24 15.14 -26.94
CA THR B 179 0.14 15.96 -27.40
C THR B 179 0.43 17.41 -27.11
N LEU B 180 0.43 18.21 -28.15
CA LEU B 180 0.74 19.61 -28.08
C LEU B 180 -0.60 20.35 -28.18
N THR B 181 -1.06 20.89 -27.05
CA THR B 181 -2.35 21.61 -26.99
C THR B 181 -2.10 23.11 -27.14
N LEU B 182 -2.83 23.75 -28.07
CA LEU B 182 -2.64 25.15 -28.45
C LEU B 182 -3.98 25.84 -28.67
N SER B 183 -3.90 27.17 -28.55
CA SER B 183 -5.01 28.03 -28.91
C SER B 183 -5.17 28.09 -30.42
N LYS B 184 -6.43 28.23 -30.84
CA LYS B 184 -6.72 28.39 -32.26
C LYS B 184 -5.96 29.55 -32.87
N ALA B 185 -5.73 30.61 -32.09
CA ALA B 185 -5.04 31.78 -32.62
C ALA B 185 -3.55 31.52 -32.76
N ASP B 186 -2.91 30.99 -31.71
CA ASP B 186 -1.48 30.72 -31.76
C ASP B 186 -1.13 29.72 -32.84
N TYR B 187 -2.01 28.74 -33.08
CA TYR B 187 -1.78 27.76 -34.14
C TYR B 187 -1.72 28.44 -35.50
N GLU B 188 -2.74 29.25 -35.81
CA GLU B 188 -2.80 29.89 -37.12
C GLU B 188 -1.73 30.98 -37.30
N LYS B 189 -1.03 31.35 -36.24
CA LYS B 189 0.02 32.36 -36.32
C LYS B 189 1.39 31.77 -36.64
N HIS B 190 1.49 30.46 -36.88
CA HIS B 190 2.77 29.82 -37.12
C HIS B 190 2.64 28.79 -38.22
N LYS B 191 3.78 28.42 -38.81
CA LYS B 191 3.82 27.52 -39.96
C LYS B 191 4.40 26.15 -39.64
N VAL B 192 5.60 26.09 -39.06
CA VAL B 192 6.35 24.86 -38.92
C VAL B 192 6.10 24.28 -37.53
N TYR B 193 5.44 23.13 -37.48
CA TYR B 193 5.17 22.40 -36.25
C TYR B 193 5.95 21.09 -36.31
N ALA B 194 6.92 20.95 -35.42
CA ALA B 194 7.85 19.82 -35.45
C ALA B 194 7.81 19.05 -34.14
N CYS B 195 8.28 17.80 -34.22
CA CYS B 195 8.39 16.89 -33.08
C CYS B 195 9.75 16.22 -33.20
N GLU B 196 10.68 16.59 -32.33
CA GLU B 196 12.04 16.05 -32.37
C GLU B 196 12.17 14.91 -31.37
N VAL B 197 12.57 13.74 -31.86
CA VAL B 197 12.63 12.50 -31.08
C VAL B 197 14.10 12.13 -30.89
N THR B 198 14.51 11.94 -29.64
CA THR B 198 15.82 11.44 -29.31
C THR B 198 15.67 10.06 -28.68
N HIS B 199 16.39 9.07 -29.21
CA HIS B 199 16.23 7.68 -28.78
C HIS B 199 17.49 6.91 -29.14
N GLN B 200 17.68 5.79 -28.43
CA GLN B 200 18.88 4.98 -28.63
C GLN B 200 18.90 4.34 -30.01
N GLY B 201 17.72 4.04 -30.56
CA GLY B 201 17.66 3.44 -31.89
C GLY B 201 17.95 4.40 -33.02
N LEU B 202 17.99 5.70 -32.75
CA LEU B 202 18.24 6.70 -33.79
C LEU B 202 19.69 7.17 -33.70
N SER B 203 20.40 7.11 -34.83
CA SER B 203 21.79 7.55 -34.87
C SER B 203 21.91 9.04 -34.54
N SER B 204 20.96 9.83 -34.98
CA SER B 204 20.91 11.26 -34.73
C SER B 204 19.48 11.62 -34.36
N PRO B 205 19.28 12.73 -33.63
CA PRO B 205 17.91 13.16 -33.34
C PRO B 205 17.12 13.37 -34.63
N VAL B 206 15.87 12.94 -34.62
CA VAL B 206 15.03 12.91 -35.80
C VAL B 206 13.86 13.87 -35.58
N THR B 207 13.62 14.73 -36.58
CA THR B 207 12.61 15.78 -36.48
C THR B 207 11.49 15.48 -37.48
N LYS B 208 10.25 15.48 -36.97
CA LYS B 208 9.04 15.14 -37.73
C LYS B 208 8.17 16.38 -37.75
N SER B 209 8.05 17.02 -38.92
CA SER B 209 7.41 18.32 -39.02
C SER B 209 6.31 18.30 -40.06
N PHE B 210 5.33 19.17 -39.85
CA PHE B 210 4.33 19.49 -40.87
C PHE B 210 4.14 20.99 -40.92
N ASN B 211 3.90 21.50 -42.11
CA ASN B 211 3.71 22.93 -42.34
C ASN B 211 2.22 23.18 -42.53
N ARG B 212 1.64 24.01 -41.67
CA ARG B 212 0.21 24.26 -41.70
C ARG B 212 -0.22 24.77 -43.08
N GLY B 213 -1.27 24.15 -43.62
CA GLY B 213 -1.74 24.50 -44.95
C GLY B 213 -0.81 24.13 -46.08
N GLU B 214 0.17 23.25 -45.83
CA GLU B 214 1.11 22.86 -46.86
C GLU B 214 1.25 21.33 -46.91
N GLN C 1 39.30 29.75 43.79
CA GLN C 1 38.67 29.37 42.53
C GLN C 1 39.25 28.06 42.02
N VAL C 2 39.41 27.10 42.92
CA VAL C 2 39.97 25.79 42.56
C VAL C 2 39.00 25.05 41.65
N GLN C 3 39.52 24.52 40.55
CA GLN C 3 38.69 23.84 39.57
C GLN C 3 39.39 22.58 39.06
N LEU C 4 38.60 21.52 38.89
CA LEU C 4 39.03 20.31 38.21
C LEU C 4 37.96 19.93 37.20
N VAL C 5 38.34 19.77 35.93
CA VAL C 5 37.38 19.56 34.85
C VAL C 5 37.85 18.40 33.99
N GLU C 6 37.11 17.30 34.03
CA GLU C 6 37.39 16.11 33.25
C GLU C 6 36.88 16.27 31.83
N SER C 7 37.45 15.49 30.92
CA SER C 7 36.98 15.46 29.55
C SER C 7 37.42 14.14 28.92
N GLY C 8 36.71 13.74 27.87
CA GLY C 8 36.99 12.51 27.16
C GLY C 8 35.91 11.44 27.27
N GLY C 9 34.79 11.73 27.93
CA GLY C 9 33.76 10.73 28.08
C GLY C 9 33.04 10.46 26.78
N GLY C 10 32.51 9.24 26.67
CA GLY C 10 31.80 8.85 25.47
C GLY C 10 31.48 7.37 25.49
N VAL C 11 31.15 6.85 24.32
CA VAL C 11 30.84 5.44 24.14
C VAL C 11 32.02 4.75 23.47
N VAL C 12 32.45 3.62 24.03
CA VAL C 12 33.56 2.84 23.51
C VAL C 12 33.06 1.42 23.27
N HIS C 13 33.55 0.79 22.22
CA HIS C 13 33.21 -0.60 21.99
C HIS C 13 33.82 -1.46 23.10
N PRO C 14 33.12 -2.49 23.55
CA PRO C 14 33.71 -3.40 24.56
C PRO C 14 35.05 -3.92 24.08
N GLY C 15 36.05 -3.82 24.95
CA GLY C 15 37.41 -4.13 24.61
C GLY C 15 38.17 -2.98 24.01
N GLY C 16 37.49 -1.89 23.68
CA GLY C 16 38.14 -0.73 23.13
C GLY C 16 38.93 0.03 24.17
N SER C 17 39.47 1.16 23.74
CA SER C 17 40.28 2.01 24.59
C SER C 17 39.70 3.42 24.56
N LEU C 18 40.04 4.19 25.58
CA LEU C 18 39.59 5.58 25.67
C LEU C 18 40.49 6.31 26.66
N ARG C 19 40.83 7.54 26.33
CA ARG C 19 41.68 8.36 27.18
C ARG C 19 40.84 9.47 27.80
N LEU C 20 40.87 9.55 29.13
CA LEU C 20 40.31 10.67 29.88
C LEU C 20 41.42 11.65 30.22
N SER C 21 41.03 12.89 30.46
CA SER C 21 42.00 13.93 30.78
C SER C 21 41.40 14.85 31.82
N CYS C 22 42.22 15.78 32.30
CA CYS C 22 41.82 16.63 33.40
C CYS C 22 42.69 17.88 33.43
N ALA C 23 42.06 19.04 33.30
CA ALA C 23 42.72 20.32 33.50
C ALA C 23 42.46 20.82 34.91
N ALA C 24 43.46 21.46 35.50
CA ALA C 24 43.34 21.99 36.85
C ALA C 24 43.64 23.48 36.85
N SER C 25 43.04 24.19 37.81
CA SER C 25 43.31 25.61 37.96
C SER C 25 42.98 26.01 39.39
N GLY C 26 43.68 27.04 39.88
CA GLY C 26 43.40 27.60 41.18
C GLY C 26 44.28 27.09 42.30
N PHE C 27 45.12 26.09 42.04
CA PHE C 27 45.98 25.51 43.08
C PHE C 27 47.23 24.95 42.41
N THR C 28 48.24 24.67 43.23
CA THR C 28 49.54 24.19 42.75
C THR C 28 49.41 22.71 42.39
N PHE C 29 49.10 22.47 41.12
CA PHE C 29 48.88 21.12 40.62
C PHE C 29 50.10 20.23 40.82
N SER C 30 51.30 20.80 40.67
CA SER C 30 52.51 19.98 40.83
C SER C 30 52.74 19.54 42.27
N ASP C 31 52.03 20.11 43.24
CA ASP C 31 52.21 19.75 44.63
C ASP C 31 51.33 18.59 45.09
N PHE C 32 50.35 18.21 44.28
CA PHE C 32 49.30 17.29 44.70
C PHE C 32 49.41 15.98 43.93
N ALA C 33 49.17 14.87 44.62
CA ALA C 33 48.89 13.61 43.95
C ALA C 33 47.45 13.61 43.48
N MET C 34 47.21 13.10 42.28
CA MET C 34 45.90 13.14 41.65
C MET C 34 45.30 11.75 41.54
N ASN C 35 43.99 11.67 41.72
CA ASN C 35 43.26 10.42 41.84
C ASN C 35 42.14 10.37 40.81
N TRP C 36 41.80 9.16 40.36
CA TRP C 36 40.54 8.91 39.68
C TRP C 36 39.62 8.15 40.61
N VAL C 37 38.38 8.58 40.69
CA VAL C 37 37.31 7.89 41.39
C VAL C 37 36.19 7.70 40.39
N ARG C 38 35.55 6.55 40.41
CA ARG C 38 34.46 6.30 39.48
C ARG C 38 33.22 5.86 40.23
N GLN C 39 32.08 6.00 39.56
CA GLN C 39 30.79 5.75 40.19
C GLN C 39 29.87 5.18 39.12
N ALA C 40 29.61 3.88 39.20
CA ALA C 40 28.65 3.24 38.33
C ALA C 40 27.26 3.82 38.59
N PRO C 41 26.38 3.77 37.60
CA PRO C 41 25.06 4.39 37.77
C PRO C 41 24.34 3.86 39.01
N GLY C 42 23.92 4.80 39.87
CA GLY C 42 23.19 4.47 41.07
C GLY C 42 24.00 3.84 42.19
N GLU C 43 25.28 3.56 41.96
CA GLU C 43 26.12 2.89 42.95
C GLU C 43 27.01 3.90 43.67
N GLY C 44 27.89 3.37 44.51
CA GLY C 44 28.73 4.20 45.36
C GLY C 44 30.04 4.59 44.69
N LEU C 45 30.90 5.22 45.49
CA LEU C 45 32.20 5.64 45.00
C LEU C 45 33.18 4.48 45.04
N GLN C 46 34.08 4.44 44.06
CA GLN C 46 35.09 3.39 43.97
C GLN C 46 36.39 4.01 43.48
N TRP C 47 37.42 3.93 44.30
CA TRP C 47 38.72 4.47 43.92
C TRP C 47 39.29 3.66 42.75
N VAL C 48 40.04 4.33 41.88
CA VAL C 48 40.53 3.74 40.64
C VAL C 48 42.05 3.83 40.51
N ALA C 49 42.60 5.05 40.63
CA ALA C 49 44.02 5.21 40.34
C ALA C 49 44.57 6.44 41.05
N ILE C 50 45.89 6.47 41.19
CA ILE C 50 46.62 7.54 41.85
C ILE C 50 47.92 7.76 41.08
N ILE C 51 48.31 9.02 40.92
CA ILE C 51 49.62 9.38 40.41
C ILE C 51 50.28 10.32 41.41
N SER C 52 51.55 10.08 41.70
CA SER C 52 52.29 10.92 42.63
C SER C 52 52.42 12.34 42.06
N TYR C 53 52.86 13.27 42.92
CA TYR C 53 52.96 14.66 42.52
C TYR C 53 53.95 14.86 41.37
N ASP C 54 54.96 14.01 41.27
CA ASP C 54 56.00 14.17 40.27
C ASP C 54 55.82 13.27 39.06
N GLY C 55 54.79 12.43 39.05
CA GLY C 55 54.61 11.47 37.99
C GLY C 55 55.44 10.21 38.10
N ARG C 56 56.31 10.11 39.11
CA ARG C 56 57.21 8.96 39.25
C ARG C 56 56.47 7.72 39.75
N ASN C 57 55.58 7.88 40.72
CA ASN C 57 54.92 6.73 41.32
C ASN C 57 53.45 6.68 40.92
N LYS C 58 53.00 5.48 40.55
CA LYS C 58 51.65 5.25 40.06
C LYS C 58 51.11 4.01 40.76
N HIS C 59 49.79 3.95 40.93
CA HIS C 59 49.14 2.80 41.55
C HIS C 59 47.68 2.74 41.14
N PHE C 60 47.16 1.52 41.04
CA PHE C 60 45.84 1.28 40.48
C PHE C 60 45.03 0.35 41.39
N ALA C 61 43.71 0.38 41.24
CA ALA C 61 42.88 -0.56 41.95
C ALA C 61 42.89 -1.92 41.25
N ALA C 62 42.55 -2.95 42.01
CA ALA C 62 42.74 -4.32 41.54
C ALA C 62 41.91 -4.61 40.29
N SER C 63 40.66 -4.14 40.26
CA SER C 63 39.78 -4.39 39.13
C SER C 63 40.20 -3.66 37.85
N VAL C 64 41.16 -2.73 37.92
CA VAL C 64 41.61 -2.01 36.73
C VAL C 64 43.10 -2.13 36.49
N ARG C 65 43.88 -2.72 37.39
CA ARG C 65 45.32 -2.77 37.21
C ARG C 65 45.67 -3.65 36.02
N GLY C 66 46.68 -3.22 35.26
CA GLY C 66 47.08 -3.93 34.07
C GLY C 66 46.28 -3.61 32.82
N ARG C 67 45.25 -2.77 32.93
CA ARG C 67 44.52 -2.25 31.79
C ARG C 67 44.57 -0.73 31.68
N PHE C 68 44.81 -0.02 32.78
CA PHE C 68 44.79 1.44 32.79
C PHE C 68 46.21 1.98 32.96
N THR C 69 46.47 3.10 32.30
CA THR C 69 47.69 3.86 32.45
C THR C 69 47.32 5.27 32.88
N ILE C 70 48.19 5.90 33.69
CA ILE C 70 48.01 7.26 34.15
C ILE C 70 49.31 8.03 33.93
N SER C 71 49.17 9.32 33.61
CA SER C 71 50.31 10.19 33.40
C SER C 71 49.89 11.63 33.69
N ARG C 72 50.85 12.45 34.09
CA ARG C 72 50.57 13.83 34.46
C ARG C 72 51.57 14.76 33.78
N ASP C 73 51.10 15.97 33.46
CA ASP C 73 51.93 17.00 32.83
C ASP C 73 51.88 18.24 33.71
N ASN C 74 52.89 18.41 34.57
CA ASN C 74 52.89 19.55 35.47
C ASN C 74 53.17 20.86 34.75
N SER C 75 53.60 20.82 33.49
CA SER C 75 53.78 22.04 32.73
C SER C 75 52.49 22.58 32.15
N LYS C 76 51.41 21.80 32.17
CA LYS C 76 50.10 22.26 31.71
C LYS C 76 49.00 22.09 32.75
N ASN C 77 49.33 21.61 33.95
CA ASN C 77 48.33 21.29 34.99
C ASN C 77 47.25 20.35 34.45
N THR C 78 47.68 19.37 33.66
CA THR C 78 46.79 18.36 33.11
C THR C 78 47.29 16.97 33.47
N MET C 79 46.35 16.04 33.58
CA MET C 79 46.68 14.66 33.89
C MET C 79 45.72 13.79 33.09
N PHE C 80 46.21 12.61 32.68
CA PHE C 80 45.50 11.75 31.74
C PHE C 80 45.35 10.35 32.30
N LEU C 81 44.31 9.65 31.87
CA LEU C 81 44.09 8.24 32.22
C LEU C 81 43.79 7.47 30.95
N GLN C 82 44.69 6.58 30.55
CA GLN C 82 44.47 5.75 29.38
C GLN C 82 43.81 4.45 29.84
N MET C 83 42.63 4.17 29.28
CA MET C 83 41.88 2.96 29.59
C MET C 83 41.95 2.02 28.39
N SER C 84 42.14 0.74 28.64
CA SER C 84 42.14 -0.26 27.58
C SER C 84 41.51 -1.55 28.10
N SER C 85 41.12 -2.41 27.15
CA SER C 85 40.39 -3.64 27.46
C SER C 85 39.12 -3.34 28.26
N LEU C 86 38.42 -2.28 27.85
CA LEU C 86 37.25 -1.83 28.58
C LEU C 86 36.13 -2.86 28.50
N ARG C 87 35.42 -3.06 29.62
CA ARG C 87 34.32 -3.98 29.72
C ARG C 87 33.09 -3.24 30.26
N ALA C 88 31.95 -3.94 30.26
CA ALA C 88 30.70 -3.30 30.65
C ALA C 88 30.71 -2.82 32.09
N GLU C 89 31.57 -3.37 32.94
CA GLU C 89 31.62 -2.98 34.34
C GLU C 89 32.45 -1.72 34.55
N ASP C 90 33.05 -1.20 33.49
CA ASP C 90 33.75 0.08 33.55
C ASP C 90 32.85 1.26 33.21
N THR C 91 31.59 1.00 32.84
CA THR C 91 30.63 2.07 32.57
C THR C 91 30.33 2.82 33.86
N ALA C 92 30.74 4.08 33.94
CA ALA C 92 30.61 4.83 35.18
C ALA C 92 30.92 6.28 34.91
N ILE C 93 30.53 7.12 35.87
CA ILE C 93 31.02 8.48 35.89
C ILE C 93 32.42 8.47 36.49
N TYR C 94 33.37 9.09 35.80
CA TYR C 94 34.76 9.10 36.23
C TYR C 94 35.09 10.49 36.77
N TYR C 95 35.23 10.57 38.10
CA TYR C 95 35.68 11.79 38.76
C TYR C 95 37.18 11.74 38.91
N CYS C 96 37.79 12.92 38.95
CA CYS C 96 39.13 13.07 39.48
C CYS C 96 39.04 13.87 40.77
N ALA C 97 40.00 13.62 41.67
CA ALA C 97 39.96 14.22 42.99
C ALA C 97 41.35 14.19 43.63
N THR C 98 41.53 15.08 44.61
CA THR C 98 42.63 15.00 45.55
C THR C 98 42.06 14.54 46.88
N LEU C 99 42.67 13.50 47.47
CA LEU C 99 41.99 12.78 48.54
C LEU C 99 42.75 12.82 49.87
N GLY C 100 43.57 13.85 50.09
CA GLY C 100 44.14 14.14 51.40
C GLY C 100 45.61 13.81 51.58
N GLY C 101 46.24 13.13 50.63
CA GLY C 101 47.67 12.89 50.73
C GLY C 101 48.04 11.93 51.86
N TRP C 102 49.33 11.93 52.20
CA TRP C 102 49.84 11.05 53.24
C TRP C 102 50.49 11.78 54.40
N PHE C 103 50.48 13.10 54.42
CA PHE C 103 51.05 13.84 55.55
C PHE C 103 50.17 13.70 56.79
N GLU C 104 50.74 14.09 57.94
CA GLU C 104 49.98 14.05 59.19
C GLU C 104 48.77 14.97 59.11
N GLU C 105 48.95 16.14 58.52
CA GLU C 105 47.83 17.04 58.26
C GLU C 105 47.28 16.76 56.87
N ALA C 106 45.97 16.58 56.78
CA ALA C 106 45.35 16.26 55.50
C ALA C 106 45.57 17.38 54.50
N SER C 107 45.89 16.99 53.28
CA SER C 107 45.99 17.87 52.13
C SER C 107 44.59 18.20 51.62
N PRO C 108 44.40 19.38 51.02
CA PRO C 108 43.05 19.78 50.60
C PRO C 108 42.41 18.76 49.66
N THR C 109 41.11 18.53 49.85
CA THR C 109 40.35 17.53 49.11
C THR C 109 39.48 18.24 48.08
N TYR C 110 39.85 18.13 46.80
CA TYR C 110 39.14 18.79 45.71
C TYR C 110 38.51 17.75 44.80
N TRP C 111 37.26 17.97 44.42
CA TRP C 111 36.54 17.09 43.50
C TRP C 111 36.32 17.80 42.17
N GLY C 112 36.20 17.01 41.11
CA GLY C 112 35.85 17.51 39.80
C GLY C 112 34.37 17.30 39.51
N ARG C 113 34.01 17.59 38.26
CA ARG C 113 32.63 17.49 37.81
C ARG C 113 32.24 16.09 37.37
N GLY C 114 33.20 15.33 36.85
CA GLY C 114 32.96 14.00 36.33
C GLY C 114 32.79 13.99 34.82
N THR C 115 32.98 12.81 34.24
CA THR C 115 32.66 12.59 32.85
C THR C 115 32.18 11.16 32.70
N LEU C 116 31.27 10.94 31.76
CA LEU C 116 30.56 9.68 31.64
C LEU C 116 31.17 8.83 30.53
N VAL C 117 31.55 7.60 30.88
CA VAL C 117 32.11 6.63 29.96
C VAL C 117 31.12 5.49 29.82
N THR C 118 30.58 5.30 28.63
CA THR C 118 29.67 4.20 28.33
C THR C 118 30.43 3.14 27.53
N VAL C 119 30.38 1.90 27.99
CA VAL C 119 31.00 0.78 27.30
C VAL C 119 29.87 -0.03 26.66
N SER C 120 29.64 0.19 25.37
CA SER C 120 28.59 -0.53 24.66
C SER C 120 28.94 -0.66 23.19
N SER C 121 28.33 -1.65 22.56
CA SER C 121 28.43 -1.85 21.11
C SER C 121 27.32 -1.10 20.36
N ALA C 122 26.55 -0.27 21.06
CA ALA C 122 25.51 0.51 20.42
C ALA C 122 26.10 1.74 19.74
N SER C 123 25.41 2.20 18.70
CA SER C 123 25.79 3.41 17.99
C SER C 123 25.02 4.60 18.52
N THR C 124 25.66 5.76 18.45
CA THR C 124 25.05 6.99 18.95
C THR C 124 23.77 7.31 18.20
N LYS C 125 22.75 7.78 18.92
CA LYS C 125 21.50 8.19 18.30
C LYS C 125 20.96 9.44 18.99
N GLY C 126 20.56 10.42 18.19
CA GLY C 126 19.96 11.62 18.71
C GLY C 126 18.54 11.41 19.22
N PRO C 127 18.10 12.27 20.13
CA PRO C 127 16.78 12.11 20.75
C PRO C 127 15.63 12.47 19.82
N SER C 128 14.49 11.84 20.07
CA SER C 128 13.20 12.29 19.55
C SER C 128 12.48 12.98 20.70
N VAL C 129 12.08 14.24 20.49
CA VAL C 129 11.45 15.03 21.53
C VAL C 129 9.97 15.18 21.21
N PHE C 130 9.13 14.65 22.09
CA PHE C 130 7.69 14.72 21.91
C PHE C 130 7.05 15.57 23.01
N PRO C 131 5.94 16.24 22.71
CA PRO C 131 5.27 17.07 23.72
C PRO C 131 4.55 16.24 24.78
N LEU C 132 4.58 16.74 26.02
CA LEU C 132 3.69 16.30 27.09
C LEU C 132 2.76 17.48 27.33
N ALA C 133 1.70 17.56 26.53
CA ALA C 133 0.88 18.76 26.48
C ALA C 133 -0.11 18.82 27.64
N PRO C 134 -0.47 20.02 28.10
CA PRO C 134 -1.51 20.13 29.12
C PRO C 134 -2.89 19.87 28.52
N SER C 135 -3.63 18.95 29.15
CA SER C 135 -4.88 18.40 28.61
C SER C 135 -5.92 18.24 29.72
N SER C 136 -6.17 19.31 30.47
CA SER C 136 -6.98 19.28 31.69
C SER C 136 -6.35 18.44 32.77
N LYS C 137 -5.04 18.21 32.67
CA LYS C 137 -4.23 17.65 33.76
C LYS C 137 -3.73 18.79 34.63
N SER C 138 -4.67 19.30 35.41
CA SER C 138 -4.51 20.50 36.20
C SER C 138 -4.92 20.20 37.63
N THR C 139 -4.34 20.92 38.57
CA THR C 139 -4.77 20.91 39.96
C THR C 139 -4.98 22.38 40.37
N SER C 140 -6.24 22.79 40.43
CA SER C 140 -6.66 24.16 40.76
C SER C 140 -6.13 25.07 39.65
N THR C 143 -2.91 25.35 38.92
CA THR C 143 -1.68 24.75 38.43
C THR C 143 -1.98 23.87 37.22
N ALA C 144 -1.04 23.84 36.27
CA ALA C 144 -1.13 22.96 35.10
C ALA C 144 0.23 22.32 34.83
N ALA C 145 0.24 21.00 34.64
CA ALA C 145 1.48 20.30 34.33
C ALA C 145 1.68 20.17 32.82
N LEU C 146 2.94 20.23 32.40
CA LEU C 146 3.29 20.06 31.00
C LEU C 146 4.74 19.61 30.94
N GLY C 147 5.16 19.12 29.79
CA GLY C 147 6.54 18.69 29.68
C GLY C 147 6.91 18.22 28.29
N CYS C 148 8.07 17.55 28.23
CA CYS C 148 8.64 17.01 27.01
C CYS C 148 9.12 15.59 27.26
N LEU C 149 8.88 14.72 26.29
CA LEU C 149 9.32 13.32 26.36
C LEU C 149 10.49 13.16 25.42
N VAL C 150 11.66 12.89 25.98
CA VAL C 150 12.89 12.71 25.22
C VAL C 150 13.12 11.20 25.13
N LYS C 151 12.92 10.63 23.95
CA LYS C 151 12.88 9.18 23.81
C LYS C 151 13.86 8.71 22.74
N ASP C 152 14.42 7.52 22.97
CA ASP C 152 15.26 6.80 22.00
C ASP C 152 16.52 7.60 21.64
N TYR C 153 17.34 7.86 22.65
CA TYR C 153 18.63 8.48 22.45
C TYR C 153 19.72 7.65 23.13
N PHE C 154 20.92 7.72 22.57
CA PHE C 154 22.08 7.02 23.08
C PHE C 154 23.33 7.74 22.63
N PRO C 155 24.34 7.92 23.48
CA PRO C 155 24.33 7.51 24.89
C PRO C 155 23.86 8.65 25.77
N GLU C 156 23.99 8.51 27.08
CA GLU C 156 23.77 9.63 27.98
C GLU C 156 24.98 10.55 27.93
N PRO C 157 24.82 11.83 28.32
CA PRO C 157 23.62 12.49 28.85
C PRO C 157 22.89 13.45 27.89
N VAL C 158 21.57 13.59 28.06
CA VAL C 158 20.86 14.76 27.55
C VAL C 158 20.61 15.69 28.71
N THR C 159 20.68 16.98 28.45
CA THR C 159 20.31 18.00 29.43
C THR C 159 19.09 18.75 28.91
N VAL C 160 18.27 19.23 29.84
CA VAL C 160 17.00 19.86 29.50
C VAL C 160 16.88 21.18 30.26
N SER C 161 16.54 22.25 29.55
CA SER C 161 16.18 23.51 30.17
C SER C 161 14.83 23.94 29.61
N TRP C 162 14.19 24.86 30.33
CA TRP C 162 12.89 25.37 29.92
C TRP C 162 13.02 26.85 29.63
N ASN C 163 12.66 27.25 28.40
CA ASN C 163 12.65 28.65 27.98
C ASN C 163 14.03 29.29 28.17
N SER C 164 15.06 28.54 27.75
CA SER C 164 16.45 28.98 27.81
C SER C 164 16.88 29.31 29.24
N GLY C 165 16.34 28.57 30.21
CA GLY C 165 16.74 28.70 31.59
C GLY C 165 15.98 29.74 32.39
N ALA C 166 15.08 30.50 31.75
CA ALA C 166 14.28 31.46 32.50
C ALA C 166 13.29 30.76 33.43
N LEU C 167 12.75 29.63 32.99
CA LEU C 167 11.80 28.86 33.78
C LEU C 167 12.56 27.80 34.58
N THR C 168 12.78 28.06 35.86
CA THR C 168 13.43 27.09 36.73
C THR C 168 12.52 26.54 37.82
N SER C 169 11.51 27.29 38.24
CA SER C 169 10.71 26.89 39.39
C SER C 169 9.70 25.81 38.99
N GLY C 170 9.64 24.74 39.78
CA GLY C 170 8.71 23.67 39.51
C GLY C 170 9.11 22.74 38.40
N VAL C 171 10.35 22.80 37.93
CA VAL C 171 10.81 21.86 36.92
C VAL C 171 11.22 20.57 37.61
N HIS C 172 10.97 19.46 36.94
CA HIS C 172 11.37 18.16 37.45
C HIS C 172 11.81 17.36 36.23
N THR C 173 13.12 17.21 36.07
CA THR C 173 13.68 16.37 35.03
C THR C 173 14.06 15.05 35.67
N PHE C 174 13.46 13.98 35.20
CA PHE C 174 13.63 12.67 35.82
C PHE C 174 14.89 11.99 35.31
N PRO C 175 15.49 11.09 36.09
CA PRO C 175 16.64 10.32 35.61
C PRO C 175 16.28 9.53 34.35
N ALA C 176 17.27 9.41 33.46
CA ALA C 176 17.10 8.64 32.25
C ALA C 176 16.92 7.17 32.57
N VAL C 177 16.14 6.49 31.73
CA VAL C 177 15.80 5.10 31.94
C VAL C 177 16.17 4.33 30.69
N LEU C 178 16.89 3.22 30.87
CA LEU C 178 17.30 2.39 29.75
C LEU C 178 16.14 1.48 29.35
N GLN C 179 15.77 1.52 28.08
CA GLN C 179 14.67 0.72 27.57
C GLN C 179 15.18 -0.58 26.95
N SER C 180 14.24 -1.49 26.67
CA SER C 180 14.58 -2.78 26.07
C SER C 180 15.27 -2.62 24.73
N SER C 181 15.06 -1.49 24.05
CA SER C 181 15.67 -1.22 22.76
C SER C 181 17.17 -0.95 22.87
N GLY C 182 17.70 -0.83 24.08
CA GLY C 182 19.06 -0.37 24.25
C GLY C 182 19.23 1.14 24.25
N LEU C 183 18.14 1.90 24.23
CA LEU C 183 18.19 3.36 24.16
C LEU C 183 17.58 3.95 25.42
N TYR C 184 18.06 5.13 25.79
CA TYR C 184 17.57 5.80 26.98
C TYR C 184 16.31 6.61 26.67
N SER C 185 15.54 6.86 27.72
CA SER C 185 14.31 7.61 27.65
C SER C 185 14.22 8.48 28.89
N LEU C 186 13.74 9.70 28.71
CA LEU C 186 13.74 10.69 29.78
C LEU C 186 12.54 11.62 29.56
N SER C 187 12.09 12.26 30.64
CA SER C 187 11.02 13.23 30.55
C SER C 187 11.28 14.36 31.53
N SER C 188 10.97 15.59 31.11
CA SER C 188 11.03 16.77 31.96
C SER C 188 9.64 17.39 32.03
N VAL C 189 9.23 17.77 33.24
CA VAL C 189 7.91 18.34 33.44
C VAL C 189 8.05 19.62 34.24
N VAL C 190 7.08 20.51 34.06
CA VAL C 190 7.01 21.77 34.79
C VAL C 190 5.54 22.08 35.06
N THR C 191 5.26 22.63 36.23
CA THR C 191 3.92 23.08 36.57
C THR C 191 3.85 24.60 36.46
N VAL C 192 2.86 25.08 35.72
CA VAL C 192 2.71 26.51 35.43
C VAL C 192 1.28 26.92 35.73
N PRO C 193 1.04 28.19 36.03
CA PRO C 193 -0.34 28.65 36.25
C PRO C 193 -1.20 28.38 35.02
N SER C 194 -2.40 27.84 35.25
CA SER C 194 -3.30 27.53 34.15
C SER C 194 -3.70 28.78 33.39
N SER C 195 -3.68 29.93 34.05
CA SER C 195 -3.96 31.21 33.39
C SER C 195 -2.91 31.59 32.36
N SER C 196 -1.73 30.94 32.37
CA SER C 196 -0.64 31.29 31.47
C SER C 196 -0.71 30.56 30.13
N LEU C 197 -1.49 29.48 30.04
CA LEU C 197 -1.38 28.60 28.88
C LEU C 197 -1.82 29.27 27.60
N GLY C 198 -2.53 30.39 27.68
CA GLY C 198 -2.91 31.11 26.48
C GLY C 198 -1.96 32.23 26.12
N THR C 199 -1.19 32.71 27.09
CA THR C 199 -0.29 33.86 26.92
C THR C 199 1.19 33.50 26.97
N GLN C 200 1.60 32.67 27.92
CA GLN C 200 3.01 32.32 28.11
C GLN C 200 3.41 31.17 27.20
N THR C 201 4.49 31.37 26.44
CA THR C 201 5.05 30.32 25.60
C THR C 201 6.01 29.46 26.43
N TYR C 202 5.85 28.15 26.35
CA TYR C 202 6.67 27.20 27.08
C TYR C 202 7.41 26.33 26.07
N ILE C 203 8.73 26.36 26.15
CA ILE C 203 9.59 25.64 25.22
C ILE C 203 10.63 24.88 26.03
N CYS C 204 10.85 23.63 25.65
CA CYS C 204 11.88 22.82 26.28
C CYS C 204 13.08 22.73 25.34
N ASN C 205 14.26 22.99 25.89
CA ASN C 205 15.51 22.95 25.15
C ASN C 205 16.26 21.69 25.56
N VAL C 206 16.48 20.80 24.61
CA VAL C 206 17.08 19.49 24.85
C VAL C 206 18.44 19.48 24.18
N ASN C 207 19.49 19.25 24.97
CA ASN C 207 20.86 19.20 24.46
C ASN C 207 21.41 17.79 24.63
N HIS C 208 21.81 17.18 23.53
CA HIS C 208 22.46 15.88 23.52
C HIS C 208 23.77 16.06 22.76
N LYS C 209 24.80 16.55 23.47
CA LYS C 209 26.09 16.75 22.82
C LYS C 209 26.74 15.46 22.35
N PRO C 210 26.51 14.28 22.95
CA PRO C 210 27.09 13.07 22.38
C PRO C 210 26.72 12.81 20.93
N SER C 211 25.55 13.29 20.48
CA SER C 211 25.14 13.17 19.10
C SER C 211 25.22 14.51 18.36
N ASN C 212 25.74 15.55 19.00
CA ASN C 212 25.84 16.88 18.42
C ASN C 212 24.48 17.37 17.94
N THR C 213 23.56 17.46 18.89
CA THR C 213 22.18 17.79 18.58
C THR C 213 21.62 18.72 19.64
N LYS C 214 20.91 19.74 19.19
CA LYS C 214 20.10 20.59 20.03
C LYS C 214 18.70 20.59 19.43
N VAL C 215 17.71 20.22 20.22
CA VAL C 215 16.33 20.20 19.79
C VAL C 215 15.55 21.15 20.69
N ASP C 216 14.79 22.06 20.09
CA ASP C 216 13.84 22.90 20.80
C ASP C 216 12.44 22.52 20.37
N LYS C 217 11.55 22.37 21.34
CA LYS C 217 10.18 21.95 21.07
C LYS C 217 9.27 22.88 21.85
N LYS C 218 8.38 23.57 21.14
CA LYS C 218 7.38 24.37 21.83
C LYS C 218 6.22 23.47 22.18
N VAL C 219 5.81 23.50 23.45
CA VAL C 219 4.74 22.65 23.95
C VAL C 219 3.50 23.53 24.08
N GLU C 220 2.47 23.22 23.29
CA GLU C 220 1.23 23.99 23.25
C GLU C 220 0.10 23.21 23.93
N PRO C 221 -0.88 23.89 24.51
CA PRO C 221 -1.96 23.18 25.21
C PRO C 221 -2.89 22.48 24.23
N LYS C 222 -3.46 21.37 24.68
CA LYS C 222 -4.53 20.72 23.94
C LYS C 222 -5.87 21.39 24.23
N SER C 223 -6.84 21.13 23.35
CA SER C 223 -8.18 21.69 23.53
C SER C 223 -9.18 20.66 24.03
N GLU D 1 42.02 -2.99 50.15
CA GLU D 1 42.63 -3.61 51.33
C GLU D 1 41.87 -3.21 52.60
N VAL D 2 41.97 -1.92 52.97
CA VAL D 2 41.23 -1.41 54.11
C VAL D 2 39.76 -1.34 53.72
N VAL D 3 38.94 -2.22 54.29
CA VAL D 3 37.52 -2.25 53.99
C VAL D 3 36.79 -1.38 55.00
N LEU D 4 36.08 -0.37 54.51
CA LEU D 4 35.26 0.51 55.33
C LEU D 4 33.82 0.08 55.23
N THR D 5 33.25 -0.37 56.34
CA THR D 5 31.86 -0.80 56.39
C THR D 5 31.02 0.27 57.09
N GLN D 6 29.97 0.74 56.41
CA GLN D 6 29.11 1.78 56.92
C GLN D 6 27.76 1.22 57.35
N SER D 7 27.21 1.80 58.41
CA SER D 7 25.89 1.47 58.91
C SER D 7 25.31 2.72 59.56
N PRO D 8 23.98 2.88 59.56
CA PRO D 8 23.04 1.98 58.88
C PRO D 8 23.02 2.26 57.39
N ALA D 9 22.43 1.39 56.58
CA ALA D 9 22.43 1.62 55.13
C ALA D 9 21.62 2.87 54.78
N ILE D 10 20.44 3.02 55.39
CA ILE D 10 19.56 4.16 55.15
C ILE D 10 19.08 4.69 56.48
N VAL D 11 19.22 5.99 56.70
CA VAL D 11 18.71 6.65 57.90
C VAL D 11 17.63 7.63 57.46
N SER D 12 16.45 7.49 58.04
CA SER D 12 15.35 8.40 57.78
C SER D 12 15.00 9.11 59.08
N LEU D 13 15.09 10.44 59.08
CA LEU D 13 14.85 11.21 60.30
C LEU D 13 14.22 12.55 59.97
N SER D 14 13.43 13.04 60.92
CA SER D 14 12.72 14.30 60.84
C SER D 14 13.67 15.47 61.10
N PRO D 15 13.41 16.64 60.52
CA PRO D 15 14.31 17.79 60.73
C PRO D 15 14.37 18.17 62.20
N GLY D 16 15.57 18.58 62.63
CA GLY D 16 15.83 18.93 64.01
C GLY D 16 16.33 17.80 64.87
N GLU D 17 16.33 16.57 64.38
CA GLU D 17 16.79 15.43 65.15
C GLU D 17 18.27 15.20 64.87
N ARG D 18 18.83 14.17 65.50
CA ARG D 18 20.25 13.88 65.43
C ARG D 18 20.49 12.60 64.65
N ALA D 19 21.38 12.67 63.66
CA ALA D 19 21.77 11.54 62.84
C ALA D 19 23.15 11.05 63.24
N THR D 20 23.27 9.76 63.53
CA THR D 20 24.56 9.15 63.81
C THR D 20 24.87 8.16 62.70
N LEU D 21 26.01 8.35 62.03
CA LEU D 21 26.44 7.50 60.93
C LEU D 21 27.78 6.88 61.29
N SER D 22 27.88 5.56 61.13
CA SER D 22 29.03 4.80 61.59
C SER D 22 29.84 4.26 60.41
N CYS D 23 31.15 4.16 60.61
CA CYS D 23 32.06 3.62 59.61
C CYS D 23 33.15 2.86 60.37
N ARG D 24 33.11 1.53 60.31
CA ARG D 24 34.14 0.70 60.89
C ARG D 24 35.11 0.23 59.81
N ALA D 25 36.39 0.23 60.15
CA ALA D 25 37.46 -0.11 59.23
C ALA D 25 38.03 -1.48 59.57
N SER D 26 38.52 -2.17 58.54
CA SER D 26 39.07 -3.52 58.74
C SER D 26 40.34 -3.49 59.57
N GLN D 27 41.20 -2.50 59.35
CA GLN D 27 42.38 -2.28 60.17
C GLN D 27 42.41 -0.84 60.64
N SER D 28 43.24 -0.56 61.64
CA SER D 28 43.34 0.79 62.18
C SER D 28 43.92 1.72 61.12
N VAL D 29 43.26 2.88 60.93
CA VAL D 29 43.74 3.89 60.01
C VAL D 29 44.12 5.18 60.75
N GLY D 30 44.26 5.10 62.07
CA GLY D 30 44.50 6.31 62.85
C GLY D 30 43.34 7.26 62.73
N SER D 31 43.64 8.55 62.65
CA SER D 31 42.62 9.56 62.43
C SER D 31 42.52 9.96 60.96
N ARG D 32 43.20 9.24 60.06
CA ARG D 32 43.21 9.57 58.64
C ARG D 32 41.93 9.09 57.96
N LEU D 33 40.81 9.68 58.38
CA LEU D 33 39.49 9.31 57.88
C LEU D 33 38.78 10.56 57.40
N ALA D 34 38.11 10.46 56.26
CA ALA D 34 37.39 11.58 55.65
C ALA D 34 35.94 11.19 55.40
N TRP D 35 35.07 12.18 55.41
CA TRP D 35 33.66 12.01 55.06
C TRP D 35 33.35 12.87 53.84
N HIS D 36 32.61 12.30 52.89
CA HIS D 36 32.16 13.04 51.71
C HIS D 36 30.64 13.00 51.63
N GLN D 37 30.05 14.13 51.21
CA GLN D 37 28.62 14.22 50.98
C GLN D 37 28.35 14.39 49.50
N GLN D 38 27.32 13.71 49.01
CA GLN D 38 26.97 13.74 47.59
C GLN D 38 25.47 13.72 47.43
N LYS D 39 24.91 14.75 46.82
CA LYS D 39 23.51 14.66 46.41
C LYS D 39 23.50 13.96 45.06
N PRO D 40 22.90 12.77 44.95
CA PRO D 40 23.07 11.96 43.74
C PRO D 40 22.64 12.71 42.48
N GLY D 41 23.48 12.63 41.45
CA GLY D 41 23.37 13.46 40.26
C GLY D 41 24.32 14.64 40.25
N LEU D 42 24.92 14.97 41.38
CA LEU D 42 25.90 16.04 41.49
C LEU D 42 27.23 15.46 41.97
N ALA D 43 28.30 16.24 41.78
CA ALA D 43 29.61 15.79 42.20
C ALA D 43 29.68 15.69 43.73
N PRO D 44 30.58 14.88 44.26
CA PRO D 44 30.77 14.82 45.70
C PRO D 44 31.51 16.03 46.23
N ARG D 45 31.38 16.23 47.54
CA ARG D 45 32.04 17.30 48.28
C ARG D 45 32.59 16.72 49.58
N VAL D 46 33.78 17.17 49.98
CA VAL D 46 34.34 16.77 51.26
C VAL D 46 33.60 17.49 52.39
N LEU D 47 33.38 16.78 53.49
CA LEU D 47 32.70 17.32 54.68
C LEU D 47 33.59 17.37 55.90
N ILE D 48 34.38 16.32 56.14
CA ILE D 48 35.24 16.20 57.31
C ILE D 48 36.56 15.59 56.87
N TYR D 49 37.64 16.11 57.41
CA TYR D 49 38.97 15.56 57.20
C TYR D 49 39.58 15.26 58.56
N ASP D 50 40.41 14.22 58.60
CA ASP D 50 41.12 13.81 59.82
C ASP D 50 40.14 13.46 60.94
N ALA D 51 38.96 12.99 60.56
CA ALA D 51 37.95 12.38 61.42
C ALA D 51 37.25 13.38 62.35
N SER D 52 37.77 14.61 62.44
CA SER D 52 37.23 15.55 63.43
C SER D 52 37.05 16.97 62.93
N ASN D 53 37.61 17.36 61.79
CA ASN D 53 37.70 18.75 61.39
C ASN D 53 36.83 19.01 60.18
N ARG D 54 35.96 20.02 60.29
CA ARG D 54 35.06 20.34 59.20
C ARG D 54 35.81 21.01 58.05
N ALA D 55 35.36 20.72 56.83
CA ALA D 55 35.95 21.29 55.63
C ALA D 55 35.47 22.73 55.47
N THR D 56 35.78 23.34 54.33
CA THR D 56 35.44 24.73 54.10
C THR D 56 33.96 24.86 53.77
N GLY D 57 33.28 25.76 54.47
CA GLY D 57 31.86 25.97 54.23
C GLY D 57 30.97 24.90 54.78
N ILE D 58 31.45 24.09 55.72
CA ILE D 58 30.64 23.06 56.35
C ILE D 58 30.06 23.64 57.64
N PRO D 59 28.73 23.72 57.78
CA PRO D 59 28.14 24.27 59.01
C PRO D 59 28.47 23.43 60.22
N ALA D 60 28.37 24.06 61.40
CA ALA D 60 28.80 23.43 62.64
C ALA D 60 27.92 22.25 63.05
N ARG D 61 26.76 22.07 62.45
CA ARG D 61 25.92 20.93 62.81
C ARG D 61 26.55 19.59 62.41
N PHE D 62 27.58 19.60 61.58
CA PHE D 62 28.31 18.39 61.21
C PHE D 62 29.47 18.19 62.17
N SER D 63 29.50 17.04 62.84
CA SER D 63 30.55 16.71 63.78
C SER D 63 31.10 15.33 63.45
N GLY D 64 32.41 15.18 63.59
CA GLY D 64 33.06 13.90 63.38
C GLY D 64 33.83 13.48 64.63
N SER D 65 33.80 12.19 64.93
CA SER D 65 34.58 11.65 66.04
C SER D 65 35.04 10.25 65.69
N GLY D 66 36.07 9.80 66.39
CA GLY D 66 36.57 8.45 66.24
C GLY D 66 38.06 8.43 65.96
N SER D 67 38.61 7.21 66.05
CA SER D 67 40.01 6.93 65.75
C SER D 67 40.20 5.43 65.75
N GLY D 68 41.20 4.97 65.01
CA GLY D 68 41.45 3.55 64.96
C GLY D 68 40.56 2.86 63.95
N THR D 69 39.47 2.27 64.43
CA THR D 69 38.57 1.52 63.56
C THR D 69 37.14 2.00 63.57
N ASP D 70 36.65 2.55 64.68
CA ASP D 70 35.25 2.96 64.80
C ASP D 70 35.16 4.47 64.64
N PHE D 71 34.40 4.91 63.64
CA PHE D 71 34.24 6.33 63.36
C PHE D 71 32.76 6.65 63.26
N THR D 72 32.39 7.84 63.72
CA THR D 72 31.01 8.30 63.69
C THR D 72 30.94 9.69 63.09
N LEU D 73 29.96 9.89 62.21
CA LEU D 73 29.57 11.21 61.73
C LEU D 73 28.25 11.56 62.37
N THR D 74 28.15 12.79 62.90
CA THR D 74 26.95 13.25 63.58
C THR D 74 26.49 14.56 62.98
N ILE D 75 25.22 14.61 62.57
CA ILE D 75 24.55 15.82 62.12
C ILE D 75 23.54 16.17 63.20
N SER D 76 23.85 17.21 63.98
CA SER D 76 23.16 17.42 65.26
C SER D 76 21.72 17.89 65.05
N SER D 77 21.53 18.88 64.18
CA SER D 77 20.18 19.37 63.84
C SER D 77 19.98 19.11 62.36
N ILE D 78 19.06 18.22 62.04
CA ILE D 78 18.87 17.78 60.67
C ILE D 78 18.09 18.85 59.90
N GLU D 79 18.49 19.11 58.67
CA GLU D 79 17.80 20.04 57.79
C GLU D 79 17.53 19.40 56.44
N PRO D 80 16.53 19.89 55.71
CA PRO D 80 16.19 19.25 54.43
C PRO D 80 17.33 19.18 53.43
N GLU D 81 18.20 20.20 53.38
CA GLU D 81 19.31 20.20 52.44
C GLU D 81 20.37 19.13 52.76
N ASP D 82 20.27 18.44 53.89
CA ASP D 82 21.19 17.37 54.24
C ASP D 82 20.78 16.03 53.63
N SER D 83 19.67 15.98 52.91
CA SER D 83 19.26 14.75 52.22
C SER D 83 20.28 14.43 51.14
N ALA D 84 21.09 13.41 51.37
CA ALA D 84 22.14 13.01 50.44
C ALA D 84 22.68 11.66 50.91
N VAL D 85 23.73 11.21 50.22
CA VAL D 85 24.45 10.00 50.55
C VAL D 85 25.83 10.40 51.06
N TYR D 86 26.26 9.77 52.16
CA TYR D 86 27.51 10.12 52.82
C TYR D 86 28.48 8.95 52.75
N TYR D 87 29.69 9.20 52.25
CA TYR D 87 30.73 8.20 52.11
C TYR D 87 31.87 8.53 53.06
N CYS D 88 32.32 7.53 53.80
CA CYS D 88 33.59 7.66 54.51
C CYS D 88 34.72 7.21 53.59
N GLN D 89 35.88 7.84 53.75
CA GLN D 89 37.06 7.55 52.94
C GLN D 89 38.31 7.65 53.80
N GLN D 90 39.16 6.64 53.74
CA GLN D 90 40.38 6.63 54.54
C GLN D 90 41.59 6.95 53.68
N ARG D 91 42.59 7.57 54.30
CA ARG D 91 43.91 7.77 53.68
C ARG D 91 45.03 7.16 54.53
N GLY D 92 44.71 6.31 55.50
CA GLY D 92 45.74 5.67 56.30
C GLY D 92 46.65 4.77 55.48
N ASP D 93 46.07 4.03 54.54
CA ASP D 93 46.85 3.26 53.57
C ASP D 93 47.12 4.08 52.30
N TRP D 94 47.69 5.29 52.46
CA TRP D 94 47.47 6.39 51.51
C TRP D 94 47.62 6.03 50.05
N PRO D 95 48.67 5.33 49.60
CA PRO D 95 48.72 5.03 48.16
C PRO D 95 47.47 4.30 47.70
N LEU D 96 46.89 3.45 48.56
CA LEU D 96 45.75 2.60 48.27
C LEU D 96 44.52 3.14 49.01
N ILE D 97 43.78 4.02 48.35
CA ILE D 97 42.62 4.66 48.96
C ILE D 97 41.40 3.75 48.79
N THR D 98 40.56 3.70 49.82
CA THR D 98 39.30 2.96 49.76
C THR D 98 38.15 3.85 50.22
N PHE D 99 36.96 3.51 49.76
CA PHE D 99 35.72 4.19 50.14
C PHE D 99 34.76 3.21 50.81
N GLY D 100 33.90 3.74 51.68
CA GLY D 100 32.77 2.97 52.15
C GLY D 100 31.68 2.85 51.10
N GLN D 101 30.68 2.02 51.40
CA GLN D 101 29.60 1.77 50.46
C GLN D 101 28.56 2.89 50.47
N GLY D 102 28.59 3.74 51.48
CA GLY D 102 27.69 4.87 51.53
C GLY D 102 26.49 4.65 52.43
N THR D 103 26.07 5.71 53.12
CA THR D 103 24.85 5.71 53.89
C THR D 103 23.97 6.87 53.43
N ARG D 104 22.70 6.58 53.17
CA ARG D 104 21.75 7.57 52.69
C ARG D 104 20.91 8.11 53.83
N LEU D 105 20.75 9.43 53.87
CA LEU D 105 19.95 10.11 54.87
C LEU D 105 18.71 10.68 54.20
N GLU D 106 17.54 10.26 54.65
CA GLU D 106 16.26 10.74 54.13
C GLU D 106 15.59 11.64 55.15
N ILE D 107 15.12 12.80 54.70
CA ILE D 107 14.45 13.76 55.56
C ILE D 107 12.97 13.39 55.63
N LYS D 108 12.48 13.14 56.84
CA LYS D 108 11.05 12.87 57.04
C LYS D 108 10.28 14.18 57.07
N ARG D 109 9.18 14.24 56.32
CA ARG D 109 8.30 15.39 56.31
C ARG D 109 6.86 14.91 56.49
N THR D 110 5.95 15.84 56.69
CA THR D 110 4.54 15.50 56.78
C THR D 110 4.11 14.76 55.52
N VAL D 111 3.31 13.70 55.69
CA VAL D 111 2.93 12.87 54.55
C VAL D 111 2.18 13.73 53.55
N ALA D 112 2.61 13.67 52.28
CA ALA D 112 2.00 14.42 51.19
C ALA D 112 1.58 13.45 50.10
N ALA D 113 0.31 13.53 49.71
CA ALA D 113 -0.20 12.64 48.67
C ALA D 113 0.27 13.10 47.30
N PRO D 114 0.58 12.18 46.39
CA PRO D 114 0.98 12.59 45.04
C PRO D 114 -0.15 13.31 44.30
N SER D 115 0.22 14.40 43.62
CA SER D 115 -0.62 14.93 42.56
C SER D 115 -0.43 14.06 41.33
N VAL D 116 -1.53 13.62 40.72
CA VAL D 116 -1.48 12.62 39.66
C VAL D 116 -1.95 13.23 38.36
N PHE D 117 -1.08 13.18 37.35
CA PHE D 117 -1.38 13.70 36.02
C PHE D 117 -1.12 12.61 34.99
N ILE D 118 -1.88 12.65 33.91
CA ILE D 118 -1.80 11.65 32.85
C ILE D 118 -1.64 12.37 31.52
N PHE D 119 -0.72 11.87 30.70
CA PHE D 119 -0.39 12.48 29.42
C PHE D 119 -0.64 11.47 28.32
N PRO D 120 -1.68 11.64 27.51
CA PRO D 120 -1.86 10.77 26.36
C PRO D 120 -0.70 10.93 25.39
N PRO D 121 -0.43 9.91 24.58
CA PRO D 121 0.64 10.04 23.58
C PRO D 121 0.35 11.14 22.57
N SER D 122 1.40 11.78 22.09
CA SER D 122 1.25 12.80 21.06
C SER D 122 1.00 12.14 19.70
N ASP D 123 0.23 12.84 18.86
CA ASP D 123 -0.10 12.32 17.54
C ASP D 123 1.14 12.10 16.70
N GLU D 124 2.18 12.91 16.91
CA GLU D 124 3.41 12.74 16.14
C GLU D 124 4.05 11.38 16.40
N GLN D 125 4.08 10.95 17.67
CA GLN D 125 4.73 9.67 17.99
C GLN D 125 3.95 8.48 17.43
N LEU D 126 2.62 8.55 17.44
CA LEU D 126 1.83 7.45 16.90
C LEU D 126 2.18 7.21 15.44
N LYS D 127 2.41 8.27 14.67
CA LYS D 127 2.77 8.13 13.26
C LYS D 127 4.00 7.25 13.10
N SER D 128 4.92 7.28 14.07
CA SER D 128 6.12 6.44 14.06
C SER D 128 5.85 4.99 14.42
N GLY D 129 4.67 4.68 14.98
CA GLY D 129 4.33 3.31 15.31
C GLY D 129 4.39 2.96 16.78
N THR D 130 4.64 3.92 17.66
CA THR D 130 4.80 3.66 19.08
C THR D 130 3.95 4.65 19.88
N ALA D 131 3.29 4.16 20.92
CA ALA D 131 2.50 5.00 21.81
C ALA D 131 3.14 4.98 23.19
N SER D 132 3.51 6.17 23.69
CA SER D 132 3.99 6.35 25.06
C SER D 132 2.90 7.09 25.83
N VAL D 133 2.45 6.50 26.92
CA VAL D 133 1.54 7.14 27.85
C VAL D 133 2.32 7.41 29.13
N VAL D 134 2.26 8.64 29.62
CA VAL D 134 3.03 9.07 30.78
C VAL D 134 2.10 9.38 31.93
N CYS D 135 2.39 8.79 33.08
CA CYS D 135 1.73 9.10 34.34
C CYS D 135 2.73 9.82 35.23
N LEU D 136 2.33 10.94 35.82
CA LEU D 136 3.22 11.75 36.64
C LEU D 136 2.67 11.84 38.05
N LEU D 137 3.54 11.59 39.03
CA LEU D 137 3.23 11.68 40.44
C LEU D 137 4.16 12.73 41.03
N ASN D 138 3.60 13.85 41.47
CA ASN D 138 4.37 15.04 41.78
C ASN D 138 4.24 15.39 43.26
N ASN D 139 5.39 15.64 43.90
CA ASN D 139 5.48 16.21 45.24
C ASN D 139 4.72 15.34 46.26
N PHE D 140 5.26 14.14 46.47
CA PHE D 140 4.71 13.20 47.43
C PHE D 140 5.79 12.76 48.41
N TYR D 141 5.32 12.31 49.59
CA TYR D 141 6.13 11.74 50.65
C TYR D 141 5.22 10.85 51.50
N PRO D 142 5.65 9.63 51.86
CA PRO D 142 6.98 9.01 51.69
C PRO D 142 7.22 8.48 50.28
N ARG D 143 8.40 7.89 50.06
CA ARG D 143 8.79 7.47 48.71
C ARG D 143 7.98 6.28 48.20
N GLU D 144 7.56 5.37 49.09
CA GLU D 144 6.89 4.14 48.66
C GLU D 144 5.61 4.49 47.91
N ALA D 145 5.50 3.96 46.69
CA ALA D 145 4.34 4.20 45.85
C ALA D 145 4.18 3.04 44.88
N LYS D 146 2.94 2.64 44.67
CA LYS D 146 2.62 1.59 43.72
C LYS D 146 1.89 2.23 42.54
N VAL D 147 2.42 2.05 41.34
CA VAL D 147 1.80 2.57 40.13
C VAL D 147 1.44 1.40 39.23
N GLN D 148 0.16 1.23 38.96
CA GLN D 148 -0.34 0.14 38.13
C GLN D 148 -1.08 0.70 36.93
N TRP D 149 -0.67 0.27 35.75
CA TRP D 149 -1.35 0.64 34.51
C TRP D 149 -2.43 -0.39 34.19
N LYS D 150 -3.59 0.11 33.79
CA LYS D 150 -4.69 -0.72 33.31
C LYS D 150 -5.11 -0.19 31.94
N VAL D 151 -5.14 -1.07 30.95
CA VAL D 151 -5.63 -0.74 29.61
C VAL D 151 -6.93 -1.52 29.43
N ASP D 152 -8.05 -0.80 29.44
CA ASP D 152 -9.37 -1.40 29.36
C ASP D 152 -9.56 -2.44 30.47
N ASN D 153 -9.16 -2.04 31.69
CA ASN D 153 -9.27 -2.82 32.92
C ASN D 153 -8.30 -3.99 32.98
N ALA D 154 -7.58 -4.25 31.89
CA ALA D 154 -6.58 -5.30 31.88
C ALA D 154 -5.29 -4.78 32.49
N LEU D 155 -4.76 -5.51 33.47
CA LEU D 155 -3.56 -5.08 34.18
C LEU D 155 -2.32 -5.33 33.33
N GLN D 156 -1.44 -4.33 33.30
CA GLN D 156 -0.23 -4.36 32.49
C GLN D 156 0.99 -4.73 33.34
N SER D 157 2.00 -5.27 32.69
CA SER D 157 3.29 -5.55 33.29
C SER D 157 4.28 -5.88 32.18
N GLY D 158 5.50 -5.38 32.32
CA GLY D 158 6.53 -5.58 31.32
C GLY D 158 6.57 -4.55 30.22
N ASN D 159 5.61 -3.63 30.15
CA ASN D 159 5.59 -2.57 29.14
C ASN D 159 5.63 -1.18 29.76
N SER D 160 6.07 -1.09 31.02
CA SER D 160 6.12 0.18 31.73
C SER D 160 7.43 0.30 32.47
N GLN D 161 7.88 1.53 32.65
CA GLN D 161 9.13 1.82 33.35
C GLN D 161 8.94 3.08 34.16
N GLU D 162 9.57 3.11 35.33
CA GLU D 162 9.37 4.17 36.31
C GLU D 162 10.68 4.88 36.57
N SER D 163 10.58 6.19 36.78
CA SER D 163 11.71 7.04 37.15
C SER D 163 11.28 7.92 38.31
N VAL D 164 12.17 8.11 39.28
CA VAL D 164 11.89 8.88 40.48
C VAL D 164 13.03 9.89 40.68
N THR D 165 12.67 11.12 41.04
CA THR D 165 13.71 12.10 41.33
C THR D 165 14.30 11.85 42.72
N GLU D 166 15.51 12.37 42.94
CA GLU D 166 16.06 12.38 44.28
C GLU D 166 15.22 13.31 45.16
N GLN D 167 15.21 13.04 46.46
CA GLN D 167 14.43 13.88 47.36
C GLN D 167 14.86 15.34 47.25
N ASP D 168 13.89 16.22 47.13
CA ASP D 168 14.20 17.64 47.02
C ASP D 168 14.77 18.16 48.34
N SER D 169 15.69 19.10 48.23
CA SER D 169 16.38 19.63 49.40
C SER D 169 15.63 20.76 50.09
N LYS D 170 14.52 21.23 49.53
CA LYS D 170 13.74 22.26 50.21
C LYS D 170 12.41 21.75 50.73
N ASP D 171 11.65 21.00 49.91
CA ASP D 171 10.37 20.48 50.34
C ASP D 171 10.42 19.02 50.77
N SER D 172 11.54 18.34 50.55
CA SER D 172 11.76 16.95 50.99
C SER D 172 10.80 15.96 50.31
N THR D 173 10.21 16.33 49.19
CA THR D 173 9.29 15.44 48.49
C THR D 173 9.98 14.76 47.33
N TYR D 174 9.31 13.77 46.78
CA TYR D 174 9.77 13.02 45.62
C TYR D 174 8.79 13.25 44.47
N SER D 175 9.27 12.99 43.27
CA SER D 175 8.40 12.98 42.10
C SER D 175 8.72 11.74 41.28
N LEU D 176 7.71 11.26 40.56
CA LEU D 176 7.84 10.01 39.85
C LEU D 176 7.09 10.06 38.54
N SER D 177 7.67 9.45 37.52
CA SER D 177 7.02 9.29 36.22
C SER D 177 6.93 7.81 35.91
N SER D 178 5.81 7.38 35.35
CA SER D 178 5.66 6.03 34.85
C SER D 178 5.25 6.10 33.39
N THR D 179 5.96 5.37 32.54
CA THR D 179 5.75 5.43 31.10
C THR D 179 5.32 4.06 30.60
N LEU D 180 4.15 4.00 29.96
CA LEU D 180 3.65 2.78 29.33
C LEU D 180 3.89 2.84 27.83
N THR D 181 4.67 1.89 27.32
CA THR D 181 4.98 1.81 25.90
C THR D 181 4.05 0.81 25.23
N LEU D 182 3.29 1.27 24.24
CA LEU D 182 2.40 0.44 23.46
C LEU D 182 2.68 0.64 21.98
N SER D 183 2.39 -0.38 21.20
CA SER D 183 2.39 -0.22 19.75
C SER D 183 1.17 0.61 19.34
N LYS D 184 1.27 1.23 18.17
CA LYS D 184 0.15 2.02 17.67
C LYS D 184 -1.08 1.16 17.49
N ALA D 185 -0.90 -0.07 17.00
CA ALA D 185 -2.05 -0.95 16.79
C ALA D 185 -2.76 -1.23 18.11
N ASP D 186 -2.01 -1.53 19.17
CA ASP D 186 -2.63 -1.80 20.47
C ASP D 186 -3.27 -0.54 21.03
N TYR D 187 -2.60 0.61 20.91
CA TYR D 187 -3.18 1.83 21.44
C TYR D 187 -4.50 2.17 20.76
N GLU D 188 -4.60 1.92 19.45
CA GLU D 188 -5.79 2.31 18.71
C GLU D 188 -6.93 1.31 18.84
N LYS D 189 -6.73 0.18 19.54
CA LYS D 189 -7.79 -0.77 19.82
C LYS D 189 -8.57 -0.40 21.08
N HIS D 190 -7.87 -0.14 22.18
CA HIS D 190 -8.52 0.07 23.46
C HIS D 190 -8.82 1.56 23.69
N LYS D 191 -9.75 1.82 24.63
CA LYS D 191 -10.19 3.18 24.89
C LYS D 191 -9.73 3.71 26.23
N VAL D 192 -9.87 2.92 27.30
CA VAL D 192 -9.62 3.41 28.65
C VAL D 192 -8.18 3.11 29.04
N TYR D 193 -7.41 4.16 29.31
CA TYR D 193 -6.02 4.07 29.74
C TYR D 193 -5.96 4.65 31.16
N ALA D 194 -5.68 3.78 32.13
CA ALA D 194 -5.81 4.16 33.53
C ALA D 194 -4.53 3.87 34.29
N CYS D 195 -4.17 4.79 35.17
CA CYS D 195 -2.96 4.72 35.98
C CYS D 195 -3.41 4.71 37.43
N GLU D 196 -3.21 3.59 38.13
CA GLU D 196 -3.67 3.44 39.51
C GLU D 196 -2.49 3.63 40.46
N VAL D 197 -2.69 4.48 41.48
CA VAL D 197 -1.63 4.86 42.41
C VAL D 197 -2.04 4.45 43.81
N THR D 198 -1.14 3.77 44.52
CA THR D 198 -1.33 3.44 45.92
C THR D 198 -0.25 4.14 46.74
N HIS D 199 -0.66 4.89 47.74
CA HIS D 199 0.26 5.70 48.53
C HIS D 199 -0.36 5.93 49.91
N GLN D 200 0.51 6.17 50.89
CA GLN D 200 0.06 6.29 52.27
C GLN D 200 -0.90 7.45 52.44
N GLY D 201 -0.65 8.58 51.77
CA GLY D 201 -1.50 9.74 51.91
C GLY D 201 -2.85 9.62 51.24
N LEU D 202 -3.06 8.58 50.44
CA LEU D 202 -4.34 8.28 49.85
C LEU D 202 -4.97 7.14 50.63
N SER D 203 -6.12 7.39 51.25
CA SER D 203 -6.79 6.35 52.01
C SER D 203 -7.16 5.17 51.12
N SER D 204 -7.63 5.45 49.91
CA SER D 204 -7.94 4.45 48.92
C SER D 204 -7.14 4.71 47.64
N PRO D 205 -6.81 3.66 46.89
CA PRO D 205 -6.07 3.86 45.63
C PRO D 205 -6.83 4.78 44.67
N VAL D 206 -6.06 5.63 43.99
CA VAL D 206 -6.60 6.65 43.09
C VAL D 206 -6.27 6.26 41.66
N THR D 207 -7.28 6.24 40.80
CA THR D 207 -7.13 5.89 39.39
C THR D 207 -7.36 7.13 38.55
N LYS D 208 -6.30 7.63 37.91
CA LYS D 208 -6.40 8.74 36.97
C LYS D 208 -6.36 8.18 35.55
N SER D 209 -7.31 8.60 34.73
CA SER D 209 -7.55 7.93 33.47
C SER D 209 -7.89 8.94 32.38
N PHE D 210 -7.74 8.50 31.13
CA PHE D 210 -8.32 9.17 29.97
C PHE D 210 -8.84 8.11 29.02
N ASN D 211 -9.75 8.52 28.14
CA ASN D 211 -10.31 7.66 27.11
C ASN D 211 -9.82 8.14 25.75
N ARG D 212 -9.33 7.22 24.93
CA ARG D 212 -8.85 7.58 23.61
C ARG D 212 -9.97 8.17 22.77
N GLY D 213 -9.74 9.36 22.22
CA GLY D 213 -10.80 10.12 21.58
C GLY D 213 -11.72 10.86 22.54
N GLU D 214 -11.37 10.88 23.82
CA GLU D 214 -12.16 11.51 24.87
C GLU D 214 -13.62 11.07 24.85
N GLN E 1 7.60 50.49 6.08
CA GLN E 1 6.56 51.09 5.26
C GLN E 1 5.36 50.13 5.13
N VAL E 2 4.96 49.87 3.88
CA VAL E 2 3.79 49.03 3.63
C VAL E 2 4.14 47.58 3.94
N GLN E 3 3.28 46.92 4.71
CA GLN E 3 3.48 45.51 5.04
C GLN E 3 2.14 44.80 5.04
N LEU E 4 2.15 43.58 4.50
CA LEU E 4 0.97 42.74 4.41
C LEU E 4 1.38 41.33 4.87
N VAL E 5 0.97 40.97 6.09
CA VAL E 5 1.41 39.74 6.74
C VAL E 5 0.21 38.81 6.89
N GLU E 6 0.28 37.65 6.23
CA GLU E 6 -0.74 36.62 6.38
C GLU E 6 -0.35 35.63 7.47
N SER E 7 -1.34 35.17 8.22
CA SER E 7 -1.12 34.16 9.25
C SER E 7 -2.28 33.18 9.27
N GLY E 8 -2.02 32.00 9.84
CA GLY E 8 -3.03 31.00 10.09
C GLY E 8 -2.90 29.73 9.27
N GLY E 9 -1.91 29.64 8.41
CA GLY E 9 -1.75 28.45 7.59
C GLY E 9 -1.28 27.26 8.40
N GLY E 10 -1.35 26.10 7.77
CA GLY E 10 -0.99 24.86 8.42
C GLY E 10 -1.72 23.69 7.79
N VAL E 11 -1.54 22.54 8.38
CA VAL E 11 -2.22 21.33 7.93
C VAL E 11 -3.64 21.33 8.50
N VAL E 12 -4.60 20.92 7.67
CA VAL E 12 -6.00 20.82 8.05
C VAL E 12 -6.57 19.55 7.42
N HIS E 13 -7.42 18.85 8.15
CA HIS E 13 -7.96 17.57 7.68
C HIS E 13 -8.96 17.80 6.54
N PRO E 14 -9.03 16.87 5.59
CA PRO E 14 -10.03 16.98 4.51
C PRO E 14 -11.43 17.11 5.07
N GLY E 15 -12.19 18.05 4.51
CA GLY E 15 -13.51 18.37 5.01
C GLY E 15 -13.55 19.31 6.20
N GLY E 16 -12.39 19.67 6.76
CA GLY E 16 -12.34 20.57 7.89
C GLY E 16 -12.31 22.02 7.46
N SER E 17 -12.01 22.88 8.42
CA SER E 17 -12.05 24.32 8.24
C SER E 17 -10.80 24.98 8.81
N LEU E 18 -10.50 26.16 8.30
CA LEU E 18 -9.31 26.91 8.68
C LEU E 18 -9.57 28.39 8.44
N ARG E 19 -9.11 29.24 9.37
CA ARG E 19 -9.30 30.68 9.27
C ARG E 19 -7.95 31.36 9.01
N LEU E 20 -7.86 32.06 7.88
CA LEU E 20 -6.65 32.79 7.51
C LEU E 20 -6.84 34.26 7.86
N SER E 21 -5.77 34.89 8.31
CA SER E 21 -5.78 36.31 8.67
C SER E 21 -4.69 37.05 7.90
N CYS E 22 -4.99 38.31 7.57
CA CYS E 22 -4.02 39.23 6.97
C CYS E 22 -3.99 40.51 7.78
N ALA E 23 -2.80 40.89 8.25
CA ALA E 23 -2.59 42.14 8.95
C ALA E 23 -1.90 43.14 8.03
N ALA E 24 -2.48 44.33 7.91
CA ALA E 24 -1.98 45.37 7.01
C ALA E 24 -1.38 46.50 7.83
N SER E 25 -0.20 46.97 7.40
CA SER E 25 0.41 48.16 7.96
C SER E 25 1.07 48.97 6.84
N GLY E 26 1.12 50.29 7.04
CA GLY E 26 1.79 51.18 6.12
C GLY E 26 0.90 51.85 5.09
N PHE E 27 -0.41 51.67 5.16
CA PHE E 27 -1.31 52.33 4.22
C PHE E 27 -2.70 52.39 4.85
N THR E 28 -3.59 53.10 4.16
CA THR E 28 -4.97 53.29 4.64
C THR E 28 -5.78 52.08 4.20
N PHE E 29 -5.82 51.09 5.10
CA PHE E 29 -6.49 49.82 4.83
C PHE E 29 -7.95 50.03 4.39
N SER E 30 -8.67 50.91 5.10
CA SER E 30 -10.08 51.12 4.81
C SER E 30 -10.35 51.65 3.40
N ASP E 31 -9.32 52.19 2.73
CA ASP E 31 -9.46 52.71 1.37
C ASP E 31 -9.36 51.65 0.29
N PHE E 32 -8.77 50.50 0.59
CA PHE E 32 -8.41 49.52 -0.43
C PHE E 32 -9.30 48.28 -0.33
N ALA E 33 -9.72 47.78 -1.48
CA ALA E 33 -10.25 46.43 -1.56
C ALA E 33 -9.12 45.42 -1.39
N MET E 34 -9.43 44.28 -0.77
CA MET E 34 -8.45 43.27 -0.43
C MET E 34 -8.78 41.94 -1.09
N ASN E 35 -7.78 41.29 -1.67
CA ASN E 35 -7.95 40.05 -2.41
C ASN E 35 -7.21 38.91 -1.72
N TRP E 36 -7.65 37.70 -2.03
CA TRP E 36 -6.92 36.48 -1.73
C TRP E 36 -6.53 35.82 -3.04
N VAL E 37 -5.24 35.53 -3.21
CA VAL E 37 -4.72 34.82 -4.36
C VAL E 37 -4.02 33.58 -3.85
N ARG E 38 -4.18 32.46 -4.54
CA ARG E 38 -3.54 31.22 -4.13
C ARG E 38 -2.74 30.63 -5.27
N GLN E 39 -1.73 29.85 -4.89
CA GLN E 39 -0.77 29.29 -5.83
C GLN E 39 -0.44 27.88 -5.35
N ALA E 40 -0.86 26.87 -6.09
CA ALA E 40 -0.45 25.51 -5.77
C ALA E 40 1.03 25.37 -6.10
N PRO E 41 1.87 24.96 -5.16
CA PRO E 41 3.32 24.85 -5.43
C PRO E 41 3.57 24.08 -6.72
N GLY E 42 4.51 24.58 -7.51
CA GLY E 42 4.75 24.09 -8.84
C GLY E 42 3.86 24.68 -9.93
N GLU E 43 2.95 25.60 -9.60
CA GLU E 43 1.99 26.10 -10.57
C GLU E 43 1.88 27.62 -10.42
N GLY E 44 0.88 28.21 -11.09
CA GLY E 44 0.75 29.64 -11.19
C GLY E 44 -0.29 30.23 -10.24
N LEU E 45 -0.45 31.55 -10.34
CA LEU E 45 -1.37 32.28 -9.48
C LEU E 45 -2.81 32.08 -9.92
N GLN E 46 -3.72 31.99 -8.95
CA GLN E 46 -5.15 31.83 -9.22
C GLN E 46 -5.93 32.69 -8.24
N TRP E 47 -6.73 33.61 -8.77
CA TRP E 47 -7.51 34.53 -7.94
C TRP E 47 -8.62 33.79 -7.21
N VAL E 48 -8.86 34.17 -5.96
CA VAL E 48 -9.77 33.43 -5.08
C VAL E 48 -10.93 34.29 -4.58
N ALA E 49 -10.63 35.42 -3.95
CA ALA E 49 -11.70 36.20 -3.33
C ALA E 49 -11.32 37.68 -3.29
N ILE E 50 -12.36 38.52 -3.17
CA ILE E 50 -12.23 39.98 -3.05
C ILE E 50 -13.22 40.47 -2.00
N ILE E 51 -12.79 41.41 -1.18
CA ILE E 51 -13.66 42.07 -0.20
C ILE E 51 -13.49 43.58 -0.37
N SER E 52 -14.61 44.27 -0.55
CA SER E 52 -14.57 45.71 -0.86
C SER E 52 -13.96 46.50 0.30
N TYR E 53 -13.76 47.80 0.02
CA TYR E 53 -13.14 48.69 1.01
C TYR E 53 -13.98 48.78 2.29
N ASP E 54 -15.30 48.80 2.16
CA ASP E 54 -16.19 48.91 3.30
C ASP E 54 -16.66 47.56 3.84
N GLY E 55 -16.56 46.50 3.04
CA GLY E 55 -16.99 45.17 3.46
C GLY E 55 -18.39 44.79 3.05
N ARG E 56 -19.10 45.62 2.28
CA ARG E 56 -20.47 45.33 1.85
C ARG E 56 -20.54 44.47 0.61
N ASN E 57 -19.43 44.26 -0.09
CA ASN E 57 -19.44 43.56 -1.36
C ASN E 57 -18.33 42.54 -1.35
N LYS E 58 -18.67 41.31 -1.76
CA LYS E 58 -17.74 40.19 -1.74
C LYS E 58 -17.97 39.36 -2.99
N HIS E 59 -16.90 38.87 -3.59
CA HIS E 59 -17.03 37.92 -4.69
C HIS E 59 -16.03 36.78 -4.54
N PHE E 60 -16.50 35.56 -4.81
CA PHE E 60 -15.70 34.36 -4.70
C PHE E 60 -15.59 33.67 -6.05
N ALA E 61 -14.38 33.21 -6.39
CA ALA E 61 -14.21 32.32 -7.53
C ALA E 61 -15.12 31.12 -7.37
N ALA E 62 -15.51 30.54 -8.51
CA ALA E 62 -16.52 29.47 -8.51
C ALA E 62 -16.08 28.26 -7.69
N SER E 63 -14.80 27.88 -7.81
CA SER E 63 -14.33 26.65 -7.16
C SER E 63 -14.42 26.73 -5.64
N VAL E 64 -14.30 27.93 -5.06
CA VAL E 64 -14.41 28.08 -3.60
C VAL E 64 -15.73 28.68 -3.17
N ARG E 65 -16.54 29.19 -4.10
CA ARG E 65 -17.82 29.78 -3.74
C ARG E 65 -18.70 28.74 -3.03
N GLY E 66 -19.35 29.17 -1.95
CA GLY E 66 -20.14 28.30 -1.14
C GLY E 66 -19.39 27.64 0.01
N ARG E 67 -18.06 27.68 -0.02
CA ARG E 67 -17.24 27.10 1.04
C ARG E 67 -16.40 28.12 1.78
N PHE E 68 -16.00 29.20 1.11
CA PHE E 68 -15.15 30.22 1.73
C PHE E 68 -15.99 31.44 2.05
N THR E 69 -15.73 32.05 3.20
CA THR E 69 -16.31 33.34 3.56
C THR E 69 -15.18 34.34 3.82
N ILE E 70 -15.51 35.61 3.66
CA ILE E 70 -14.51 36.68 3.80
C ILE E 70 -15.06 37.73 4.74
N SER E 71 -14.16 38.42 5.43
CA SER E 71 -14.53 39.48 6.36
C SER E 71 -13.33 40.40 6.57
N ARG E 72 -13.60 41.57 7.13
CA ARG E 72 -12.53 42.54 7.35
C ARG E 72 -12.91 43.43 8.53
N ASP E 73 -11.90 43.83 9.30
CA ASP E 73 -12.06 44.83 10.35
C ASP E 73 -11.16 46.02 10.07
N ASN E 74 -11.74 47.10 9.55
CA ASN E 74 -10.98 48.32 9.32
C ASN E 74 -10.54 48.99 10.61
N SER E 75 -11.10 48.57 11.76
CA SER E 75 -10.67 49.12 13.04
C SER E 75 -9.31 48.56 13.45
N LYS E 76 -8.99 47.33 13.04
CA LYS E 76 -7.72 46.70 13.39
C LYS E 76 -6.82 46.47 12.18
N ASN E 77 -7.22 46.94 11.00
CA ASN E 77 -6.49 46.74 9.74
C ASN E 77 -6.16 45.26 9.53
N THR E 78 -7.18 44.41 9.69
CA THR E 78 -7.04 42.99 9.49
C THR E 78 -8.19 42.47 8.64
N MET E 79 -7.91 41.42 7.87
CA MET E 79 -8.89 40.75 7.03
C MET E 79 -8.84 39.26 7.30
N PHE E 80 -9.98 38.59 7.15
CA PHE E 80 -10.12 37.19 7.49
C PHE E 80 -10.68 36.40 6.32
N LEU E 81 -10.09 35.23 6.05
CA LEU E 81 -10.59 34.27 5.06
C LEU E 81 -10.92 32.97 5.80
N GLN E 82 -12.19 32.59 5.83
CA GLN E 82 -12.65 31.41 6.55
C GLN E 82 -12.96 30.30 5.55
N MET E 83 -12.09 29.30 5.50
CA MET E 83 -12.24 28.20 4.56
C MET E 83 -12.94 27.04 5.27
N SER E 84 -13.89 26.42 4.58
CA SER E 84 -14.59 25.25 5.11
C SER E 84 -14.72 24.20 4.02
N SER E 85 -15.10 22.98 4.41
CA SER E 85 -15.23 21.86 3.49
C SER E 85 -13.98 21.74 2.61
N LEU E 86 -12.83 21.82 3.26
CA LEU E 86 -11.56 21.81 2.55
C LEU E 86 -11.32 20.48 1.86
N ARG E 87 -10.79 20.56 0.65
CA ARG E 87 -10.48 19.38 -0.16
C ARG E 87 -9.07 19.53 -0.69
N ALA E 88 -8.64 18.54 -1.48
CA ALA E 88 -7.24 18.47 -1.91
C ALA E 88 -6.84 19.68 -2.76
N GLU E 89 -7.71 20.09 -3.69
CA GLU E 89 -7.39 21.19 -4.59
C GLU E 89 -7.17 22.51 -3.86
N ASP E 90 -7.49 22.60 -2.57
CA ASP E 90 -7.29 23.83 -1.83
C ASP E 90 -5.87 23.97 -1.29
N THR E 91 -5.05 22.93 -1.43
CA THR E 91 -3.68 22.96 -0.96
C THR E 91 -2.85 23.90 -1.83
N ALA E 92 -2.38 25.00 -1.24
CA ALA E 92 -1.72 26.05 -1.99
C ALA E 92 -1.10 27.04 -1.00
N ILE E 93 -0.23 27.90 -1.54
CA ILE E 93 0.22 29.09 -0.84
C ILE E 93 -0.83 30.18 -1.04
N TYR E 94 -1.28 30.79 0.06
CA TYR E 94 -2.32 31.80 0.01
C TYR E 94 -1.71 33.16 0.31
N TYR E 95 -1.81 34.08 -0.65
CA TYR E 95 -1.37 35.45 -0.47
C TYR E 95 -2.60 36.36 -0.37
N CYS E 96 -2.45 37.44 0.37
CA CYS E 96 -3.46 38.49 0.44
C CYS E 96 -2.88 39.73 -0.24
N ALA E 97 -3.70 40.45 -1.02
CA ALA E 97 -3.13 41.45 -1.91
C ALA E 97 -4.13 42.51 -2.33
N THR E 98 -3.59 43.67 -2.68
CA THR E 98 -4.30 44.72 -3.40
C THR E 98 -3.88 44.63 -4.86
N LEU E 99 -4.85 44.52 -5.77
CA LEU E 99 -4.56 44.17 -7.16
C LEU E 99 -4.94 45.28 -8.12
N GLY E 100 -4.77 46.52 -7.70
CA GLY E 100 -5.35 47.65 -8.40
C GLY E 100 -6.83 47.77 -8.08
N GLY E 101 -7.38 48.92 -8.39
CA GLY E 101 -8.79 49.11 -8.10
C GLY E 101 -9.65 49.03 -9.34
N TRP E 102 -10.72 49.80 -9.35
CA TRP E 102 -11.54 49.99 -10.54
C TRP E 102 -11.49 51.42 -11.06
N PHE E 103 -10.65 52.27 -10.47
CA PHE E 103 -10.50 53.65 -10.91
C PHE E 103 -9.68 53.71 -12.19
N GLU E 104 -9.76 54.85 -12.87
CA GLU E 104 -8.93 55.07 -14.05
C GLU E 104 -7.45 55.02 -13.69
N GLU E 105 -7.08 55.66 -12.58
CA GLU E 105 -5.73 55.54 -12.05
C GLU E 105 -5.64 54.30 -11.18
N ALA E 106 -4.67 53.44 -11.47
CA ALA E 106 -4.52 52.21 -10.71
C ALA E 106 -4.16 52.53 -9.26
N SER E 107 -4.87 51.91 -8.34
CA SER E 107 -4.50 51.99 -6.94
C SER E 107 -3.30 51.07 -6.67
N PRO E 108 -2.49 51.39 -5.66
CA PRO E 108 -1.23 50.65 -5.46
C PRO E 108 -1.45 49.16 -5.25
N THR E 109 -0.49 48.36 -5.76
CA THR E 109 -0.52 46.91 -5.65
C THR E 109 0.47 46.47 -4.59
N TYR E 110 -0.03 45.87 -3.52
CA TYR E 110 0.82 45.30 -2.48
C TYR E 110 0.59 43.80 -2.39
N TRP E 111 1.68 43.04 -2.24
CA TRP E 111 1.64 41.60 -2.10
C TRP E 111 2.06 41.18 -0.70
N GLY E 112 1.33 40.24 -0.12
CA GLY E 112 1.72 39.69 1.16
C GLY E 112 2.84 38.70 1.04
N ARG E 113 3.36 38.26 2.19
CA ARG E 113 4.43 37.28 2.19
C ARG E 113 3.93 35.89 1.78
N GLY E 114 2.72 35.54 2.16
CA GLY E 114 2.18 34.21 1.86
C GLY E 114 2.10 33.33 3.09
N THR E 115 1.05 32.51 3.14
CA THR E 115 0.87 31.50 4.18
C THR E 115 0.45 30.19 3.51
N LEU E 116 1.14 29.10 3.81
CA LEU E 116 0.87 27.83 3.17
C LEU E 116 -0.24 27.07 3.91
N VAL E 117 -1.15 26.47 3.15
CA VAL E 117 -2.23 25.65 3.68
C VAL E 117 -2.14 24.26 3.06
N THR E 118 -2.09 23.25 3.90
CA THR E 118 -1.99 21.86 3.45
C THR E 118 -3.26 21.13 3.84
N VAL E 119 -3.89 20.47 2.88
CA VAL E 119 -5.10 19.69 3.14
C VAL E 119 -4.69 18.23 3.06
N SER E 120 -4.52 17.60 4.22
CA SER E 120 -4.12 16.20 4.29
C SER E 120 -4.59 15.59 5.60
N SER E 121 -4.93 14.31 5.56
CA SER E 121 -5.28 13.56 6.76
C SER E 121 -4.07 13.11 7.55
N ALA E 122 -2.87 13.27 7.00
CA ALA E 122 -1.66 12.90 7.71
C ALA E 122 -1.42 13.84 8.89
N SER E 123 -0.67 13.35 9.86
CA SER E 123 -0.40 14.14 11.05
C SER E 123 0.95 14.85 10.94
N THR E 124 1.08 15.93 11.70
CA THR E 124 2.31 16.73 11.69
C THR E 124 3.43 15.97 12.38
N LYS E 125 4.56 15.82 11.68
CA LYS E 125 5.71 15.09 12.20
C LYS E 125 6.95 15.94 12.06
N GLY E 126 7.71 16.05 13.15
CA GLY E 126 8.94 16.81 13.16
C GLY E 126 10.03 16.16 12.34
N PRO E 127 11.06 16.94 11.99
CA PRO E 127 12.11 16.44 11.11
C PRO E 127 13.16 15.61 11.84
N SER E 128 13.63 14.57 11.17
CA SER E 128 14.85 13.86 11.52
C SER E 128 16.01 14.47 10.73
N VAL E 129 17.05 14.94 11.44
CA VAL E 129 18.15 15.67 10.80
C VAL E 129 19.42 14.82 10.86
N PHE E 130 19.90 14.39 9.70
CA PHE E 130 21.11 13.60 9.60
C PHE E 130 22.22 14.44 8.98
N PRO E 131 23.46 14.28 9.45
CA PRO E 131 24.56 15.06 8.87
C PRO E 131 24.96 14.53 7.50
N LEU E 132 25.32 15.46 6.62
CA LEU E 132 26.07 15.13 5.40
C LEU E 132 27.50 15.58 5.65
N ALA E 133 28.26 14.70 6.29
CA ALA E 133 29.59 15.05 6.78
C ALA E 133 30.54 15.31 5.61
N PRO E 134 31.45 16.26 5.74
CA PRO E 134 32.49 16.43 4.72
C PRO E 134 33.50 15.30 4.79
N SER E 135 33.92 14.85 3.61
CA SER E 135 34.82 13.73 3.39
C SER E 135 35.63 14.03 2.14
N SER E 136 36.10 13.00 1.45
CA SER E 136 36.86 13.19 0.22
C SER E 136 36.03 13.86 -0.88
N LYS E 137 34.82 14.34 -0.54
CA LYS E 137 34.04 15.21 -1.42
C LYS E 137 34.49 16.68 -1.33
N SER E 138 35.77 16.86 -1.60
CA SER E 138 36.37 18.18 -1.75
C SER E 138 36.78 18.34 -3.20
N THR E 139 36.65 19.55 -3.71
CA THR E 139 37.31 19.92 -4.95
C THR E 139 38.30 21.04 -4.64
N SER E 140 39.58 20.77 -4.84
CA SER E 140 40.67 21.70 -4.51
C SER E 140 40.57 22.01 -3.03
N THR E 143 37.98 23.72 -1.61
CA THR E 143 36.59 23.86 -1.20
C THR E 143 36.00 22.49 -0.85
N ALA E 144 35.16 22.47 0.18
CA ALA E 144 34.56 21.22 0.66
C ALA E 144 33.05 21.38 0.79
N ALA E 145 32.33 20.32 0.43
CA ALA E 145 30.87 20.30 0.50
C ALA E 145 30.42 19.54 1.74
N LEU E 146 29.59 20.19 2.55
CA LEU E 146 28.96 19.56 3.70
C LEU E 146 27.52 20.04 3.74
N GLY E 147 26.71 19.43 4.59
CA GLY E 147 25.30 19.75 4.58
C GLY E 147 24.51 18.88 5.54
N CYS E 148 23.19 19.03 5.46
CA CYS E 148 22.26 18.32 6.33
C CYS E 148 21.15 17.69 5.50
N LEU E 149 20.76 16.47 5.88
CA LEU E 149 19.65 15.75 5.27
C LEU E 149 18.48 15.80 6.25
N VAL E 150 17.45 16.58 5.91
CA VAL E 150 16.25 16.73 6.72
C VAL E 150 15.20 15.77 6.19
N LYS E 151 14.82 14.78 6.99
CA LYS E 151 14.07 13.64 6.48
C LYS E 151 12.81 13.40 7.32
N ASP E 152 11.76 12.94 6.63
CA ASP E 152 10.54 12.45 7.27
C ASP E 152 9.89 13.54 8.13
N TYR E 153 9.45 14.60 7.46
CA TYR E 153 8.68 15.65 8.11
C TYR E 153 7.44 15.94 7.29
N PHE E 154 6.47 16.54 7.95
CA PHE E 154 5.18 16.89 7.37
C PHE E 154 4.49 17.83 8.33
N PRO E 155 3.83 18.89 7.83
CA PRO E 155 3.84 19.30 6.44
C PRO E 155 5.01 20.24 6.15
N GLU E 156 5.05 20.81 4.95
CA GLU E 156 5.98 21.89 4.64
C GLU E 156 5.57 23.16 5.39
N PRO E 157 6.48 24.13 5.54
CA PRO E 157 7.90 24.14 5.14
C PRO E 157 8.90 24.02 6.28
N VAL E 158 10.14 23.66 5.95
CA VAL E 158 11.29 23.83 6.84
C VAL E 158 12.17 24.94 6.29
N THR E 159 12.74 25.75 7.19
CA THR E 159 13.74 26.76 6.83
C THR E 159 15.07 26.37 7.47
N VAL E 160 16.08 26.16 6.64
CA VAL E 160 17.41 25.75 7.09
C VAL E 160 18.35 26.95 6.94
N SER E 161 19.03 27.31 8.02
CA SER E 161 20.10 28.29 8.00
C SER E 161 21.38 27.61 8.45
N TRP E 162 22.48 28.36 8.44
CA TRP E 162 23.79 27.81 8.78
C TRP E 162 24.48 28.72 9.78
N ASN E 163 24.96 28.15 10.88
CA ASN E 163 25.63 28.89 11.94
C ASN E 163 24.79 30.10 12.37
N SER E 164 23.49 29.86 12.55
CA SER E 164 22.55 30.87 13.02
C SER E 164 22.45 32.06 12.06
N GLY E 165 22.65 31.80 10.76
CA GLY E 165 22.52 32.82 9.75
C GLY E 165 23.83 33.45 9.28
N ALA E 166 24.91 33.30 10.05
CA ALA E 166 26.18 33.93 9.68
C ALA E 166 26.72 33.38 8.36
N LEU E 167 26.65 32.06 8.18
CA LEU E 167 27.13 31.42 6.97
C LEU E 167 26.01 31.45 5.93
N THR E 168 26.19 32.26 4.89
CA THR E 168 25.19 32.39 3.84
C THR E 168 25.73 32.09 2.45
N SER E 169 26.92 32.55 2.10
CA SER E 169 27.45 32.32 0.77
C SER E 169 27.70 30.84 0.56
N GLY E 170 27.33 30.35 -0.62
CA GLY E 170 27.54 28.97 -0.98
C GLY E 170 26.54 28.00 -0.44
N VAL E 171 25.50 28.46 0.28
CA VAL E 171 24.47 27.55 0.77
C VAL E 171 23.45 27.29 -0.34
N HIS E 172 22.93 26.07 -0.37
CA HIS E 172 21.92 25.67 -1.33
C HIS E 172 20.93 24.78 -0.58
N THR E 173 19.72 25.30 -0.33
CA THR E 173 18.67 24.51 0.29
C THR E 173 17.77 23.99 -0.81
N PHE E 174 17.84 22.69 -1.08
CA PHE E 174 17.10 22.13 -2.20
C PHE E 174 15.60 22.11 -1.91
N PRO E 175 14.77 22.25 -2.96
CA PRO E 175 13.33 22.15 -2.74
C PRO E 175 12.94 20.78 -2.19
N ALA E 176 11.94 20.79 -1.30
CA ALA E 176 11.52 19.56 -0.65
C ALA E 176 10.86 18.61 -1.65
N VAL E 177 11.00 17.31 -1.39
CA VAL E 177 10.43 16.28 -2.24
C VAL E 177 9.62 15.32 -1.38
N LEU E 178 8.53 14.83 -1.94
CA LEU E 178 7.57 13.99 -1.23
C LEU E 178 7.91 12.53 -1.45
N GLN E 179 8.23 11.83 -0.38
CA GLN E 179 8.58 10.42 -0.45
C GLN E 179 7.32 9.55 -0.48
N SER E 180 7.51 8.27 -0.80
CA SER E 180 6.40 7.33 -0.81
C SER E 180 5.74 7.19 0.55
N SER E 181 6.42 7.57 1.62
CA SER E 181 5.84 7.53 2.96
C SER E 181 4.82 8.63 3.19
N GLY E 182 4.71 9.59 2.29
CA GLY E 182 3.87 10.74 2.56
C GLY E 182 4.51 11.80 3.41
N LEU E 183 5.83 11.73 3.62
CA LEU E 183 6.59 12.74 4.33
C LEU E 183 7.55 13.41 3.36
N TYR E 184 8.07 14.57 3.75
CA TYR E 184 9.00 15.30 2.90
C TYR E 184 10.44 15.04 3.32
N SER E 185 11.34 15.07 2.35
CA SER E 185 12.77 15.00 2.58
C SER E 185 13.45 16.14 1.83
N LEU E 186 14.38 16.82 2.51
CA LEU E 186 15.08 17.96 1.96
C LEU E 186 16.54 17.92 2.38
N SER E 187 17.44 18.37 1.51
CA SER E 187 18.84 18.51 1.85
C SER E 187 19.28 19.96 1.64
N SER E 188 20.10 20.45 2.57
CA SER E 188 20.74 21.75 2.48
C SER E 188 22.25 21.56 2.53
N VAL E 189 22.97 22.12 1.55
CA VAL E 189 24.41 21.97 1.44
C VAL E 189 25.07 23.34 1.39
N VAL E 190 26.29 23.41 1.92
CA VAL E 190 27.09 24.63 1.89
C VAL E 190 28.53 24.28 1.48
N THR E 191 29.11 25.11 0.63
CA THR E 191 30.52 24.97 0.25
C THR E 191 31.38 25.85 1.16
N VAL E 192 32.45 25.26 1.68
CA VAL E 192 33.36 25.93 2.62
C VAL E 192 34.80 25.59 2.26
N PRO E 193 35.76 26.37 2.77
CA PRO E 193 37.18 26.01 2.60
C PRO E 193 37.53 24.72 3.34
N SER E 194 38.23 23.81 2.64
CA SER E 194 38.65 22.55 3.25
C SER E 194 39.66 22.78 4.37
N SER E 195 40.44 23.86 4.29
CA SER E 195 41.36 24.22 5.35
C SER E 195 40.65 24.64 6.64
N SER E 196 39.35 24.93 6.58
CA SER E 196 38.61 25.32 7.77
C SER E 196 37.91 24.15 8.47
N LEU E 197 37.94 22.95 7.88
CA LEU E 197 37.16 21.84 8.41
C LEU E 197 37.65 21.42 9.79
N GLY E 198 38.96 21.53 10.06
CA GLY E 198 39.46 21.13 11.35
C GLY E 198 39.31 22.15 12.45
N THR E 199 38.98 23.39 12.12
CA THR E 199 38.96 24.49 13.08
C THR E 199 37.60 25.15 13.24
N GLN E 200 36.87 25.36 12.15
CA GLN E 200 35.62 26.10 12.17
C GLN E 200 34.43 25.17 12.42
N THR E 201 33.57 25.54 13.36
CA THR E 201 32.37 24.75 13.63
C THR E 201 31.29 25.09 12.59
N TYR E 202 30.59 24.06 12.11
CA TYR E 202 29.49 24.23 11.17
C TYR E 202 28.23 23.58 11.74
N ILE E 203 27.20 24.41 11.99
CA ILE E 203 25.92 23.98 12.55
C ILE E 203 24.82 24.31 11.56
N CYS E 204 23.96 23.34 11.28
CA CYS E 204 22.78 23.60 10.47
C CYS E 204 21.58 23.69 11.40
N ASN E 205 20.86 24.81 11.31
CA ASN E 205 19.67 25.06 12.11
C ASN E 205 18.45 24.81 11.23
N VAL E 206 17.63 23.84 11.64
CA VAL E 206 16.42 23.45 10.93
C VAL E 206 15.22 23.92 11.72
N ASN E 207 14.36 24.72 11.09
CA ASN E 207 13.16 25.25 11.74
C ASN E 207 11.93 24.67 11.07
N HIS E 208 11.10 23.99 11.86
CA HIS E 208 9.84 23.40 11.40
C HIS E 208 8.74 23.98 12.28
N LYS E 209 8.22 25.14 11.88
CA LYS E 209 7.11 25.76 12.60
C LYS E 209 5.85 24.89 12.66
N PRO E 210 5.45 24.16 11.62
CA PRO E 210 4.26 23.31 11.75
C PRO E 210 4.31 22.32 12.91
N SER E 211 5.49 21.82 13.27
CA SER E 211 5.61 20.89 14.39
C SER E 211 6.22 21.54 15.63
N ASN E 212 6.36 22.87 15.64
CA ASN E 212 6.97 23.59 16.76
C ASN E 212 8.33 22.99 17.14
N THR E 213 9.13 22.62 16.14
CA THR E 213 10.42 21.98 16.36
C THR E 213 11.53 22.82 15.74
N LYS E 214 12.62 23.02 16.48
CA LYS E 214 13.85 23.57 15.94
C LYS E 214 14.99 22.63 16.30
N VAL E 215 15.63 22.07 15.28
CA VAL E 215 16.73 21.12 15.46
C VAL E 215 18.02 21.78 15.03
N ASP E 216 19.05 21.71 15.88
CA ASP E 216 20.39 22.16 15.55
C ASP E 216 21.34 20.97 15.53
N LYS E 217 22.04 20.79 14.41
CA LYS E 217 22.92 19.65 14.19
C LYS E 217 24.33 20.14 13.87
N LYS E 218 25.32 19.55 14.52
CA LYS E 218 26.72 19.85 14.24
C LYS E 218 27.25 18.84 13.24
N VAL E 219 27.66 19.31 12.07
CA VAL E 219 28.19 18.44 11.03
C VAL E 219 29.71 18.43 11.19
N GLU E 220 30.27 17.25 11.61
CA GLU E 220 31.71 17.15 11.81
C GLU E 220 32.36 16.43 10.64
N PRO E 221 33.59 16.82 10.30
CA PRO E 221 34.26 16.18 9.16
C PRO E 221 34.45 14.68 9.38
N LYS E 222 34.27 13.91 8.31
CA LYS E 222 34.50 12.48 8.38
C LYS E 222 36.00 12.21 8.40
N SER E 223 36.40 11.18 9.15
CA SER E 223 37.82 10.86 9.29
C SER E 223 38.46 10.53 7.94
N CYS E 224 37.68 9.97 7.01
CA CYS E 224 38.13 9.72 5.65
C CYS E 224 37.59 10.79 4.70
N GLU F 1 -14.27 34.88 -16.76
CA GLU F 1 -14.56 35.81 -17.84
C GLU F 1 -13.31 36.10 -18.67
N VAL F 2 -12.62 37.19 -18.35
CA VAL F 2 -11.47 37.61 -19.14
C VAL F 2 -10.34 36.61 -18.93
N VAL F 3 -10.07 35.77 -19.94
CA VAL F 3 -8.97 34.82 -19.88
C VAL F 3 -7.72 35.50 -20.44
N LEU F 4 -6.58 35.23 -19.80
CA LEU F 4 -5.30 35.78 -20.22
C LEU F 4 -4.41 34.65 -20.69
N THR F 5 -4.06 34.69 -21.97
CA THR F 5 -3.16 33.70 -22.57
C THR F 5 -1.77 34.31 -22.67
N GLN F 6 -0.81 33.70 -21.99
CA GLN F 6 0.57 34.17 -22.04
C GLN F 6 1.37 33.30 -22.99
N SER F 7 2.34 33.92 -23.66
CA SER F 7 3.21 33.18 -24.56
C SER F 7 4.54 33.91 -24.67
N PRO F 8 5.63 33.19 -24.83
CA PRO F 8 5.69 31.72 -24.77
C PRO F 8 5.78 31.22 -23.33
N ALA F 9 5.60 29.91 -23.12
CA ALA F 9 5.57 29.41 -21.74
C ALA F 9 6.94 29.50 -21.07
N ILE F 10 8.01 29.48 -21.86
CA ILE F 10 9.37 29.61 -21.35
C ILE F 10 10.20 30.39 -22.37
N VAL F 11 11.07 31.26 -21.86
CA VAL F 11 11.99 32.04 -22.67
C VAL F 11 13.38 31.83 -22.08
N SER F 12 14.36 31.59 -22.94
CA SER F 12 15.76 31.48 -22.51
C SER F 12 16.62 32.35 -23.41
N LEU F 13 17.34 33.30 -22.81
CA LEU F 13 18.11 34.25 -23.59
C LEU F 13 19.36 34.63 -22.82
N SER F 14 20.38 35.05 -23.57
CA SER F 14 21.64 35.45 -22.99
C SER F 14 21.50 36.80 -22.30
N PRO F 15 22.39 37.11 -21.35
CA PRO F 15 22.38 38.44 -20.73
C PRO F 15 22.60 39.54 -21.76
N GLY F 16 21.95 40.69 -21.53
CA GLY F 16 22.04 41.81 -22.43
C GLY F 16 21.09 41.75 -23.62
N GLU F 17 20.46 40.60 -23.84
CA GLU F 17 19.51 40.46 -24.94
C GLU F 17 18.16 41.04 -24.54
N ARG F 18 17.23 41.03 -25.49
CA ARG F 18 15.92 41.63 -25.31
C ARG F 18 14.87 40.54 -25.28
N ALA F 19 14.05 40.53 -24.23
CA ALA F 19 12.98 39.57 -24.06
C ALA F 19 11.65 40.29 -24.24
N THR F 20 10.75 39.68 -25.00
CA THR F 20 9.43 40.25 -25.24
C THR F 20 8.39 39.21 -24.87
N LEU F 21 7.71 39.42 -23.75
CA LEU F 21 6.67 38.52 -23.27
C LEU F 21 5.31 39.05 -23.69
N SER F 22 4.42 38.15 -24.06
CA SER F 22 3.11 38.52 -24.60
C SER F 22 1.99 37.95 -23.73
N CYS F 23 0.90 38.72 -23.63
CA CYS F 23 -0.30 38.33 -22.90
C CYS F 23 -1.50 38.76 -23.73
N ARG F 24 -2.45 37.85 -23.92
CA ARG F 24 -3.61 38.08 -24.78
C ARG F 24 -4.89 37.87 -24.00
N ALA F 25 -5.82 38.81 -24.11
CA ALA F 25 -7.08 38.76 -23.39
C ALA F 25 -8.20 38.29 -24.30
N SER F 26 -9.13 37.52 -23.73
CA SER F 26 -10.30 37.07 -24.50
C SER F 26 -11.23 38.21 -24.86
N GLN F 27 -11.18 39.32 -24.13
CA GLN F 27 -11.94 40.51 -24.47
C GLN F 27 -11.13 41.73 -24.05
N SER F 28 -11.55 42.89 -24.53
CA SER F 28 -10.81 44.12 -24.22
C SER F 28 -10.87 44.44 -22.74
N VAL F 29 -9.76 44.95 -22.21
CA VAL F 29 -9.67 45.44 -20.84
C VAL F 29 -9.00 46.81 -20.85
N GLY F 30 -8.91 47.41 -22.04
CA GLY F 30 -8.31 48.74 -22.16
C GLY F 30 -6.83 48.70 -21.83
N SER F 31 -6.39 49.63 -20.99
CA SER F 31 -5.03 49.63 -20.45
C SER F 31 -4.95 49.10 -19.03
N ARG F 32 -6.04 48.51 -18.52
CA ARG F 32 -6.11 48.02 -17.15
C ARG F 32 -5.46 46.63 -17.03
N LEU F 33 -4.14 46.62 -17.25
CA LEU F 33 -3.38 45.38 -17.33
C LEU F 33 -2.07 45.57 -16.58
N ALA F 34 -1.70 44.57 -15.79
CA ALA F 34 -0.53 44.68 -14.94
C ALA F 34 0.34 43.45 -15.11
N TRP F 35 1.64 43.64 -14.86
CA TRP F 35 2.63 42.58 -14.86
C TRP F 35 3.17 42.39 -13.45
N HIS F 36 3.37 41.14 -13.07
CA HIS F 36 3.91 40.79 -11.76
C HIS F 36 5.14 39.92 -11.95
N GLN F 37 6.15 40.14 -11.10
CA GLN F 37 7.36 39.32 -11.12
C GLN F 37 7.38 38.46 -9.86
N GLN F 38 7.52 37.15 -10.05
CA GLN F 38 7.70 36.23 -8.93
C GLN F 38 8.98 35.42 -9.16
N LYS F 39 9.96 35.62 -8.29
CA LYS F 39 11.08 34.69 -8.27
C LYS F 39 10.67 33.51 -7.41
N PRO F 40 10.46 32.33 -8.00
CA PRO F 40 9.81 31.24 -7.26
C PRO F 40 10.51 30.92 -5.95
N GLY F 41 9.71 30.73 -4.91
CA GLY F 41 10.18 30.77 -3.54
C GLY F 41 9.97 32.09 -2.84
N LEU F 42 9.48 33.10 -3.55
CA LEU F 42 9.26 34.42 -2.98
C LEU F 42 7.88 34.93 -3.37
N ALA F 43 7.40 35.93 -2.65
CA ALA F 43 6.12 36.53 -2.99
C ALA F 43 6.21 37.27 -4.33
N PRO F 44 5.10 37.37 -5.06
CA PRO F 44 5.12 38.16 -6.29
C PRO F 44 5.32 39.62 -5.95
N ARG F 45 5.75 40.39 -6.94
CA ARG F 45 5.92 41.83 -6.77
C ARG F 45 5.46 42.55 -8.04
N VAL F 46 4.66 43.61 -7.87
CA VAL F 46 4.12 44.31 -9.03
C VAL F 46 5.25 44.99 -9.80
N LEU F 47 5.19 44.88 -11.12
CA LEU F 47 6.26 45.34 -12.01
C LEU F 47 5.79 46.43 -12.94
N ILE F 48 4.65 46.23 -13.60
CA ILE F 48 4.06 47.17 -14.54
C ILE F 48 2.60 47.33 -14.15
N TYR F 49 2.13 48.56 -14.07
CA TYR F 49 0.73 48.87 -13.81
C TYR F 49 0.18 49.76 -14.92
N ASP F 50 -1.11 49.57 -15.22
CA ASP F 50 -1.79 50.28 -16.33
C ASP F 50 -1.03 50.10 -17.65
N ALA F 51 -0.46 48.91 -17.80
CA ALA F 51 0.09 48.36 -19.04
C ALA F 51 1.37 49.03 -19.50
N SER F 52 1.69 50.21 -18.98
CA SER F 52 2.90 50.90 -19.43
C SER F 52 3.72 51.56 -18.33
N ASN F 53 3.21 51.72 -17.11
CA ASN F 53 3.91 52.46 -16.08
C ASN F 53 4.62 51.51 -15.13
N ARG F 54 5.90 51.76 -14.90
CA ARG F 54 6.66 50.97 -13.95
C ARG F 54 6.26 51.32 -12.52
N ALA F 55 6.19 50.30 -11.67
CA ALA F 55 5.90 50.49 -10.25
C ALA F 55 7.17 50.90 -9.52
N THR F 56 7.04 51.13 -8.21
CA THR F 56 8.16 51.61 -7.42
C THR F 56 9.36 50.65 -7.50
N GLY F 57 10.54 51.20 -7.71
CA GLY F 57 11.75 50.42 -7.71
C GLY F 57 11.97 49.50 -8.89
N ILE F 58 11.23 49.69 -9.98
CA ILE F 58 11.42 48.88 -11.18
C ILE F 58 12.41 49.59 -12.10
N PRO F 59 13.48 48.91 -12.54
CA PRO F 59 14.46 49.56 -13.40
C PRO F 59 13.90 49.86 -14.78
N ALA F 60 14.57 50.79 -15.47
CA ALA F 60 14.09 51.29 -16.75
C ALA F 60 14.13 50.26 -17.86
N ARG F 61 14.99 49.24 -17.75
CA ARG F 61 15.03 48.19 -18.75
C ARG F 61 13.69 47.46 -18.88
N PHE F 62 12.84 47.55 -17.86
CA PHE F 62 11.51 46.96 -17.91
C PHE F 62 10.53 47.91 -18.58
N SER F 63 9.79 47.40 -19.57
CA SER F 63 8.90 48.24 -20.35
C SER F 63 7.65 47.45 -20.72
N GLY F 64 6.49 48.09 -20.61
CA GLY F 64 5.23 47.46 -20.96
C GLY F 64 4.58 48.19 -22.11
N SER F 65 3.66 47.53 -22.81
CA SER F 65 3.03 48.14 -23.97
C SER F 65 1.77 47.36 -24.32
N GLY F 66 0.94 47.97 -25.16
CA GLY F 66 -0.27 47.36 -25.64
C GLY F 66 -1.52 48.03 -25.08
N SER F 67 -2.66 47.58 -25.59
CA SER F 67 -3.96 47.99 -25.10
C SER F 67 -5.01 47.12 -25.80
N GLY F 68 -6.18 47.02 -25.18
CA GLY F 68 -7.25 46.24 -25.77
C GLY F 68 -7.16 44.78 -25.40
N THR F 69 -6.67 43.95 -26.33
CA THR F 69 -6.52 42.52 -26.08
C THR F 69 -5.08 42.03 -26.12
N ASP F 70 -4.15 42.78 -26.68
CA ASP F 70 -2.78 42.34 -26.85
C ASP F 70 -1.84 43.24 -26.06
N PHE F 71 -0.96 42.63 -25.27
CA PHE F 71 -0.04 43.36 -24.42
C PHE F 71 1.34 42.73 -24.51
N THR F 72 2.37 43.54 -24.26
CA THR F 72 3.74 43.06 -24.29
C THR F 72 4.51 43.64 -23.12
N LEU F 73 5.40 42.82 -22.54
CA LEU F 73 6.38 43.27 -21.57
C LEU F 73 7.77 43.06 -22.15
N THR F 74 8.60 44.09 -22.10
CA THR F 74 9.91 44.08 -22.74
C THR F 74 11.01 44.24 -21.70
N ILE F 75 11.98 43.33 -21.70
CA ILE F 75 13.20 43.46 -20.91
C ILE F 75 14.31 43.71 -21.91
N SER F 76 14.83 44.94 -21.92
CA SER F 76 15.73 45.38 -22.99
C SER F 76 17.14 44.82 -22.80
N SER F 77 17.74 45.04 -21.63
CA SER F 77 19.11 44.60 -21.35
C SER F 77 19.02 43.57 -20.23
N ILE F 78 18.77 42.31 -20.61
CA ILE F 78 18.45 41.28 -19.62
C ILE F 78 19.62 41.08 -18.65
N GLU F 79 19.29 40.95 -17.38
CA GLU F 79 20.28 40.66 -16.34
C GLU F 79 20.00 39.30 -15.71
N PRO F 80 21.02 38.65 -15.14
CA PRO F 80 20.76 37.38 -14.44
C PRO F 80 19.77 37.51 -13.30
N GLU F 81 19.66 38.69 -12.68
CA GLU F 81 18.71 38.92 -11.61
C GLU F 81 17.27 38.94 -12.09
N ASP F 82 17.04 38.86 -13.40
CA ASP F 82 15.70 38.82 -13.95
C ASP F 82 15.18 37.41 -14.18
N SER F 83 15.95 36.39 -13.81
CA SER F 83 15.48 35.02 -13.90
C SER F 83 14.29 34.85 -12.95
N ALA F 84 13.10 34.72 -13.51
CA ALA F 84 11.88 34.74 -12.72
C ALA F 84 10.74 34.22 -13.58
N VAL F 85 9.54 34.23 -13.01
CA VAL F 85 8.31 33.94 -13.75
C VAL F 85 7.46 35.21 -13.74
N TYR F 86 6.92 35.56 -14.91
CA TYR F 86 6.18 36.80 -15.07
C TYR F 86 4.72 36.47 -15.32
N TYR F 87 3.83 37.17 -14.61
CA TYR F 87 2.41 36.98 -14.74
C TYR F 87 1.77 38.27 -15.25
N CYS F 88 0.74 38.13 -16.08
CA CYS F 88 -0.10 39.25 -16.43
C CYS F 88 -1.42 39.10 -15.67
N GLN F 89 -1.96 40.22 -15.23
CA GLN F 89 -3.19 40.24 -14.46
C GLN F 89 -4.00 41.46 -14.86
N GLN F 90 -5.26 41.24 -15.20
CA GLN F 90 -6.15 42.30 -15.62
C GLN F 90 -6.95 42.83 -14.43
N ARG F 91 -7.31 44.11 -14.51
CA ARG F 91 -8.21 44.72 -13.54
C ARG F 91 -9.45 45.34 -14.19
N GLY F 92 -9.60 45.24 -15.51
CA GLY F 92 -10.92 45.39 -16.09
C GLY F 92 -11.82 44.28 -15.63
N ASP F 93 -13.13 44.51 -15.64
CA ASP F 93 -14.05 43.57 -15.01
C ASP F 93 -13.69 43.40 -13.53
N TRP F 94 -13.43 44.54 -12.87
CA TRP F 94 -12.67 44.55 -11.62
C TRP F 94 -13.15 43.59 -10.55
N PRO F 95 -14.43 43.50 -10.19
CA PRO F 95 -14.83 42.54 -9.16
C PRO F 95 -14.45 41.10 -9.50
N LEU F 96 -13.93 40.84 -10.71
CA LEU F 96 -13.48 39.51 -11.14
C LEU F 96 -12.07 39.62 -11.71
N ILE F 97 -11.07 39.58 -10.84
CA ILE F 97 -9.68 39.58 -11.29
C ILE F 97 -9.32 38.21 -11.83
N THR F 98 -8.50 38.19 -12.87
CA THR F 98 -7.99 36.95 -13.45
C THR F 98 -6.52 37.13 -13.79
N PHE F 99 -5.78 36.01 -13.77
CA PHE F 99 -4.35 35.99 -14.01
C PHE F 99 -4.05 35.18 -15.27
N GLY F 100 -2.94 35.51 -15.92
CA GLY F 100 -2.38 34.62 -16.92
C GLY F 100 -1.69 33.41 -16.29
N GLN F 101 -1.35 32.44 -17.14
CA GLN F 101 -0.78 31.20 -16.64
C GLN F 101 0.71 31.32 -16.30
N GLY F 102 1.36 32.37 -16.78
CA GLY F 102 2.73 32.64 -16.41
C GLY F 102 3.69 32.38 -17.55
N THR F 103 4.81 33.11 -17.53
CA THR F 103 5.90 32.89 -18.48
C THR F 103 7.21 32.96 -17.72
N ARG F 104 8.04 31.94 -17.89
CA ARG F 104 9.32 31.88 -17.20
C ARG F 104 10.42 32.45 -18.08
N LEU F 105 11.25 33.31 -17.51
CA LEU F 105 12.45 33.78 -18.17
C LEU F 105 13.64 33.03 -17.58
N GLU F 106 14.41 32.37 -18.44
CA GLU F 106 15.64 31.70 -18.04
C GLU F 106 16.82 32.44 -18.64
N ILE F 107 17.85 32.66 -17.83
CA ILE F 107 19.04 33.38 -18.28
C ILE F 107 20.05 32.38 -18.82
N LYS F 108 20.39 32.53 -20.10
CA LYS F 108 21.45 31.73 -20.69
C LYS F 108 22.81 32.17 -20.15
N ARG F 109 23.71 31.20 -20.00
CA ARG F 109 25.08 31.50 -19.60
C ARG F 109 25.98 30.46 -20.23
N THR F 110 27.28 30.67 -20.10
CA THR F 110 28.25 29.71 -20.62
C THR F 110 28.05 28.36 -19.93
N VAL F 111 28.21 27.29 -20.72
CA VAL F 111 28.04 25.95 -20.18
C VAL F 111 28.99 25.76 -19.01
N ALA F 112 28.45 25.29 -17.89
CA ALA F 112 29.23 25.01 -16.69
C ALA F 112 29.01 23.55 -16.29
N ALA F 113 30.10 22.83 -16.07
CA ALA F 113 30.00 21.43 -15.71
C ALA F 113 29.60 21.27 -14.25
N PRO F 114 28.82 20.24 -13.93
CA PRO F 114 28.52 19.96 -12.53
C PRO F 114 29.76 19.58 -11.74
N SER F 115 29.93 20.23 -10.58
CA SER F 115 30.78 19.68 -9.53
C SER F 115 30.01 18.56 -8.85
N VAL F 116 30.59 17.36 -8.78
CA VAL F 116 29.87 16.17 -8.33
C VAL F 116 30.47 15.68 -7.02
N PHE F 117 29.64 15.62 -5.98
CA PHE F 117 30.03 15.10 -4.68
C PHE F 117 29.01 14.06 -4.23
N ILE F 118 29.49 13.02 -3.56
CA ILE F 118 28.64 11.92 -3.08
C ILE F 118 28.80 11.80 -1.57
N PHE F 119 27.69 11.64 -0.87
CA PHE F 119 27.69 11.57 0.58
C PHE F 119 27.17 10.21 1.01
N PRO F 120 27.97 9.39 1.72
CA PRO F 120 27.44 8.13 2.23
C PRO F 120 26.51 8.37 3.42
N PRO F 121 25.61 7.42 3.68
CA PRO F 121 24.67 7.60 4.80
C PRO F 121 25.38 7.63 6.14
N SER F 122 24.80 8.38 7.07
CA SER F 122 25.35 8.44 8.41
C SER F 122 25.13 7.11 9.14
N ASP F 123 25.92 6.90 10.20
CA ASP F 123 25.72 5.70 11.01
C ASP F 123 24.38 5.73 11.72
N GLU F 124 23.95 6.92 12.16
CA GLU F 124 22.70 7.05 12.90
C GLU F 124 21.50 6.64 12.04
N GLN F 125 21.46 7.10 10.78
CA GLN F 125 20.36 6.71 9.92
C GLN F 125 20.41 5.23 9.58
N LEU F 126 21.61 4.67 9.45
CA LEU F 126 21.75 3.25 9.18
C LEU F 126 21.17 2.40 10.31
N LYS F 127 21.25 2.89 11.55
CA LYS F 127 20.67 2.17 12.68
C LYS F 127 19.15 2.23 12.64
N SER F 128 18.57 3.32 12.13
CA SER F 128 17.13 3.42 11.99
C SER F 128 16.58 2.43 10.96
N GLY F 129 17.44 1.82 10.14
CA GLY F 129 17.02 0.82 9.16
C GLY F 129 17.05 1.27 7.71
N THR F 130 17.20 2.57 7.45
CA THR F 130 17.22 3.11 6.09
C THR F 130 18.62 3.64 5.74
N ALA F 131 18.93 3.60 4.44
CA ALA F 131 20.21 4.07 3.92
C ALA F 131 19.95 5.10 2.81
N SER F 132 20.41 6.34 3.04
CA SER F 132 20.25 7.46 2.11
C SER F 132 21.61 7.89 1.59
N VAL F 133 21.84 7.68 0.30
CA VAL F 133 23.07 8.09 -0.37
C VAL F 133 22.75 9.32 -1.22
N VAL F 134 23.39 10.44 -0.91
CA VAL F 134 23.09 11.72 -1.56
C VAL F 134 24.16 12.03 -2.58
N CYS F 135 23.74 12.32 -3.81
CA CYS F 135 24.61 12.77 -4.88
C CYS F 135 24.31 14.24 -5.15
N LEU F 136 25.32 15.09 -4.98
CA LEU F 136 25.17 16.52 -5.23
C LEU F 136 25.85 16.86 -6.54
N LEU F 137 25.15 17.64 -7.37
CA LEU F 137 25.68 18.26 -8.59
C LEU F 137 25.57 19.76 -8.38
N ASN F 138 26.70 20.44 -8.23
CA ASN F 138 26.73 21.81 -7.78
C ASN F 138 27.10 22.74 -8.92
N ASN F 139 26.35 23.84 -9.06
CA ASN F 139 26.71 24.99 -9.90
C ASN F 139 27.00 24.58 -11.35
N PHE F 140 25.96 24.10 -12.02
CA PHE F 140 26.07 23.72 -13.42
C PHE F 140 25.02 24.46 -14.24
N TYR F 141 25.18 24.37 -15.56
CA TYR F 141 24.26 24.91 -16.56
C TYR F 141 24.61 24.27 -17.90
N PRO F 142 23.63 23.90 -18.74
CA PRO F 142 22.17 24.06 -18.61
C PRO F 142 21.54 23.09 -17.61
N ARG F 143 20.25 23.29 -17.34
CA ARG F 143 19.57 22.54 -16.29
C ARG F 143 19.54 21.05 -16.57
N GLU F 144 19.56 20.66 -17.85
CA GLU F 144 19.37 19.27 -18.22
C GLU F 144 20.56 18.41 -17.81
N ALA F 145 20.30 17.42 -16.97
CA ALA F 145 21.34 16.51 -16.53
C ALA F 145 20.73 15.13 -16.31
N LYS F 146 21.56 14.11 -16.44
CA LYS F 146 21.13 12.74 -16.21
C LYS F 146 21.97 12.15 -15.09
N VAL F 147 21.32 11.80 -13.99
CA VAL F 147 21.98 11.12 -12.88
C VAL F 147 21.47 9.68 -12.84
N GLN F 148 22.40 8.74 -12.74
CA GLN F 148 22.06 7.33 -12.81
C GLN F 148 22.86 6.60 -11.73
N TRP F 149 22.15 6.00 -10.79
CA TRP F 149 22.80 5.28 -9.71
C TRP F 149 23.19 3.89 -10.16
N LYS F 150 24.31 3.41 -9.63
CA LYS F 150 24.78 2.05 -9.87
C LYS F 150 25.21 1.46 -8.54
N VAL F 151 24.71 0.27 -8.22
CA VAL F 151 25.07 -0.44 -6.99
C VAL F 151 25.70 -1.76 -7.41
N ASP F 152 27.00 -1.90 -7.19
CA ASP F 152 27.78 -3.04 -7.66
C ASP F 152 27.57 -3.23 -9.16
N ASN F 153 27.59 -2.11 -9.90
CA ASN F 153 27.39 -2.03 -11.34
C ASN F 153 25.99 -2.40 -11.78
N ALA F 154 25.05 -2.55 -10.86
CA ALA F 154 23.66 -2.79 -11.23
C ALA F 154 22.96 -1.45 -11.31
N LEU F 155 22.47 -1.10 -12.49
CA LEU F 155 21.71 0.14 -12.66
C LEU F 155 20.48 0.09 -11.77
N GLN F 156 20.31 1.11 -10.93
CA GLN F 156 19.15 1.20 -10.06
C GLN F 156 18.00 1.90 -10.79
N SER F 157 16.79 1.67 -10.27
CA SER F 157 15.59 2.32 -10.81
C SER F 157 14.46 2.15 -9.81
N GLY F 158 13.74 3.23 -9.54
CA GLY F 158 12.66 3.21 -8.58
C GLY F 158 13.04 3.49 -7.14
N ASN F 159 14.33 3.74 -6.86
CA ASN F 159 14.78 4.01 -5.50
C ASN F 159 15.46 5.37 -5.38
N SER F 160 15.31 6.25 -6.36
CA SER F 160 15.96 7.56 -6.32
C SER F 160 14.97 8.66 -6.62
N GLN F 161 15.19 9.80 -5.97
CA GLN F 161 14.39 11.00 -6.15
C GLN F 161 15.34 12.19 -6.35
N GLU F 162 14.98 13.08 -7.27
CA GLU F 162 15.83 14.21 -7.64
C GLU F 162 15.18 15.52 -7.23
N SER F 163 16.02 16.52 -6.95
CA SER F 163 15.57 17.84 -6.55
C SER F 163 16.51 18.87 -7.15
N VAL F 164 15.95 19.89 -7.81
CA VAL F 164 16.70 20.88 -8.54
C VAL F 164 16.45 22.25 -7.93
N THR F 165 17.52 22.98 -7.66
CA THR F 165 17.38 24.34 -7.18
C THR F 165 16.88 25.25 -8.31
N GLU F 166 16.37 26.42 -7.94
CA GLU F 166 16.03 27.42 -8.93
C GLU F 166 17.30 28.10 -9.43
N GLN F 167 17.24 28.61 -10.66
CA GLN F 167 18.40 29.28 -11.23
C GLN F 167 18.84 30.43 -10.34
N ASP F 168 20.14 30.48 -10.03
CA ASP F 168 20.67 31.52 -9.16
C ASP F 168 20.60 32.89 -9.84
N SER F 169 20.17 33.90 -9.08
CA SER F 169 19.96 35.24 -9.60
C SER F 169 21.24 35.97 -9.97
N LYS F 170 22.40 35.46 -9.55
CA LYS F 170 23.67 36.11 -9.89
C LYS F 170 24.49 35.31 -10.88
N ASP F 171 24.71 34.01 -10.64
CA ASP F 171 25.56 33.21 -11.50
C ASP F 171 24.79 32.38 -12.52
N SER F 172 23.45 32.39 -12.47
CA SER F 172 22.59 31.72 -13.46
C SER F 172 22.86 30.22 -13.56
N THR F 173 23.35 29.59 -12.50
CA THR F 173 23.53 28.13 -12.49
C THR F 173 22.42 27.45 -11.70
N TYR F 174 22.30 26.14 -11.92
CA TYR F 174 21.44 25.26 -11.15
C TYR F 174 22.28 24.37 -10.26
N SER F 175 21.60 23.70 -9.32
CA SER F 175 22.19 22.63 -8.53
C SER F 175 21.17 21.52 -8.39
N LEU F 176 21.66 20.29 -8.40
CA LEU F 176 20.81 19.11 -8.39
C LEU F 176 21.26 18.19 -7.26
N SER F 177 20.30 17.69 -6.48
CA SER F 177 20.59 16.68 -5.47
C SER F 177 19.82 15.42 -5.84
N SER F 178 20.53 14.31 -5.96
CA SER F 178 19.91 13.02 -6.23
C SER F 178 20.16 12.13 -5.01
N THR F 179 19.12 11.44 -4.56
CA THR F 179 19.17 10.65 -3.34
C THR F 179 18.74 9.22 -3.61
N LEU F 180 19.59 8.27 -3.21
CA LEU F 180 19.26 6.85 -3.26
C LEU F 180 18.76 6.41 -1.90
N THR F 181 17.60 5.76 -1.86
CA THR F 181 17.04 5.21 -0.63
C THR F 181 17.08 3.69 -0.69
N LEU F 182 17.66 3.07 0.34
CA LEU F 182 17.80 1.62 0.42
C LEU F 182 17.56 1.18 1.85
N SER F 183 17.28 -0.11 2.02
CA SER F 183 17.18 -0.68 3.36
C SER F 183 18.57 -0.84 3.96
N LYS F 184 18.62 -0.90 5.30
CA LYS F 184 19.90 -1.17 5.96
C LYS F 184 20.49 -2.50 5.49
N ALA F 185 19.65 -3.53 5.36
CA ALA F 185 20.14 -4.83 4.92
C ALA F 185 20.75 -4.75 3.53
N ASP F 186 20.09 -4.04 2.62
CA ASP F 186 20.59 -3.92 1.24
C ASP F 186 21.92 -3.19 1.18
N TYR F 187 22.05 -2.09 1.93
CA TYR F 187 23.29 -1.33 1.92
C TYR F 187 24.46 -2.16 2.45
N GLU F 188 24.24 -2.91 3.53
CA GLU F 188 25.29 -3.74 4.10
C GLU F 188 25.64 -4.94 3.23
N LYS F 189 24.86 -5.22 2.19
CA LYS F 189 25.09 -6.35 1.31
C LYS F 189 25.83 -5.99 0.03
N HIS F 190 26.18 -4.71 -0.17
CA HIS F 190 26.91 -4.28 -1.36
C HIS F 190 28.04 -3.35 -0.95
N LYS F 191 28.95 -3.11 -1.90
CA LYS F 191 30.15 -2.31 -1.61
C LYS F 191 30.25 -1.05 -2.47
N VAL F 192 30.04 -1.15 -3.78
CA VAL F 192 30.30 -0.05 -4.71
C VAL F 192 29.01 0.74 -4.94
N TYR F 193 29.00 2.00 -4.51
CA TYR F 193 27.87 2.90 -4.72
C TYR F 193 28.33 4.07 -5.59
N ALA F 194 27.84 4.10 -6.83
CA ALA F 194 28.33 5.02 -7.85
C ALA F 194 27.19 5.88 -8.37
N CYS F 195 27.48 7.16 -8.59
CA CYS F 195 26.54 8.13 -9.13
C CYS F 195 27.09 8.59 -10.48
N GLU F 196 26.42 8.20 -11.56
CA GLU F 196 26.88 8.52 -12.91
C GLU F 196 26.13 9.73 -13.46
N VAL F 197 26.89 10.71 -13.95
CA VAL F 197 26.35 12.00 -14.35
C VAL F 197 26.63 12.21 -15.85
N THR F 198 25.59 12.53 -16.59
CA THR F 198 25.69 12.94 -17.98
C THR F 198 25.28 14.40 -18.09
N HIS F 199 26.12 15.22 -18.71
CA HIS F 199 25.84 16.65 -18.82
C HIS F 199 26.61 17.20 -20.00
N GLN F 200 26.11 18.33 -20.53
CA GLN F 200 26.74 18.96 -21.69
C GLN F 200 28.14 19.44 -21.36
N GLY F 201 28.42 19.78 -20.10
CA GLY F 201 29.72 20.22 -19.69
C GLY F 201 30.72 19.12 -19.41
N LEU F 202 30.35 17.87 -19.68
CA LEU F 202 31.21 16.72 -19.43
C LEU F 202 31.46 16.01 -20.75
N SER F 203 32.73 15.71 -21.03
CA SER F 203 33.08 15.04 -22.28
C SER F 203 32.43 13.68 -22.38
N SER F 204 32.46 12.92 -21.30
CA SER F 204 31.86 11.59 -21.22
C SER F 204 31.20 11.51 -19.84
N PRO F 205 30.30 10.54 -19.64
CA PRO F 205 29.67 10.40 -18.33
C PRO F 205 30.71 10.24 -17.23
N VAL F 206 30.48 10.96 -16.12
CA VAL F 206 31.38 10.96 -14.97
C VAL F 206 30.74 10.11 -13.88
N THR F 207 31.54 9.25 -13.27
CA THR F 207 31.08 8.32 -12.23
C THR F 207 31.81 8.67 -10.95
N LYS F 208 31.07 9.17 -9.96
CA LYS F 208 31.61 9.46 -8.63
C LYS F 208 31.22 8.31 -7.71
N SER F 209 32.20 7.68 -7.11
CA SER F 209 32.01 6.39 -6.48
C SER F 209 32.55 6.45 -5.05
N PHE F 210 31.91 5.70 -4.17
CA PHE F 210 32.49 5.37 -2.88
C PHE F 210 32.24 3.90 -2.60
N ASN F 211 33.20 3.28 -1.94
CA ASN F 211 33.09 1.89 -1.55
C ASN F 211 32.81 1.83 -0.05
N ARG F 212 31.75 1.09 0.31
CA ARG F 212 31.35 1.03 1.71
C ARG F 212 32.46 0.45 2.57
N GLY F 213 32.70 1.09 3.71
CA GLY F 213 33.78 0.71 4.60
C GLY F 213 35.16 1.11 4.13
N GLU F 214 35.27 1.88 3.04
CA GLU F 214 36.57 2.27 2.49
C GLU F 214 36.59 3.78 2.23
N GLN G 1 -10.86 -20.62 -15.56
CA GLN G 1 -11.76 -21.17 -16.56
C GLN G 1 -11.25 -22.52 -17.07
N VAL G 2 -11.15 -23.50 -16.17
CA VAL G 2 -10.67 -24.82 -16.54
C VAL G 2 -11.68 -25.49 -17.47
N GLN G 3 -11.19 -26.03 -18.58
CA GLN G 3 -12.04 -26.68 -19.57
C GLN G 3 -11.39 -27.95 -20.08
N LEU G 4 -12.21 -29.00 -20.26
CA LEU G 4 -11.80 -30.23 -20.90
C LEU G 4 -12.86 -30.60 -21.92
N VAL G 5 -12.45 -30.74 -23.18
CA VAL G 5 -13.38 -30.96 -24.28
C VAL G 5 -12.92 -32.17 -25.08
N GLU G 6 -13.73 -33.22 -25.07
CA GLU G 6 -13.43 -34.43 -25.83
C GLU G 6 -13.84 -34.25 -27.28
N SER G 7 -13.22 -35.03 -28.15
CA SER G 7 -13.52 -34.98 -29.58
C SER G 7 -13.22 -36.33 -30.22
N GLY G 8 -14.02 -36.67 -31.22
CA GLY G 8 -13.75 -37.82 -32.08
C GLY G 8 -14.77 -38.95 -32.05
N GLY G 9 -15.85 -38.85 -31.27
CA GLY G 9 -16.79 -39.94 -31.18
C GLY G 9 -17.59 -40.14 -32.46
N GLY G 10 -18.27 -41.27 -32.52
CA GLY G 10 -19.07 -41.60 -33.69
C GLY G 10 -19.29 -43.09 -33.77
N VAL G 11 -19.79 -43.53 -34.93
CA VAL G 11 -20.06 -44.94 -35.17
C VAL G 11 -18.80 -45.59 -35.70
N VAL G 12 -18.48 -46.78 -35.18
CA VAL G 12 -17.37 -47.59 -35.67
C VAL G 12 -17.88 -49.01 -35.87
N HIS G 13 -17.47 -49.63 -36.97
CA HIS G 13 -17.84 -51.02 -37.21
C HIS G 13 -17.13 -51.91 -36.19
N PRO G 14 -17.78 -52.98 -35.75
CA PRO G 14 -17.13 -53.93 -34.84
C PRO G 14 -15.77 -54.37 -35.36
N GLY G 15 -14.76 -54.31 -34.50
CA GLY G 15 -13.40 -54.63 -34.86
C GLY G 15 -12.61 -53.48 -35.46
N GLY G 16 -13.26 -52.39 -35.82
CA GLY G 16 -12.59 -51.24 -36.38
C GLY G 16 -11.84 -50.46 -35.32
N SER G 17 -11.39 -49.27 -35.72
CA SER G 17 -10.61 -48.41 -34.85
C SER G 17 -11.24 -47.03 -34.83
N LEU G 18 -10.78 -46.21 -33.88
CA LEU G 18 -11.26 -44.84 -33.69
C LEU G 18 -10.32 -44.14 -32.72
N ARG G 19 -10.02 -42.89 -33.00
CA ARG G 19 -9.16 -42.08 -32.13
C ARG G 19 -9.99 -40.98 -31.49
N LEU G 20 -9.83 -40.80 -30.18
CA LEU G 20 -10.47 -39.73 -29.42
C LEU G 20 -9.42 -38.75 -28.95
N SER G 21 -9.79 -37.48 -28.85
CA SER G 21 -8.88 -36.47 -28.34
C SER G 21 -9.57 -35.62 -27.27
N CYS G 22 -8.77 -35.14 -26.33
CA CYS G 22 -9.20 -34.20 -25.32
C CYS G 22 -8.34 -32.95 -25.44
N ALA G 23 -8.98 -31.79 -25.49
CA ALA G 23 -8.26 -30.51 -25.48
C ALA G 23 -8.47 -29.84 -24.13
N ALA G 24 -7.45 -29.14 -23.67
CA ALA G 24 -7.45 -28.61 -22.30
C ALA G 24 -7.08 -27.14 -22.29
N SER G 25 -7.61 -26.43 -21.30
CA SER G 25 -7.26 -25.03 -21.06
C SER G 25 -7.58 -24.69 -19.61
N GLY G 26 -6.93 -23.64 -19.12
CA GLY G 26 -7.23 -23.10 -17.82
C GLY G 26 -6.44 -23.68 -16.68
N PHE G 27 -5.52 -24.60 -16.94
CA PHE G 27 -4.71 -25.23 -15.91
C PHE G 27 -3.45 -25.76 -16.56
N THR G 28 -2.43 -26.03 -15.73
CA THR G 28 -1.15 -26.50 -16.24
C THR G 28 -1.27 -27.97 -16.63
N PHE G 29 -1.60 -28.18 -17.91
CA PHE G 29 -1.80 -29.51 -18.46
C PHE G 29 -0.56 -30.38 -18.26
N SER G 30 0.63 -29.80 -18.42
CA SER G 30 1.87 -30.57 -18.33
C SER G 30 2.14 -31.06 -16.91
N ASP G 31 1.45 -30.53 -15.92
CA ASP G 31 1.63 -30.96 -14.53
C ASP G 31 0.71 -32.11 -14.12
N PHE G 32 -0.24 -32.50 -14.96
CA PHE G 32 -1.34 -33.37 -14.56
C PHE G 32 -1.26 -34.71 -15.28
N ALA G 33 -1.36 -35.80 -14.53
CA ALA G 33 -1.72 -37.06 -15.14
C ALA G 33 -3.15 -36.96 -15.67
N MET G 34 -3.39 -37.54 -16.84
CA MET G 34 -4.68 -37.44 -17.52
C MET G 34 -5.29 -38.82 -17.71
N ASN G 35 -6.57 -38.95 -17.37
CA ASN G 35 -7.29 -40.21 -17.39
C ASN G 35 -8.35 -40.24 -18.47
N TRP G 36 -8.76 -41.44 -18.83
CA TRP G 36 -9.97 -41.67 -19.61
C TRP G 36 -10.92 -42.52 -18.77
N VAL G 37 -12.18 -42.11 -18.70
CA VAL G 37 -13.23 -42.81 -17.99
C VAL G 37 -14.42 -42.95 -18.93
N ARG G 38 -15.03 -44.13 -18.97
CA ARG G 38 -16.17 -44.34 -19.84
C ARG G 38 -17.39 -44.77 -19.03
N GLN G 39 -18.57 -44.54 -19.62
CA GLN G 39 -19.84 -44.77 -18.96
C GLN G 39 -20.81 -45.37 -19.98
N ALA G 40 -21.14 -46.65 -19.82
CA ALA G 40 -21.99 -47.35 -20.75
C ALA G 40 -23.42 -46.80 -20.69
N PRO G 41 -24.25 -47.09 -21.71
CA PRO G 41 -25.65 -46.61 -21.68
C PRO G 41 -26.41 -46.98 -20.41
N GLY G 42 -26.76 -45.97 -19.61
CA GLY G 42 -27.48 -46.19 -18.37
C GLY G 42 -26.72 -46.92 -17.28
N GLU G 43 -25.41 -47.09 -17.43
CA GLU G 43 -24.58 -47.80 -16.47
C GLU G 43 -23.71 -46.81 -15.69
N GLY G 44 -22.82 -47.35 -14.85
CA GLY G 44 -21.98 -46.53 -14.01
C GLY G 44 -20.67 -46.13 -14.65
N LEU G 45 -19.86 -45.40 -13.88
CA LEU G 45 -18.55 -44.96 -14.31
C LEU G 45 -17.55 -46.12 -14.25
N GLN G 46 -16.72 -46.24 -15.29
CA GLN G 46 -15.69 -47.28 -15.34
C GLN G 46 -14.37 -46.67 -15.79
N TRP G 47 -13.30 -46.92 -15.04
CA TRP G 47 -12.00 -46.37 -15.39
C TRP G 47 -11.45 -47.09 -16.63
N VAL G 48 -10.72 -46.35 -17.46
CA VAL G 48 -10.22 -46.94 -18.70
C VAL G 48 -8.71 -46.87 -18.80
N ALA G 49 -8.14 -45.66 -18.71
CA ALA G 49 -6.70 -45.51 -18.96
C ALA G 49 -6.19 -44.23 -18.34
N ILE G 50 -4.87 -44.17 -18.18
CA ILE G 50 -4.18 -43.01 -17.63
C ILE G 50 -2.85 -42.88 -18.34
N ILE G 51 -2.39 -41.65 -18.50
CA ILE G 51 -1.06 -41.34 -19.01
C ILE G 51 -0.40 -40.35 -18.05
N SER G 52 0.87 -40.59 -17.74
CA SER G 52 1.58 -39.76 -16.79
C SER G 52 1.70 -38.32 -17.30
N TYR G 53 2.21 -37.44 -16.42
CA TYR G 53 2.31 -36.03 -16.77
C TYR G 53 3.28 -35.79 -17.91
N ASP G 54 4.38 -36.54 -17.95
CA ASP G 54 5.34 -36.46 -19.05
C ASP G 54 4.99 -37.38 -20.21
N GLY G 55 3.96 -38.21 -20.08
CA GLY G 55 3.65 -39.17 -21.11
C GLY G 55 4.54 -40.40 -21.14
N ARG G 56 5.44 -40.53 -20.17
CA ARG G 56 6.34 -41.69 -20.17
C ARG G 56 5.65 -42.97 -19.71
N ASN G 57 4.68 -42.87 -18.80
CA ASN G 57 4.07 -44.04 -18.17
C ASN G 57 2.59 -44.11 -18.51
N LYS G 58 2.16 -45.28 -18.98
CA LYS G 58 0.80 -45.50 -19.43
C LYS G 58 0.26 -46.76 -18.77
N HIS G 59 -1.02 -46.75 -18.39
CA HIS G 59 -1.65 -47.93 -17.82
C HIS G 59 -3.10 -48.01 -18.25
N PHE G 60 -3.57 -49.23 -18.51
CA PHE G 60 -4.89 -49.48 -19.05
C PHE G 60 -5.69 -50.42 -18.15
N ALA G 61 -7.01 -50.28 -18.19
CA ALA G 61 -7.87 -51.24 -17.53
C ALA G 61 -7.86 -52.56 -18.29
N ALA G 62 -8.15 -53.64 -17.57
CA ALA G 62 -7.98 -54.98 -18.12
C ALA G 62 -8.87 -55.23 -19.32
N SER G 63 -10.09 -54.67 -19.30
CA SER G 63 -11.01 -54.83 -20.43
C SER G 63 -10.48 -54.24 -21.72
N VAL G 64 -9.60 -53.23 -21.64
CA VAL G 64 -9.10 -52.55 -22.83
C VAL G 64 -7.61 -52.72 -23.04
N ARG G 65 -6.88 -53.35 -22.13
CA ARG G 65 -5.44 -53.49 -22.31
C ARG G 65 -5.14 -54.36 -23.52
N GLY G 66 -4.12 -53.98 -24.28
CA GLY G 66 -3.77 -54.66 -25.50
C GLY G 66 -4.54 -54.21 -26.72
N ARG G 67 -5.56 -53.37 -26.55
CA ARG G 67 -6.34 -52.84 -27.65
C ARG G 67 -6.31 -51.33 -27.77
N PHE G 68 -6.00 -50.60 -26.70
CA PHE G 68 -6.01 -49.14 -26.72
C PHE G 68 -4.58 -48.61 -26.58
N THR G 69 -4.35 -47.46 -27.18
CA THR G 69 -3.11 -46.70 -27.05
C THR G 69 -3.44 -45.31 -26.54
N ILE G 70 -2.51 -44.70 -25.82
CA ILE G 70 -2.70 -43.37 -25.27
C ILE G 70 -1.42 -42.56 -25.49
N SER G 71 -1.60 -41.28 -25.83
CA SER G 71 -0.49 -40.36 -26.05
C SER G 71 -0.92 -38.97 -25.62
N ARG G 72 0.08 -38.12 -25.35
CA ARG G 72 -0.19 -36.74 -24.98
C ARG G 72 0.85 -35.83 -25.62
N ASP G 73 0.40 -34.60 -25.91
CA ASP G 73 1.23 -33.56 -26.50
C ASP G 73 1.15 -32.35 -25.59
N ASN G 74 2.13 -32.20 -24.70
CA ASN G 74 2.13 -31.08 -23.77
C ASN G 74 2.37 -29.73 -24.44
N SER G 75 2.81 -29.72 -25.70
CA SER G 75 2.97 -28.46 -26.42
C SER G 75 1.62 -27.89 -26.86
N LYS G 76 0.71 -28.75 -27.33
CA LYS G 76 -0.60 -28.32 -27.79
C LYS G 76 -1.70 -28.54 -26.75
N ASN G 77 -1.34 -29.04 -25.56
CA ASN G 77 -2.30 -29.31 -24.48
C ASN G 77 -3.42 -30.25 -24.92
N THR G 78 -3.04 -31.33 -25.61
CA THR G 78 -4.00 -32.31 -26.08
C THR G 78 -3.61 -33.70 -25.61
N MET G 79 -4.61 -34.58 -25.57
CA MET G 79 -4.45 -35.98 -25.22
C MET G 79 -5.21 -36.79 -26.27
N PHE G 80 -4.71 -37.99 -26.54
CA PHE G 80 -5.30 -38.87 -27.55
C PHE G 80 -5.52 -40.25 -26.97
N LEU G 81 -6.56 -40.92 -27.47
CA LEU G 81 -6.82 -42.32 -27.12
C LEU G 81 -7.13 -43.06 -28.41
N GLN G 82 -6.22 -43.95 -28.82
CA GLN G 82 -6.40 -44.77 -30.00
C GLN G 82 -7.07 -46.08 -29.57
N MET G 83 -8.20 -46.40 -30.20
CA MET G 83 -8.99 -47.58 -29.86
C MET G 83 -8.92 -48.55 -31.02
N SER G 84 -8.87 -49.85 -30.71
CA SER G 84 -8.79 -50.86 -31.76
C SER G 84 -9.47 -52.14 -31.26
N SER G 85 -9.80 -53.02 -32.21
CA SER G 85 -10.52 -54.26 -31.92
C SER G 85 -11.78 -53.97 -31.13
N LEU G 86 -12.52 -52.94 -31.55
CA LEU G 86 -13.68 -52.49 -30.79
C LEU G 86 -14.80 -53.51 -30.86
N ARG G 87 -15.49 -53.69 -29.73
CA ARG G 87 -16.60 -54.61 -29.61
C ARG G 87 -17.79 -53.87 -29.02
N ALA G 88 -18.95 -54.53 -29.02
CA ALA G 88 -20.19 -53.87 -28.57
C ALA G 88 -20.10 -53.38 -27.14
N GLU G 89 -19.30 -54.04 -26.29
CA GLU G 89 -19.17 -53.62 -24.90
C GLU G 89 -18.42 -52.31 -24.74
N ASP G 90 -17.73 -51.84 -25.79
CA ASP G 90 -17.05 -50.56 -25.73
C ASP G 90 -17.96 -49.37 -26.00
N THR G 91 -19.21 -49.59 -26.39
CA THR G 91 -20.14 -48.50 -26.66
C THR G 91 -20.41 -47.74 -25.36
N ALA G 92 -20.02 -46.48 -25.31
CA ALA G 92 -20.09 -45.74 -24.06
C ALA G 92 -19.76 -44.28 -24.33
N ILE G 93 -20.05 -43.45 -23.35
CA ILE G 93 -19.59 -42.06 -23.34
C ILE G 93 -18.20 -42.07 -22.72
N TYR G 94 -17.23 -41.49 -23.42
CA TYR G 94 -15.84 -41.45 -22.96
C TYR G 94 -15.53 -40.05 -22.47
N TYR G 95 -15.25 -39.91 -21.18
CA TYR G 95 -14.80 -38.68 -20.57
C TYR G 95 -13.29 -38.73 -20.37
N CYS G 96 -12.64 -37.58 -20.49
CA CYS G 96 -11.27 -37.42 -20.04
C CYS G 96 -11.31 -36.61 -18.74
N ALA G 97 -10.39 -36.92 -17.82
CA ALA G 97 -10.49 -36.39 -16.46
C ALA G 97 -9.15 -36.48 -15.74
N THR G 98 -8.99 -35.61 -14.73
CA THR G 98 -7.93 -35.72 -13.74
C THR G 98 -8.54 -36.19 -12.43
N LEU G 99 -7.93 -37.20 -11.80
CA LEU G 99 -8.57 -37.88 -10.67
C LEU G 99 -7.73 -37.84 -9.39
N GLY G 100 -6.94 -36.78 -9.19
CA GLY G 100 -6.33 -36.51 -7.91
C GLY G 100 -4.86 -36.86 -7.77
N GLY G 101 -4.28 -37.60 -8.69
CA GLY G 101 -2.86 -37.88 -8.58
C GLY G 101 -2.50 -38.84 -7.45
N TRP G 102 -1.21 -38.86 -7.13
CA TRP G 102 -0.67 -39.75 -6.12
C TRP G 102 0.02 -39.03 -4.97
N PHE G 103 0.01 -37.70 -4.94
CA PHE G 103 0.62 -36.98 -3.83
C PHE G 103 -0.24 -37.10 -2.58
N GLU G 104 0.38 -36.79 -1.44
CA GLU G 104 -0.35 -36.85 -0.18
C GLU G 104 -1.58 -35.94 -0.22
N GLU G 105 -1.43 -34.76 -0.80
CA GLU G 105 -2.52 -33.82 -1.00
C GLU G 105 -3.11 -34.05 -2.39
N ALA G 106 -4.40 -34.36 -2.45
CA ALA G 106 -5.02 -34.62 -3.74
C ALA G 106 -4.87 -33.42 -4.66
N SER G 107 -4.63 -33.70 -5.91
CA SER G 107 -4.56 -32.68 -6.93
C SER G 107 -5.96 -32.40 -7.48
N PRO G 108 -6.18 -31.25 -8.10
CA PRO G 108 -7.54 -30.89 -8.53
C PRO G 108 -8.14 -31.90 -9.49
N THR G 109 -9.44 -32.16 -9.31
CA THR G 109 -10.20 -33.11 -10.14
C THR G 109 -11.04 -32.33 -11.14
N TYR G 110 -10.77 -32.53 -12.43
CA TYR G 110 -11.52 -31.89 -13.50
C TYR G 110 -12.16 -32.97 -14.37
N TRP G 111 -13.41 -32.76 -14.75
CA TRP G 111 -14.11 -33.64 -15.67
C TRP G 111 -14.39 -32.91 -16.98
N GLY G 112 -14.32 -33.63 -18.09
CA GLY G 112 -14.71 -33.10 -19.37
C GLY G 112 -16.19 -33.30 -19.63
N ARG G 113 -16.60 -32.93 -20.84
CA ARG G 113 -17.99 -33.03 -21.24
C ARG G 113 -18.36 -34.43 -21.72
N GLY G 114 -17.47 -35.07 -22.47
CA GLY G 114 -17.64 -36.43 -22.91
C GLY G 114 -18.01 -36.53 -24.38
N THR G 115 -17.58 -37.61 -25.01
CA THR G 115 -17.93 -37.93 -26.39
C THR G 115 -18.50 -39.34 -26.45
N LEU G 116 -19.47 -39.55 -27.34
CA LEU G 116 -20.16 -40.83 -27.44
C LEU G 116 -19.53 -41.68 -28.54
N VAL G 117 -19.24 -42.94 -28.22
CA VAL G 117 -18.69 -43.92 -29.15
C VAL G 117 -19.71 -45.05 -29.30
N THR G 118 -20.14 -45.30 -30.54
CA THR G 118 -21.12 -46.34 -30.84
C THR G 118 -20.45 -47.39 -31.71
N VAL G 119 -20.51 -48.64 -31.27
CA VAL G 119 -19.88 -49.76 -31.98
C VAL G 119 -21.00 -50.57 -32.62
N SER G 120 -21.24 -50.33 -33.90
CA SER G 120 -22.26 -51.06 -34.65
C SER G 120 -21.87 -51.01 -36.12
N SER G 121 -22.43 -51.95 -36.88
CA SER G 121 -22.24 -51.99 -38.32
C SER G 121 -23.32 -51.25 -39.06
N ALA G 122 -24.17 -50.55 -38.35
CA ALA G 122 -25.27 -49.80 -38.95
C ALA G 122 -24.76 -48.50 -39.55
N SER G 123 -25.40 -48.07 -40.63
CA SER G 123 -25.06 -46.82 -41.27
C SER G 123 -25.77 -45.66 -40.60
N THR G 124 -25.14 -44.49 -40.67
CA THR G 124 -25.74 -43.28 -40.15
C THR G 124 -27.02 -42.96 -40.92
N LYS G 125 -28.03 -42.46 -40.20
CA LYS G 125 -29.28 -42.05 -40.80
C LYS G 125 -29.82 -40.85 -40.04
N GLY G 126 -30.27 -39.84 -40.77
CA GLY G 126 -30.87 -38.66 -40.19
C GLY G 126 -32.32 -38.91 -39.78
N PRO G 127 -32.85 -38.02 -38.94
CA PRO G 127 -34.16 -38.25 -38.31
C PRO G 127 -35.35 -37.78 -39.13
N SER G 128 -36.42 -38.58 -39.09
CA SER G 128 -37.75 -38.13 -39.53
C SER G 128 -38.42 -37.40 -38.37
N VAL G 129 -38.87 -36.17 -38.60
CA VAL G 129 -39.48 -35.37 -37.55
C VAL G 129 -40.96 -35.21 -37.86
N PHE G 130 -41.79 -35.65 -36.94
CA PHE G 130 -43.23 -35.61 -37.13
C PHE G 130 -43.88 -34.78 -36.04
N PRO G 131 -44.97 -34.08 -36.34
CA PRO G 131 -45.62 -33.26 -35.31
C PRO G 131 -46.31 -34.11 -34.26
N LEU G 132 -46.20 -33.69 -33.01
CA LEU G 132 -47.12 -34.10 -31.96
C LEU G 132 -48.10 -32.95 -31.77
N ALA G 133 -49.04 -32.84 -32.72
CA ALA G 133 -49.93 -31.70 -32.79
C ALA G 133 -50.83 -31.64 -31.55
N PRO G 134 -51.13 -30.45 -31.06
CA PRO G 134 -52.06 -30.31 -29.94
C PRO G 134 -53.51 -30.38 -30.40
N SER G 135 -54.28 -31.28 -29.76
CA SER G 135 -55.71 -31.45 -30.06
C SER G 135 -56.33 -32.10 -28.83
N SER G 136 -56.96 -31.30 -27.97
CA SER G 136 -57.46 -31.79 -26.69
C SER G 136 -56.35 -32.43 -25.84
N LYS G 137 -55.08 -32.09 -26.11
CA LYS G 137 -53.94 -32.42 -25.25
C LYS G 137 -53.87 -31.37 -24.17
N SER G 138 -55.02 -31.10 -23.56
CA SER G 138 -55.21 -29.88 -22.80
C SER G 138 -55.73 -30.24 -21.42
N THR G 139 -55.16 -29.58 -20.43
CA THR G 139 -55.63 -29.63 -19.06
C THR G 139 -55.83 -28.16 -18.66
N SER G 140 -57.08 -27.72 -18.65
CA SER G 140 -57.46 -26.32 -18.41
C SER G 140 -56.95 -25.41 -19.52
N THR G 143 -53.82 -25.07 -20.13
CA THR G 143 -52.57 -25.67 -20.59
C THR G 143 -52.84 -26.56 -21.79
N ALA G 144 -51.91 -26.58 -22.73
CA ALA G 144 -51.94 -27.47 -23.88
C ALA G 144 -50.56 -28.11 -24.04
N ALA G 145 -50.55 -29.36 -24.48
CA ALA G 145 -49.31 -30.11 -24.71
C ALA G 145 -49.09 -30.33 -26.19
N LEU G 146 -47.85 -30.11 -26.65
CA LEU G 146 -47.47 -30.36 -28.04
C LEU G 146 -46.02 -30.81 -28.06
N GLY G 147 -45.61 -31.35 -29.20
CA GLY G 147 -44.24 -31.77 -29.31
C GLY G 147 -43.88 -32.21 -30.71
N CYS G 148 -42.71 -32.84 -30.79
CA CYS G 148 -42.18 -33.40 -32.04
C CYS G 148 -41.72 -34.83 -31.77
N LEU G 149 -41.97 -35.71 -32.75
CA LEU G 149 -41.51 -37.09 -32.69
C LEU G 149 -40.31 -37.22 -33.63
N VAL G 150 -39.14 -37.45 -33.03
CA VAL G 150 -37.90 -37.61 -33.78
C VAL G 150 -37.64 -39.09 -33.89
N LYS G 151 -37.80 -39.65 -35.08
CA LYS G 151 -37.85 -41.09 -35.25
C LYS G 151 -36.84 -41.56 -36.30
N ASP G 152 -36.37 -42.79 -36.10
CA ASP G 152 -35.58 -43.53 -37.08
C ASP G 152 -34.29 -42.81 -37.46
N TYR G 153 -33.44 -42.58 -36.46
CA TYR G 153 -32.13 -42.00 -36.70
C TYR G 153 -31.06 -42.87 -36.05
N PHE G 154 -29.83 -42.71 -36.54
CA PHE G 154 -28.66 -43.41 -36.04
C PHE G 154 -27.40 -42.67 -36.46
N PRO G 155 -26.45 -42.41 -35.54
CA PRO G 155 -26.51 -42.82 -34.13
C PRO G 155 -26.98 -41.70 -33.22
N GLU G 156 -26.94 -41.93 -31.91
CA GLU G 156 -27.09 -40.83 -30.99
C GLU G 156 -25.84 -39.94 -31.06
N PRO G 157 -25.94 -38.67 -30.65
CA PRO G 157 -27.08 -37.97 -30.05
C PRO G 157 -27.84 -37.01 -30.98
N VAL G 158 -29.10 -36.76 -30.65
CA VAL G 158 -29.84 -35.63 -31.19
C VAL G 158 -30.08 -34.65 -30.05
N THR G 159 -30.11 -33.37 -30.39
CA THR G 159 -30.50 -32.32 -29.46
C THR G 159 -31.78 -31.68 -29.97
N VAL G 160 -32.62 -31.23 -29.04
CA VAL G 160 -33.90 -30.63 -29.37
C VAL G 160 -34.01 -29.29 -28.68
N SER G 161 -34.34 -28.26 -29.43
CA SER G 161 -34.65 -26.95 -28.87
C SER G 161 -35.99 -26.48 -29.41
N TRP G 162 -36.58 -25.52 -28.71
CA TRP G 162 -37.88 -25.00 -29.08
C TRP G 162 -37.75 -23.52 -29.39
N ASN G 163 -38.20 -23.12 -30.58
CA ASN G 163 -38.19 -21.73 -31.02
C ASN G 163 -36.77 -21.16 -30.94
N SER G 164 -35.81 -21.96 -31.41
CA SER G 164 -34.40 -21.58 -31.43
C SER G 164 -33.86 -21.26 -30.03
N GLY G 165 -34.47 -21.84 -28.99
CA GLY G 165 -33.98 -21.70 -27.65
C GLY G 165 -34.75 -20.73 -26.77
N ALA G 166 -35.67 -19.93 -27.35
CA ALA G 166 -36.46 -19.00 -26.56
C ALA G 166 -37.48 -19.68 -25.66
N LEU G 167 -37.81 -20.95 -25.93
CA LEU G 167 -38.78 -21.69 -25.12
C LEU G 167 -38.02 -22.72 -24.29
N THR G 168 -38.02 -22.52 -22.97
CA THR G 168 -37.34 -23.43 -22.07
C THR G 168 -38.20 -23.90 -20.91
N SER G 169 -39.26 -23.19 -20.55
CA SER G 169 -40.15 -23.65 -19.50
C SER G 169 -41.08 -24.73 -20.02
N GLY G 170 -41.22 -25.80 -19.24
CA GLY G 170 -42.13 -26.87 -19.59
C GLY G 170 -41.64 -27.77 -20.70
N VAL G 171 -40.35 -27.78 -20.97
CA VAL G 171 -39.78 -28.63 -22.01
C VAL G 171 -39.30 -29.93 -21.39
N HIS G 172 -39.68 -31.04 -22.02
CA HIS G 172 -39.24 -32.37 -21.61
C HIS G 172 -38.83 -33.10 -22.88
N THR G 173 -37.53 -33.29 -23.06
CA THR G 173 -37.00 -34.12 -24.13
C THR G 173 -36.64 -35.46 -23.50
N PHE G 174 -37.22 -36.53 -24.03
CA PHE G 174 -37.06 -37.83 -23.40
C PHE G 174 -35.78 -38.52 -23.87
N PRO G 175 -35.20 -39.38 -23.04
CA PRO G 175 -34.07 -40.20 -23.49
C PRO G 175 -34.47 -41.00 -24.71
N ALA G 176 -33.52 -41.14 -25.64
CA ALA G 176 -33.83 -41.90 -26.84
C ALA G 176 -33.96 -43.37 -26.51
N VAL G 177 -34.69 -44.09 -27.35
CA VAL G 177 -34.91 -45.51 -27.17
C VAL G 177 -34.57 -46.21 -28.47
N LEU G 178 -33.85 -47.32 -28.36
CA LEU G 178 -33.48 -48.12 -29.51
C LEU G 178 -34.63 -49.04 -29.88
N GLN G 179 -35.10 -48.94 -31.13
CA GLN G 179 -36.20 -49.75 -31.61
C GLN G 179 -35.68 -51.02 -32.25
N SER G 180 -36.61 -51.96 -32.48
CA SER G 180 -36.28 -53.27 -33.01
C SER G 180 -35.62 -53.20 -34.38
N SER G 181 -35.79 -52.09 -35.11
CA SER G 181 -35.15 -51.93 -36.41
C SER G 181 -33.65 -51.64 -36.29
N GLY G 182 -33.16 -51.29 -35.11
CA GLY G 182 -31.79 -50.82 -34.95
C GLY G 182 -31.60 -49.32 -35.01
N LEU G 183 -32.68 -48.54 -35.01
CA LEU G 183 -32.60 -47.08 -35.02
C LEU G 183 -33.20 -46.52 -33.74
N TYR G 184 -32.76 -45.32 -33.38
CA TYR G 184 -33.27 -44.66 -32.20
C TYR G 184 -34.51 -43.85 -32.52
N SER G 185 -35.31 -43.60 -31.48
CA SER G 185 -36.50 -42.77 -31.59
C SER G 185 -36.64 -41.94 -30.33
N LEU G 186 -37.09 -40.71 -30.49
CA LEU G 186 -37.12 -39.75 -29.39
C LEU G 186 -38.34 -38.86 -29.55
N SER G 187 -38.84 -38.34 -28.42
CA SER G 187 -39.90 -37.34 -28.47
C SER G 187 -39.56 -36.22 -27.49
N SER G 188 -39.88 -35.00 -27.91
CA SER G 188 -39.73 -33.81 -27.07
C SER G 188 -41.09 -33.15 -26.99
N VAL G 189 -41.48 -32.75 -25.79
CA VAL G 189 -42.80 -32.19 -25.55
C VAL G 189 -42.65 -30.89 -24.77
N VAL G 190 -43.63 -30.00 -24.96
CA VAL G 190 -43.67 -28.73 -24.26
C VAL G 190 -45.13 -28.41 -23.97
N THR G 191 -45.40 -27.87 -22.78
CA THR G 191 -46.72 -27.40 -22.42
C THR G 191 -46.78 -25.87 -22.53
N VAL G 192 -47.77 -25.38 -23.27
CA VAL G 192 -47.94 -23.95 -23.54
C VAL G 192 -49.36 -23.56 -23.19
N PRO G 193 -49.61 -22.28 -22.90
CA PRO G 193 -50.99 -21.82 -22.70
C PRO G 193 -51.83 -22.12 -23.94
N SER G 194 -53.05 -22.59 -23.71
CA SER G 194 -53.92 -22.94 -24.83
C SER G 194 -54.36 -21.70 -25.60
N SER G 195 -54.44 -20.55 -24.91
CA SER G 195 -54.75 -19.29 -25.55
C SER G 195 -53.68 -18.84 -26.53
N SER G 196 -52.50 -19.48 -26.52
CA SER G 196 -51.41 -19.13 -27.43
C SER G 196 -51.46 -19.87 -28.75
N LEU G 197 -52.25 -20.95 -28.84
CA LEU G 197 -52.17 -21.83 -30.01
C LEU G 197 -52.54 -21.13 -31.29
N GLY G 198 -53.32 -20.05 -31.23
CA GLY G 198 -53.70 -19.33 -32.42
C GLY G 198 -52.76 -18.21 -32.81
N THR G 199 -51.95 -17.72 -31.87
CA THR G 199 -51.06 -16.59 -32.10
C THR G 199 -49.59 -16.98 -32.14
N GLN G 200 -49.13 -17.81 -31.20
CA GLN G 200 -47.72 -18.14 -31.06
C GLN G 200 -47.34 -19.30 -31.96
N THR G 201 -46.26 -19.12 -32.73
CA THR G 201 -45.73 -20.17 -33.58
C THR G 201 -44.75 -21.01 -32.76
N TYR G 202 -44.89 -22.33 -32.86
CA TYR G 202 -44.08 -23.26 -32.08
C TYR G 202 -43.22 -24.10 -33.01
N ILE G 203 -41.92 -23.96 -32.87
CA ILE G 203 -40.92 -24.52 -33.77
C ILE G 203 -40.03 -25.42 -32.93
N CYS G 204 -39.88 -26.68 -33.33
CA CYS G 204 -38.92 -27.56 -32.70
C CYS G 204 -37.70 -27.66 -33.61
N ASN G 205 -36.52 -27.44 -33.03
CA ASN G 205 -35.26 -27.45 -33.75
C ASN G 205 -34.48 -28.69 -33.33
N VAL G 206 -34.36 -29.65 -34.23
CA VAL G 206 -33.74 -30.93 -33.96
C VAL G 206 -32.41 -30.94 -34.67
N ASN G 207 -31.34 -31.12 -33.91
CA ASN G 207 -29.99 -31.18 -34.45
C ASN G 207 -29.48 -32.59 -34.31
N HIS G 208 -29.12 -33.21 -35.44
CA HIS G 208 -28.46 -34.49 -35.47
C HIS G 208 -27.14 -34.29 -36.22
N LYS G 209 -26.14 -33.77 -35.50
CA LYS G 209 -24.82 -33.58 -36.09
C LYS G 209 -24.23 -34.86 -36.69
N PRO G 210 -24.38 -36.05 -36.11
CA PRO G 210 -23.78 -37.25 -36.72
C PRO G 210 -24.14 -37.45 -38.19
N SER G 211 -25.33 -37.06 -38.63
CA SER G 211 -25.72 -37.17 -40.02
C SER G 211 -25.61 -35.84 -40.77
N ASN G 212 -25.04 -34.81 -40.12
CA ASN G 212 -24.92 -33.48 -40.70
C ASN G 212 -26.28 -32.95 -41.15
N THR G 213 -27.23 -32.94 -40.22
CA THR G 213 -28.61 -32.58 -40.52
C THR G 213 -29.18 -31.77 -39.39
N LYS G 214 -29.85 -30.67 -39.73
CA LYS G 214 -30.74 -29.97 -38.81
C LYS G 214 -32.12 -29.98 -39.44
N VAL G 215 -33.15 -30.08 -38.61
CA VAL G 215 -34.53 -30.12 -39.07
C VAL G 215 -35.34 -29.16 -38.23
N ASP G 216 -36.14 -28.33 -38.89
CA ASP G 216 -37.11 -27.47 -38.22
C ASP G 216 -38.51 -27.89 -38.63
N LYS G 217 -39.42 -27.82 -37.69
CA LYS G 217 -40.78 -28.31 -37.87
C LYS G 217 -41.64 -27.42 -36.99
N LYS G 218 -42.52 -26.64 -37.57
CA LYS G 218 -43.53 -26.08 -36.70
C LYS G 218 -44.71 -27.02 -36.55
N VAL G 219 -45.28 -26.97 -35.37
CA VAL G 219 -46.35 -27.85 -35.00
C VAL G 219 -47.61 -27.01 -34.98
N GLU G 220 -48.47 -27.26 -35.91
CA GLU G 220 -49.69 -26.50 -35.94
C GLU G 220 -50.80 -27.25 -35.21
N PRO G 221 -51.71 -26.54 -34.55
CA PRO G 221 -52.80 -27.20 -33.83
C PRO G 221 -53.67 -27.99 -34.78
N LYS G 222 -54.22 -29.09 -34.27
CA LYS G 222 -55.16 -29.87 -35.06
C LYS G 222 -56.50 -29.13 -35.17
N SER G 223 -57.21 -29.39 -36.27
CA SER G 223 -58.46 -28.69 -36.54
C SER G 223 -59.43 -28.81 -35.37
N CYS G 224 -59.50 -29.99 -34.77
CA CYS G 224 -60.28 -30.17 -33.54
C CYS G 224 -59.79 -31.41 -32.81
N SER H 5 -20.87 -21.69 16.73
CA SER H 5 -20.07 -22.41 15.75
C SER H 5 -18.62 -22.49 16.19
N LYS H 6 -17.96 -23.59 15.81
CA LYS H 6 -16.54 -23.76 16.15
C LYS H 6 -15.70 -22.67 15.51
N ARG H 7 -15.65 -22.64 14.18
CA ARG H 7 -14.78 -21.73 13.44
C ARG H 7 -14.95 -20.29 13.91
N SER H 8 -16.18 -19.86 14.19
CA SER H 8 -16.42 -18.50 14.63
C SER H 8 -15.72 -18.23 15.96
N PHE H 9 -15.64 -19.24 16.83
CA PHE H 9 -14.99 -19.08 18.13
C PHE H 9 -13.51 -18.77 17.98
N ILE H 10 -12.82 -19.48 17.07
CA ILE H 10 -11.41 -19.18 16.85
C ILE H 10 -11.26 -17.82 16.15
N GLU H 11 -12.10 -17.55 15.16
CA GLU H 11 -11.98 -16.30 14.41
C GLU H 11 -12.17 -15.09 15.31
N ASP H 12 -12.93 -15.24 16.40
CA ASP H 12 -13.01 -14.15 17.37
C ASP H 12 -11.66 -13.93 18.04
N LEU H 13 -10.90 -15.01 18.29
CA LEU H 13 -9.57 -14.85 18.86
C LEU H 13 -8.65 -14.12 17.90
N LEU H 14 -8.68 -14.51 16.62
CA LEU H 14 -7.81 -13.87 15.63
C LEU H 14 -8.12 -12.39 15.48
N PHE H 15 -9.41 -12.06 15.35
CA PHE H 15 -9.82 -10.68 15.24
C PHE H 15 -9.56 -9.95 16.54
N GLU I 1 -8.32 -53.63 -9.12
CA GLU I 1 -7.79 -54.25 -7.91
C GLU I 1 -8.61 -53.83 -6.69
N VAL I 2 -8.54 -52.55 -6.31
CA VAL I 2 -9.30 -52.05 -5.17
C VAL I 2 -10.77 -51.98 -5.59
N VAL I 3 -11.59 -52.86 -5.04
CA VAL I 3 -13.00 -52.96 -5.40
C VAL I 3 -13.81 -52.16 -4.39
N LEU I 4 -14.52 -51.15 -4.87
CA LEU I 4 -15.33 -50.28 -4.03
C LEU I 4 -16.78 -50.69 -4.13
N THR I 5 -17.37 -51.06 -3.01
CA THR I 5 -18.76 -51.49 -2.94
C THR I 5 -19.58 -50.41 -2.26
N GLN I 6 -20.57 -49.90 -2.95
CA GLN I 6 -21.41 -48.82 -2.45
C GLN I 6 -22.77 -49.36 -2.02
N SER I 7 -23.29 -48.80 -0.94
CA SER I 7 -24.58 -49.18 -0.39
C SER I 7 -25.23 -47.95 0.23
N PRO I 8 -26.56 -47.88 0.24
CA PRO I 8 -27.41 -48.87 -0.44
C PRO I 8 -27.48 -48.59 -1.94
N ALA I 9 -28.25 -49.37 -2.69
CA ALA I 9 -28.39 -49.10 -4.11
C ALA I 9 -29.13 -47.79 -4.35
N ILE I 10 -30.27 -47.60 -3.67
CA ILE I 10 -31.09 -46.40 -3.83
C ILE I 10 -31.55 -45.93 -2.46
N VAL I 11 -31.47 -44.63 -2.23
CA VAL I 11 -32.02 -43.98 -1.04
C VAL I 11 -33.11 -43.03 -1.48
N SER I 12 -34.22 -43.02 -0.75
CA SER I 12 -35.40 -42.23 -1.08
C SER I 12 -35.84 -41.46 0.17
N LEU I 13 -35.51 -40.17 0.23
CA LEU I 13 -35.81 -39.36 1.41
C LEU I 13 -36.44 -38.05 0.99
N SER I 14 -37.36 -37.54 1.82
CA SER I 14 -37.96 -36.25 1.55
C SER I 14 -36.99 -35.12 1.91
N PRO I 15 -37.25 -33.90 1.44
CA PRO I 15 -36.33 -32.79 1.74
C PRO I 15 -36.16 -32.59 3.23
N GLY I 16 -34.94 -32.22 3.62
CA GLY I 16 -34.59 -31.95 5.00
C GLY I 16 -34.03 -33.12 5.77
N GLU I 17 -34.24 -34.34 5.28
CA GLU I 17 -33.74 -35.51 5.99
C GLU I 17 -32.24 -35.68 5.74
N ARG I 18 -31.64 -36.57 6.54
CA ARG I 18 -30.22 -36.89 6.44
C ARG I 18 -30.04 -38.20 5.67
N ALA I 19 -29.27 -38.14 4.59
CA ALA I 19 -28.95 -39.31 3.77
C ALA I 19 -27.52 -39.74 4.06
N THR I 20 -27.33 -41.04 4.33
CA THR I 20 -26.02 -41.61 4.56
C THR I 20 -25.70 -42.62 3.47
N LEU I 21 -24.61 -42.39 2.74
CA LEU I 21 -24.13 -43.29 1.71
C LEU I 21 -22.77 -43.83 2.12
N SER I 22 -22.55 -45.13 1.88
CA SER I 22 -21.32 -45.77 2.33
C SER I 22 -20.59 -46.44 1.16
N CYS I 23 -19.27 -46.45 1.24
CA CYS I 23 -18.40 -47.07 0.25
C CYS I 23 -17.38 -47.93 1.00
N ARG I 24 -17.38 -49.24 0.73
CA ARG I 24 -16.44 -50.17 1.35
C ARG I 24 -15.38 -50.58 0.32
N ALA I 25 -14.11 -50.46 0.71
CA ALA I 25 -12.96 -50.77 -0.13
C ALA I 25 -12.39 -52.14 0.20
N SER I 26 -11.99 -52.89 -0.83
CA SER I 26 -11.44 -54.24 -0.63
C SER I 26 -10.16 -54.23 0.19
N GLN I 27 -9.27 -53.28 -0.07
CA GLN I 27 -8.09 -53.04 0.75
C GLN I 27 -8.14 -51.62 1.28
N SER I 28 -7.25 -51.31 2.23
CA SER I 28 -7.16 -49.97 2.75
C SER I 28 -6.58 -49.02 1.70
N VAL I 29 -7.25 -47.89 1.50
CA VAL I 29 -6.74 -46.84 0.62
C VAL I 29 -6.34 -45.60 1.41
N GLY I 30 -6.23 -45.72 2.73
CA GLY I 30 -5.96 -44.54 3.53
C GLY I 30 -7.09 -43.55 3.39
N SER I 31 -6.75 -42.28 3.35
CA SER I 31 -7.76 -41.24 3.17
C SER I 31 -7.92 -40.82 1.71
N ARG I 32 -7.26 -41.52 0.77
CA ARG I 32 -7.27 -41.14 -0.63
C ARG I 32 -8.56 -41.60 -1.33
N LEU I 33 -9.69 -41.08 -0.86
CA LEU I 33 -11.01 -41.47 -1.34
C LEU I 33 -11.77 -40.24 -1.82
N ALA I 34 -12.37 -40.31 -3.00
CA ALA I 34 -13.10 -39.21 -3.59
C ALA I 34 -14.54 -39.60 -3.86
N TRP I 35 -15.44 -38.63 -3.72
CA TRP I 35 -16.86 -38.79 -4.01
C TRP I 35 -17.24 -37.90 -5.18
N HIS I 36 -18.02 -38.43 -6.10
CA HIS I 36 -18.42 -37.71 -7.30
C HIS I 36 -19.94 -37.68 -7.42
N GLN I 37 -20.46 -36.58 -7.95
CA GLN I 37 -21.89 -36.39 -8.16
C GLN I 37 -22.18 -36.28 -9.65
N GLN I 38 -23.24 -36.96 -10.10
CA GLN I 38 -23.63 -36.89 -11.51
C GLN I 38 -25.14 -36.97 -11.63
N LYS I 39 -25.73 -35.95 -12.22
CA LYS I 39 -27.12 -36.04 -12.64
C LYS I 39 -27.16 -36.70 -14.01
N PRO I 40 -27.82 -37.86 -14.15
CA PRO I 40 -27.76 -38.60 -15.42
C PRO I 40 -28.15 -37.75 -16.62
N GLY I 41 -27.40 -37.93 -17.71
CA GLY I 41 -27.45 -37.03 -18.84
C GLY I 41 -26.46 -35.88 -18.78
N LEU I 42 -25.75 -35.71 -17.66
CA LEU I 42 -24.77 -34.66 -17.51
C LEU I 42 -23.45 -35.26 -17.02
N ALA I 43 -22.38 -34.51 -17.25
CA ALA I 43 -21.05 -34.98 -16.90
C ALA I 43 -20.87 -34.99 -15.38
N PRO I 44 -20.01 -35.87 -14.88
CA PRO I 44 -19.82 -35.96 -13.43
C PRO I 44 -19.10 -34.73 -12.89
N ARG I 45 -19.11 -34.63 -11.57
CA ARG I 45 -18.45 -33.51 -10.90
C ARG I 45 -17.94 -34.00 -9.54
N VAL I 46 -16.70 -33.65 -9.22
CA VAL I 46 -16.16 -34.03 -7.92
C VAL I 46 -16.91 -33.29 -6.83
N LEU I 47 -17.14 -33.97 -5.70
CA LEU I 47 -17.91 -33.47 -4.57
C LEU I 47 -17.11 -33.47 -3.27
N ILE I 48 -16.31 -34.51 -3.03
CA ILE I 48 -15.42 -34.60 -1.88
C ILE I 48 -14.08 -35.15 -2.36
N TYR I 49 -12.98 -34.66 -1.77
CA TYR I 49 -11.65 -35.19 -2.03
C TYR I 49 -10.98 -35.51 -0.71
N ASP I 50 -10.13 -36.54 -0.74
CA ASP I 50 -9.39 -37.02 0.43
C ASP I 50 -10.32 -37.38 1.59
N ALA I 51 -11.52 -37.85 1.24
CA ALA I 51 -12.49 -38.50 2.13
C ALA I 51 -13.22 -37.55 3.09
N SER I 52 -12.76 -36.32 3.27
CA SER I 52 -13.47 -35.42 4.18
C SER I 52 -13.53 -33.96 3.75
N ASN I 53 -12.91 -33.57 2.64
CA ASN I 53 -12.81 -32.18 2.25
C ASN I 53 -13.73 -31.89 1.07
N ARG I 54 -14.47 -30.78 1.15
CA ARG I 54 -15.38 -30.44 0.09
C ARG I 54 -14.63 -29.78 -1.07
N ALA I 55 -15.15 -30.00 -2.28
CA ALA I 55 -14.59 -29.41 -3.48
C ALA I 55 -15.18 -28.01 -3.68
N THR I 56 -14.77 -27.34 -4.76
CA THR I 56 -15.14 -25.96 -4.98
C THR I 56 -16.61 -25.85 -5.37
N GLY I 57 -17.33 -24.94 -4.70
CA GLY I 57 -18.74 -24.78 -4.96
C GLY I 57 -19.61 -25.90 -4.42
N ILE I 58 -19.15 -26.60 -3.39
CA ILE I 58 -19.92 -27.66 -2.76
C ILE I 58 -20.49 -27.11 -1.45
N PRO I 59 -21.80 -27.10 -1.26
CA PRO I 59 -22.37 -26.56 -0.02
C PRO I 59 -22.01 -27.42 1.18
N ALA I 60 -22.06 -26.78 2.35
CA ALA I 60 -21.59 -27.41 3.59
C ALA I 60 -22.50 -28.52 4.10
N ARG I 61 -23.69 -28.69 3.51
CA ARG I 61 -24.52 -29.82 3.89
C ARG I 61 -23.94 -31.16 3.45
N PHE I 62 -22.96 -31.15 2.55
CA PHE I 62 -22.28 -32.38 2.14
C PHE I 62 -21.06 -32.58 3.02
N SER I 63 -21.03 -33.70 3.73
CA SER I 63 -19.91 -34.03 4.61
C SER I 63 -19.43 -35.44 4.29
N GLY I 64 -18.12 -35.62 4.30
CA GLY I 64 -17.52 -36.91 4.06
C GLY I 64 -16.70 -37.34 5.26
N SER I 65 -16.70 -38.64 5.51
CA SER I 65 -15.94 -39.17 6.63
C SER I 65 -15.49 -40.58 6.29
N GLY I 66 -14.50 -41.06 7.03
CA GLY I 66 -14.02 -42.41 6.82
C GLY I 66 -12.52 -42.49 6.63
N SER I 67 -11.98 -43.69 6.79
CA SER I 67 -10.56 -43.95 6.60
C SER I 67 -10.37 -45.45 6.41
N GLY I 68 -9.38 -45.82 5.60
CA GLY I 68 -9.03 -47.21 5.46
C GLY I 68 -9.88 -47.92 4.41
N THR I 69 -10.94 -48.57 4.87
CA THR I 69 -11.84 -49.30 3.99
C THR I 69 -13.27 -48.81 4.01
N ASP I 70 -13.75 -48.26 5.14
CA ASP I 70 -15.14 -47.84 5.28
C ASP I 70 -15.25 -46.32 5.15
N PHE I 71 -15.96 -45.86 4.12
CA PHE I 71 -16.14 -44.44 3.85
C PHE I 71 -17.62 -44.13 3.80
N THR I 72 -17.99 -42.97 4.34
CA THR I 72 -19.37 -42.53 4.40
C THR I 72 -19.52 -41.12 3.87
N LEU I 73 -20.52 -40.90 3.02
CA LEU I 73 -20.90 -39.58 2.55
C LEU I 73 -22.25 -39.22 3.16
N THR I 74 -22.34 -38.03 3.76
CA THR I 74 -23.54 -37.59 4.47
C THR I 74 -24.01 -36.26 3.90
N ILE I 75 -25.22 -36.26 3.34
CA ILE I 75 -25.92 -35.04 2.94
C ILE I 75 -26.95 -34.72 4.02
N SER I 76 -26.76 -33.60 4.70
CA SER I 76 -27.50 -33.35 5.94
C SER I 76 -28.91 -32.83 5.66
N SER I 77 -29.04 -31.71 4.97
CA SER I 77 -30.35 -31.09 4.71
C SER I 77 -30.67 -31.32 3.25
N ILE I 78 -31.39 -32.40 2.96
CA ILE I 78 -31.63 -32.82 1.59
C ILE I 78 -32.45 -31.77 0.85
N GLU I 79 -32.05 -31.50 -0.39
CA GLU I 79 -32.70 -30.54 -1.27
C GLU I 79 -33.01 -31.21 -2.60
N PRO I 80 -34.02 -30.70 -3.34
CA PRO I 80 -34.40 -31.36 -4.60
C PRO I 80 -33.28 -31.49 -5.61
N GLU I 81 -32.40 -30.48 -5.71
CA GLU I 81 -31.28 -30.53 -6.66
C GLU I 81 -30.27 -31.61 -6.30
N ASP I 82 -30.32 -32.17 -5.09
CA ASP I 82 -29.42 -33.25 -4.71
C ASP I 82 -29.79 -34.57 -5.34
N SER I 83 -30.90 -34.63 -6.08
CA SER I 83 -31.30 -35.84 -6.79
C SER I 83 -30.27 -36.18 -7.86
N ALA I 84 -29.51 -37.26 -7.66
CA ALA I 84 -28.44 -37.63 -8.57
C ALA I 84 -27.92 -39.01 -8.19
N VAL I 85 -26.93 -39.47 -8.95
CA VAL I 85 -26.18 -40.68 -8.63
C VAL I 85 -24.81 -40.24 -8.13
N TYR I 86 -24.36 -40.86 -7.04
CA TYR I 86 -23.11 -40.52 -6.38
C TYR I 86 -22.15 -41.70 -6.47
N TYR I 87 -20.92 -41.44 -6.93
CA TYR I 87 -19.88 -42.45 -7.10
C TYR I 87 -18.71 -42.18 -6.17
N CYS I 88 -18.21 -43.21 -5.50
CA CYS I 88 -16.92 -43.09 -4.83
C CYS I 88 -15.81 -43.49 -5.80
N GLN I 89 -14.63 -42.90 -5.60
CA GLN I 89 -13.46 -43.19 -6.42
C GLN I 89 -12.22 -43.09 -5.55
N GLN I 90 -11.34 -44.10 -5.65
CA GLN I 90 -10.12 -44.14 -4.85
C GLN I 90 -8.90 -43.76 -5.72
N ARG I 91 -7.92 -43.15 -5.06
CA ARG I 91 -6.59 -42.94 -5.64
C ARG I 91 -5.51 -43.55 -4.76
N GLY I 92 -5.88 -44.44 -3.84
CA GLY I 92 -4.88 -45.13 -3.03
C GLY I 92 -3.94 -45.98 -3.86
N ASP I 93 -4.48 -46.71 -4.83
CA ASP I 93 -3.68 -47.50 -5.77
C ASP I 93 -3.43 -46.73 -7.07
N TRP I 94 -2.92 -45.50 -6.92
CA TRP I 94 -3.16 -44.42 -7.89
C TRP I 94 -3.03 -44.77 -9.36
N PRO I 95 -1.99 -45.46 -9.84
CA PRO I 95 -1.97 -45.78 -11.27
C PRO I 95 -3.22 -46.55 -11.67
N LEU I 96 -3.74 -47.41 -10.79
CA LEU I 96 -4.90 -48.25 -11.05
C LEU I 96 -6.10 -47.67 -10.31
N ILE I 97 -6.78 -46.75 -10.96
CA ILE I 97 -7.93 -46.08 -10.37
C ILE I 97 -9.16 -46.94 -10.62
N THR I 98 -10.04 -46.99 -9.63
CA THR I 98 -11.28 -47.74 -9.69
C THR I 98 -12.42 -46.88 -9.14
N PHE I 99 -13.64 -47.16 -9.61
CA PHE I 99 -14.84 -46.48 -9.15
C PHE I 99 -15.78 -47.49 -8.49
N GLY I 100 -16.66 -46.97 -7.63
CA GLY I 100 -17.78 -47.77 -7.16
C GLY I 100 -18.89 -47.85 -8.21
N GLN I 101 -19.88 -48.69 -7.92
CA GLN I 101 -20.98 -48.90 -8.84
C GLN I 101 -22.00 -47.75 -8.82
N GLY I 102 -21.97 -46.91 -7.79
CA GLY I 102 -22.88 -45.78 -7.71
C GLY I 102 -24.05 -46.02 -6.79
N THR I 103 -24.46 -44.98 -6.06
CA THR I 103 -25.67 -44.98 -5.27
C THR I 103 -26.57 -43.84 -5.73
N ARG I 104 -27.84 -44.14 -5.98
CA ARG I 104 -28.79 -43.14 -6.44
C ARG I 104 -29.54 -42.54 -5.26
N LEU I 105 -29.67 -41.22 -5.25
CA LEU I 105 -30.48 -40.52 -4.27
C LEU I 105 -31.75 -40.02 -4.96
N GLU I 106 -32.90 -40.47 -4.48
CA GLU I 106 -34.19 -40.02 -4.99
C GLU I 106 -34.85 -39.17 -3.93
N ILE I 107 -35.39 -38.02 -4.34
CA ILE I 107 -36.04 -37.08 -3.44
C ILE I 107 -37.53 -37.40 -3.40
N LYS I 108 -38.06 -37.67 -2.21
CA LYS I 108 -39.49 -37.87 -2.02
C LYS I 108 -40.21 -36.52 -2.01
N ARG I 109 -41.25 -36.41 -2.83
CA ARG I 109 -42.16 -35.27 -2.79
C ARG I 109 -43.56 -35.77 -2.44
N THR I 110 -44.51 -34.84 -2.36
CA THR I 110 -45.91 -35.24 -2.19
C THR I 110 -46.38 -35.95 -3.46
N VAL I 111 -47.17 -37.01 -3.27
CA VAL I 111 -47.65 -37.79 -4.41
C VAL I 111 -48.38 -36.86 -5.37
N ALA I 112 -48.02 -36.94 -6.65
CA ALA I 112 -48.64 -36.15 -7.70
C ALA I 112 -49.07 -37.08 -8.82
N ALA I 113 -50.31 -36.94 -9.28
CA ALA I 113 -50.84 -37.81 -10.32
C ALA I 113 -50.34 -37.37 -11.70
N PRO I 114 -50.17 -38.32 -12.61
CA PRO I 114 -49.69 -37.95 -13.97
C PRO I 114 -50.78 -37.27 -14.78
N SER I 115 -50.43 -36.15 -15.39
CA SER I 115 -51.27 -35.57 -16.43
C SER I 115 -51.12 -36.41 -17.70
N VAL I 116 -52.24 -36.92 -18.22
CA VAL I 116 -52.20 -37.89 -19.30
C VAL I 116 -52.67 -37.20 -20.58
N PHE I 117 -51.84 -37.25 -21.61
CA PHE I 117 -52.17 -36.75 -22.93
C PHE I 117 -51.89 -37.83 -23.95
N ILE I 118 -52.57 -37.76 -25.08
CA ILE I 118 -52.49 -38.79 -26.12
C ILE I 118 -52.38 -38.10 -27.47
N PHE I 119 -51.48 -38.61 -28.30
CA PHE I 119 -51.20 -38.00 -29.60
C PHE I 119 -51.42 -39.02 -30.71
N PRO I 120 -52.41 -38.83 -31.57
CA PRO I 120 -52.63 -39.74 -32.68
C PRO I 120 -51.51 -39.61 -33.69
N PRO I 121 -51.33 -40.60 -34.56
CA PRO I 121 -50.27 -40.50 -35.57
C PRO I 121 -50.56 -39.41 -36.58
N SER I 122 -49.51 -38.71 -36.99
CA SER I 122 -49.68 -37.67 -38.00
C SER I 122 -49.95 -38.30 -39.36
N ASP I 123 -50.75 -37.60 -40.17
CA ASP I 123 -51.08 -38.09 -41.51
C ASP I 123 -49.83 -38.24 -42.38
N GLU I 124 -48.81 -37.40 -42.14
CA GLU I 124 -47.56 -37.51 -42.87
C GLU I 124 -46.87 -38.85 -42.60
N GLN I 125 -46.84 -39.29 -41.35
CA GLN I 125 -46.16 -40.55 -41.04
C GLN I 125 -46.88 -41.74 -41.67
N LEU I 126 -48.21 -41.72 -41.66
CA LEU I 126 -48.96 -42.85 -42.20
C LEU I 126 -48.56 -43.15 -43.63
N LYS I 127 -48.48 -42.12 -44.48
CA LYS I 127 -48.13 -42.30 -45.88
C LYS I 127 -46.85 -43.13 -46.04
N SER I 128 -45.94 -43.08 -45.06
CA SER I 128 -44.77 -43.94 -45.09
C SER I 128 -45.15 -45.40 -44.87
N GLY I 129 -46.13 -45.66 -44.00
CA GLY I 129 -46.56 -47.01 -43.70
C GLY I 129 -46.50 -47.40 -42.24
N THR I 130 -46.04 -46.52 -41.36
CA THR I 130 -45.98 -46.78 -39.93
C THR I 130 -46.85 -45.76 -39.19
N ALA I 131 -47.48 -46.22 -38.11
CA ALA I 131 -48.27 -45.36 -37.24
C ALA I 131 -47.66 -45.37 -35.85
N SER I 132 -47.44 -44.18 -35.29
CA SER I 132 -46.95 -44.05 -33.93
C SER I 132 -48.02 -43.35 -33.09
N VAL I 133 -48.50 -44.01 -32.06
CA VAL I 133 -49.41 -43.40 -31.10
C VAL I 133 -48.61 -43.12 -29.83
N VAL I 134 -48.67 -41.89 -29.34
CA VAL I 134 -47.82 -41.45 -28.24
C VAL I 134 -48.70 -41.07 -27.06
N CYS I 135 -48.41 -41.67 -25.92
CA CYS I 135 -49.03 -41.35 -24.64
C CYS I 135 -48.02 -40.59 -23.78
N LEU I 136 -48.48 -39.54 -23.10
CA LEU I 136 -47.60 -38.72 -22.29
C LEU I 136 -48.14 -38.57 -20.89
N LEU I 137 -47.32 -38.91 -19.90
CA LEU I 137 -47.62 -38.73 -18.49
C LEU I 137 -46.67 -37.67 -17.97
N ASN I 138 -47.20 -36.54 -17.52
CA ASN I 138 -46.41 -35.39 -17.18
C ASN I 138 -46.47 -35.11 -15.69
N ASN I 139 -45.29 -34.92 -15.09
CA ASN I 139 -45.16 -34.40 -13.72
C ASN I 139 -45.88 -35.28 -12.70
N PHE I 140 -45.40 -36.52 -12.60
CA PHE I 140 -45.97 -37.48 -11.66
C PHE I 140 -44.89 -37.98 -10.71
N TYR I 141 -45.34 -38.35 -9.51
CA TYR I 141 -44.51 -38.97 -8.50
C TYR I 141 -45.46 -39.77 -7.64
N PRO I 142 -45.07 -40.99 -7.20
CA PRO I 142 -43.77 -41.64 -7.40
C PRO I 142 -43.52 -42.11 -8.83
N ARG I 143 -42.29 -42.59 -9.07
CA ARG I 143 -41.92 -42.99 -10.42
C ARG I 143 -42.74 -44.19 -10.90
N GLU I 144 -43.09 -45.11 -10.00
CA GLU I 144 -43.75 -46.34 -10.42
C GLU I 144 -45.08 -46.05 -11.09
N ALA I 145 -45.16 -46.35 -12.38
CA ALA I 145 -46.36 -46.15 -13.16
C ALA I 145 -46.48 -47.30 -14.16
N LYS I 146 -47.69 -47.84 -14.29
CA LYS I 146 -47.99 -48.86 -15.28
C LYS I 146 -48.77 -48.22 -16.42
N VAL I 147 -48.30 -48.41 -17.64
CA VAL I 147 -48.96 -47.90 -18.84
C VAL I 147 -49.26 -49.08 -19.74
N GLN I 148 -50.53 -49.28 -20.07
CA GLN I 148 -50.97 -50.37 -20.92
C GLN I 148 -51.71 -49.80 -22.10
N TRP I 149 -51.38 -50.28 -23.30
CA TRP I 149 -52.04 -49.88 -24.53
C TRP I 149 -53.11 -50.89 -24.89
N LYS I 150 -54.34 -50.41 -25.14
CA LYS I 150 -55.42 -51.26 -25.59
C LYS I 150 -55.94 -50.73 -26.92
N VAL I 151 -56.01 -51.61 -27.91
CA VAL I 151 -56.56 -51.29 -29.22
C VAL I 151 -57.86 -52.07 -29.36
N ASP I 152 -59.00 -51.36 -29.29
CA ASP I 152 -60.32 -51.97 -29.28
C ASP I 152 -60.44 -52.97 -28.13
N ASN I 153 -60.00 -52.53 -26.95
CA ASN I 153 -59.98 -53.28 -25.69
C ASN I 153 -59.01 -54.45 -25.71
N ALA I 154 -58.36 -54.72 -26.85
CA ALA I 154 -57.38 -55.79 -26.96
C ALA I 154 -56.03 -55.32 -26.41
N LEU I 155 -55.51 -56.04 -25.43
CA LEU I 155 -54.24 -55.67 -24.83
C LEU I 155 -53.08 -55.89 -25.80
N GLN I 156 -52.15 -54.93 -25.82
CA GLN I 156 -51.01 -54.94 -26.73
C GLN I 156 -49.73 -55.28 -25.97
N SER I 157 -48.76 -55.80 -26.70
CA SER I 157 -47.48 -56.15 -26.11
C SER I 157 -46.45 -56.33 -27.21
N GLY I 158 -45.22 -55.93 -26.94
CA GLY I 158 -44.16 -56.09 -27.89
C GLY I 158 -44.12 -55.04 -28.98
N ASN I 159 -45.08 -54.11 -29.00
CA ASN I 159 -45.15 -53.04 -30.00
C ASN I 159 -45.15 -51.67 -29.33
N SER I 160 -44.69 -51.58 -28.09
CA SER I 160 -44.70 -50.33 -27.35
C SER I 160 -43.37 -50.16 -26.63
N GLN I 161 -42.95 -48.90 -26.49
CA GLN I 161 -41.72 -48.58 -25.80
C GLN I 161 -41.96 -47.38 -24.89
N GLU I 162 -41.27 -47.37 -23.76
CA GLU I 162 -41.43 -46.32 -22.77
C GLU I 162 -40.10 -45.62 -22.54
N SER I 163 -40.17 -44.32 -22.27
CA SER I 163 -39.00 -43.52 -21.95
C SER I 163 -39.37 -42.57 -20.82
N VAL I 164 -38.49 -42.46 -19.83
CA VAL I 164 -38.75 -41.66 -18.64
C VAL I 164 -37.62 -40.67 -18.46
N THR I 165 -37.97 -39.41 -18.16
CA THR I 165 -36.95 -38.44 -17.80
C THR I 165 -36.39 -38.75 -16.41
N GLU I 166 -35.19 -38.23 -16.16
CA GLU I 166 -34.63 -38.23 -14.82
C GLU I 166 -35.50 -37.37 -13.91
N GLN I 167 -35.48 -37.66 -12.61
CA GLN I 167 -36.23 -36.87 -11.65
C GLN I 167 -35.84 -35.39 -11.78
N ASP I 168 -36.84 -34.51 -11.73
CA ASP I 168 -36.58 -33.09 -11.91
C ASP I 168 -35.82 -32.55 -10.70
N SER I 169 -34.89 -31.63 -10.96
CA SER I 169 -34.08 -31.04 -9.90
C SER I 169 -34.82 -29.96 -9.12
N LYS I 170 -35.93 -29.43 -9.65
CA LYS I 170 -36.67 -28.37 -9.01
C LYS I 170 -37.92 -28.85 -8.28
N ASP I 171 -38.81 -29.58 -8.98
CA ASP I 171 -40.05 -30.07 -8.39
C ASP I 171 -40.03 -31.56 -8.07
N SER I 172 -38.93 -32.26 -8.36
CA SER I 172 -38.75 -33.67 -8.01
C SER I 172 -39.75 -34.59 -8.72
N THR I 173 -40.25 -34.19 -9.88
CA THR I 173 -41.22 -35.03 -10.59
C THR I 173 -40.56 -35.77 -11.76
N TYR I 174 -41.30 -36.74 -12.29
CA TYR I 174 -40.92 -37.52 -13.45
C TYR I 174 -41.91 -37.24 -14.58
N SER I 175 -41.47 -37.52 -15.81
CA SER I 175 -42.38 -37.56 -16.93
C SER I 175 -42.04 -38.75 -17.81
N LEU I 176 -43.06 -39.31 -18.46
CA LEU I 176 -42.94 -40.56 -19.18
C LEU I 176 -43.61 -40.42 -20.53
N SER I 177 -43.08 -41.15 -21.52
CA SER I 177 -43.65 -41.23 -22.84
C SER I 177 -43.75 -42.70 -23.24
N SER I 178 -44.92 -43.12 -23.71
CA SER I 178 -45.13 -44.47 -24.21
C SER I 178 -45.60 -44.39 -25.66
N THR I 179 -44.88 -45.05 -26.54
CA THR I 179 -45.14 -44.99 -27.98
C THR I 179 -45.56 -46.37 -28.48
N LEU I 180 -46.78 -46.46 -28.99
CA LEU I 180 -47.28 -47.67 -29.63
C LEU I 180 -47.04 -47.56 -31.13
N THR I 181 -46.28 -48.50 -31.68
CA THR I 181 -45.97 -48.51 -33.10
C THR I 181 -46.81 -49.57 -33.80
N LEU I 182 -47.51 -49.16 -34.86
CA LEU I 182 -48.37 -50.02 -35.65
C LEU I 182 -48.13 -49.75 -37.13
N SER I 183 -48.46 -50.75 -37.95
CA SER I 183 -48.52 -50.54 -39.39
C SER I 183 -49.77 -49.74 -39.76
N LYS I 184 -49.72 -49.09 -40.92
CA LYS I 184 -50.88 -48.32 -41.37
C LYS I 184 -52.09 -49.22 -41.57
N ALA I 185 -51.87 -50.41 -42.12
CA ALA I 185 -52.99 -51.33 -42.34
C ALA I 185 -53.67 -51.68 -41.01
N ASP I 186 -52.87 -51.97 -39.98
CA ASP I 186 -53.44 -52.25 -38.67
C ASP I 186 -54.11 -51.02 -38.06
N TYR I 187 -53.47 -49.85 -38.17
CA TYR I 187 -54.05 -48.64 -37.60
C TYR I 187 -55.37 -48.30 -38.28
N GLU I 188 -55.44 -48.45 -39.60
CA GLU I 188 -56.67 -48.16 -40.34
C GLU I 188 -57.76 -49.21 -40.13
N LYS I 189 -57.51 -50.25 -39.33
CA LYS I 189 -58.51 -51.30 -39.09
C LYS I 189 -59.34 -51.02 -37.84
N HIS I 190 -58.70 -50.61 -36.75
CA HIS I 190 -59.37 -50.40 -35.48
C HIS I 190 -59.71 -48.92 -35.29
N LYS I 191 -60.52 -48.65 -34.26
CA LYS I 191 -61.00 -47.31 -33.97
C LYS I 191 -60.52 -46.78 -32.63
N VAL I 192 -60.71 -47.54 -31.55
CA VAL I 192 -60.40 -47.05 -30.21
C VAL I 192 -58.93 -47.31 -29.92
N TYR I 193 -58.16 -46.25 -29.72
CA TYR I 193 -56.76 -46.34 -29.32
C TYR I 193 -56.64 -45.74 -27.92
N ALA I 194 -56.58 -46.63 -26.92
CA ALA I 194 -56.59 -46.23 -25.53
C ALA I 194 -55.24 -46.49 -24.88
N CYS I 195 -54.91 -45.63 -23.93
CA CYS I 195 -53.69 -45.73 -23.13
C CYS I 195 -54.13 -45.72 -21.67
N GLU I 196 -53.94 -46.83 -20.98
CA GLU I 196 -54.42 -46.98 -19.60
C GLU I 196 -53.25 -46.84 -18.64
N VAL I 197 -53.43 -46.04 -17.59
CA VAL I 197 -52.37 -45.64 -16.69
C VAL I 197 -52.75 -46.06 -15.28
N THR I 198 -51.83 -46.72 -14.59
CA THR I 198 -52.03 -47.09 -13.19
C THR I 198 -50.94 -46.42 -12.38
N HIS I 199 -51.35 -45.54 -11.47
CA HIS I 199 -50.40 -44.76 -10.68
C HIS I 199 -50.98 -44.58 -9.28
N GLN I 200 -50.08 -44.41 -8.31
CA GLN I 200 -50.49 -44.32 -6.91
C GLN I 200 -51.45 -43.15 -6.67
N GLY I 201 -51.24 -42.03 -7.37
CA GLY I 201 -52.10 -40.88 -7.23
C GLY I 201 -53.43 -40.99 -7.95
N LEU I 202 -53.63 -42.06 -8.71
CA LEU I 202 -54.90 -42.36 -9.36
C LEU I 202 -55.55 -43.51 -8.59
N SER I 203 -56.67 -43.23 -7.93
CA SER I 203 -57.33 -44.26 -7.13
C SER I 203 -57.76 -45.44 -8.00
N SER I 204 -58.31 -45.16 -9.18
CA SER I 204 -58.63 -46.17 -10.16
C SER I 204 -57.77 -45.95 -11.40
N PRO I 205 -57.45 -46.99 -12.16
CA PRO I 205 -56.74 -46.79 -13.42
C PRO I 205 -57.50 -45.85 -14.34
N VAL I 206 -56.74 -44.99 -15.03
CA VAL I 206 -57.28 -43.95 -15.88
C VAL I 206 -56.99 -44.33 -17.33
N THR I 207 -58.01 -44.23 -18.18
CA THR I 207 -57.95 -44.66 -19.58
C THR I 207 -58.17 -43.45 -20.48
N LYS I 208 -57.08 -42.87 -20.97
CA LYS I 208 -57.16 -41.77 -21.93
C LYS I 208 -57.08 -42.35 -23.33
N SER I 209 -58.01 -41.95 -24.19
CA SER I 209 -58.15 -42.63 -25.48
C SER I 209 -58.55 -41.63 -26.55
N PHE I 210 -58.48 -42.10 -27.79
CA PHE I 210 -59.06 -41.41 -28.93
C PHE I 210 -59.56 -42.46 -29.92
N ASN I 211 -60.59 -42.07 -30.68
CA ASN I 211 -61.16 -42.91 -31.72
C ASN I 211 -60.74 -42.39 -33.09
N ARG I 212 -60.18 -43.25 -33.91
CA ARG I 212 -59.65 -42.84 -35.20
C ARG I 212 -60.76 -42.30 -36.09
N GLY I 213 -60.47 -41.20 -36.78
CA GLY I 213 -61.43 -40.53 -37.62
C GLY I 213 -62.48 -39.75 -36.87
N GLU I 214 -62.68 -40.02 -35.58
CA GLU I 214 -63.69 -39.34 -34.76
C GLU I 214 -62.96 -38.38 -33.82
N CYS I 215 -62.99 -37.10 -34.15
CA CYS I 215 -62.48 -36.11 -33.23
C CYS I 215 -63.27 -36.17 -31.92
N PRO J 4 -24.51 54.25 1.67
CA PRO J 4 -24.96 55.63 1.45
C PRO J 4 -23.90 56.52 0.80
N SER J 5 -22.76 55.94 0.42
CA SER J 5 -21.65 56.67 -0.17
C SER J 5 -21.69 56.55 -1.69
N LYS J 6 -21.04 57.52 -2.35
CA LYS J 6 -20.94 57.46 -3.81
C LYS J 6 -20.16 56.23 -4.26
N ARG J 7 -19.04 55.92 -3.59
CA ARG J 7 -18.27 54.75 -3.95
C ARG J 7 -19.09 53.48 -3.82
N SER J 8 -19.80 53.34 -2.70
CA SER J 8 -20.56 52.12 -2.45
C SER J 8 -21.64 51.94 -3.51
N PHE J 9 -22.31 53.02 -3.91
CA PHE J 9 -23.34 52.93 -4.94
C PHE J 9 -22.77 52.39 -6.25
N ILE J 10 -21.60 52.89 -6.65
CA ILE J 10 -20.98 52.42 -7.88
C ILE J 10 -20.47 50.99 -7.72
N GLU J 11 -19.84 50.69 -6.58
CA GLU J 11 -19.30 49.34 -6.37
C GLU J 11 -20.40 48.29 -6.29
N ASP J 12 -21.56 48.67 -5.78
CA ASP J 12 -22.69 47.71 -5.73
C ASP J 12 -23.06 47.33 -7.16
N LEU J 13 -22.94 48.28 -8.09
CA LEU J 13 -23.28 48.03 -9.51
C LEU J 13 -22.20 47.13 -10.13
N LEU J 14 -20.93 47.37 -9.79
CA LEU J 14 -19.80 46.58 -10.36
C LEU J 14 -19.92 45.14 -9.88
N PHE J 15 -20.37 44.94 -8.64
CA PHE J 15 -20.59 43.58 -8.16
C PHE J 15 -21.92 43.05 -8.68
N SER K 5 64.80 14.09 46.22
CA SER K 5 63.89 14.77 47.14
C SER K 5 63.47 13.87 48.32
N LYS K 6 63.31 14.49 49.49
CA LYS K 6 62.88 13.76 50.67
C LYS K 6 61.48 13.17 50.49
N ARG K 7 60.57 13.95 49.90
CA ARG K 7 59.20 13.49 49.69
C ARG K 7 59.14 12.33 48.71
N SER K 8 59.92 12.40 47.63
CA SER K 8 59.95 11.31 46.66
C SER K 8 60.62 10.07 47.25
N PHE K 9 61.59 10.25 48.15
CA PHE K 9 62.19 9.10 48.84
C PHE K 9 61.13 8.33 49.62
N ILE K 10 60.35 9.03 50.44
CA ILE K 10 59.36 8.34 51.28
C ILE K 10 58.24 7.77 50.42
N GLU K 11 57.82 8.53 49.40
CA GLU K 11 56.75 8.07 48.53
C GLU K 11 57.14 6.80 47.79
N ASP K 12 58.43 6.63 47.49
CA ASP K 12 58.89 5.39 46.88
C ASP K 12 58.66 4.21 47.81
N LEU K 13 58.89 4.39 49.11
CA LEU K 13 58.61 3.33 50.08
C LEU K 13 57.11 3.17 50.29
N LEU K 14 56.36 4.27 50.33
CA LEU K 14 54.92 4.19 50.53
C LEU K 14 54.23 3.44 49.40
N PHE K 15 54.64 3.70 48.16
CA PHE K 15 54.06 3.02 47.01
C PHE K 15 54.55 1.58 46.98
N PRO L 4 17.07 -37.82 -14.55
CA PRO L 4 15.79 -37.16 -14.82
C PRO L 4 15.26 -36.37 -13.62
N SER L 5 13.98 -36.53 -13.30
CA SER L 5 13.33 -35.82 -12.21
C SER L 5 12.93 -36.79 -11.11
N LYS L 6 12.75 -36.24 -9.90
CA LYS L 6 12.30 -37.06 -8.77
C LYS L 6 10.92 -37.64 -9.02
N ARG L 7 10.01 -36.85 -9.60
CA ARG L 7 8.65 -37.30 -9.83
C ARG L 7 8.60 -38.44 -10.84
N SER L 8 9.36 -38.31 -11.93
CA SER L 8 9.37 -39.38 -12.93
C SER L 8 9.93 -40.67 -12.35
N PHE L 9 10.94 -40.57 -11.49
CA PHE L 9 11.56 -41.75 -10.91
C PHE L 9 10.56 -42.54 -10.07
N ILE L 10 9.83 -41.86 -9.18
CA ILE L 10 8.86 -42.53 -8.33
C ILE L 10 7.72 -43.09 -9.17
N GLU L 11 7.24 -42.31 -10.14
CA GLU L 11 6.17 -42.76 -11.02
C GLU L 11 6.57 -44.02 -11.78
N ASP L 12 7.85 -44.15 -12.12
CA ASP L 12 8.32 -45.38 -12.76
C ASP L 12 8.10 -46.58 -11.85
N LEU L 13 8.40 -46.44 -10.55
CA LEU L 13 8.09 -47.50 -9.60
C LEU L 13 6.60 -47.70 -9.44
N LEU L 14 5.82 -46.61 -9.43
CA LEU L 14 4.38 -46.72 -9.16
C LEU L 14 3.66 -47.50 -10.25
N PHE L 15 4.05 -47.28 -11.50
CA PHE L 15 3.39 -47.94 -12.62
C PHE L 15 3.83 -49.41 -12.74
#